data_2JEK
# 
_entry.id   2JEK 
# 
_audit_conform.dict_name       mmcif_pdbx.dic 
_audit_conform.dict_version    5.391 
_audit_conform.dict_location   http://mmcif.pdb.org/dictionaries/ascii/mmcif_pdbx.dic 
# 
loop_
_database_2.database_id 
_database_2.database_code 
_database_2.pdbx_database_accession 
_database_2.pdbx_DOI 
PDB   2JEK         pdb_00002jek 10.2210/pdb2jek/pdb 
PDBE  EBI-31149    ?            ?                   
WWPDB D_1290031149 ?            ?                   
# 
loop_
_pdbx_audit_revision_history.ordinal 
_pdbx_audit_revision_history.data_content_type 
_pdbx_audit_revision_history.major_revision 
_pdbx_audit_revision_history.minor_revision 
_pdbx_audit_revision_history.revision_date 
1 'Structure model' 1 0 2007-01-30 
2 'Structure model' 1 1 2016-12-21 
3 'Structure model' 1 2 2019-01-30 
4 'Structure model' 1 3 2019-02-06 
5 'Structure model' 1 4 2024-05-08 
# 
_pdbx_audit_revision_details.ordinal             1 
_pdbx_audit_revision_details.revision_ordinal    1 
_pdbx_audit_revision_details.data_content_type   'Structure model' 
_pdbx_audit_revision_details.provider            repository 
_pdbx_audit_revision_details.type                'Initial release' 
_pdbx_audit_revision_details.description         ? 
_pdbx_audit_revision_details.details             ? 
# 
loop_
_pdbx_audit_revision_group.ordinal 
_pdbx_audit_revision_group.revision_ordinal 
_pdbx_audit_revision_group.data_content_type 
_pdbx_audit_revision_group.group 
1  2 'Structure model' 'Database references'       
2  2 'Structure model' 'Derived calculations'      
3  2 'Structure model' 'Non-polymer description'   
4  2 'Structure model' Other                       
5  2 'Structure model' 'Structure summary'         
6  2 'Structure model' 'Version format compliance' 
7  3 'Structure model' 'Data collection'           
8  3 'Structure model' 'Experimental preparation'  
9  3 'Structure model' Other                       
10 4 'Structure model' 'Data collection'           
11 4 'Structure model' 'Experimental preparation'  
12 5 'Structure model' 'Data collection'           
13 5 'Structure model' 'Database references'       
14 5 'Structure model' 'Derived calculations'      
15 5 'Structure model' Other                       
# 
loop_
_pdbx_audit_revision_category.ordinal 
_pdbx_audit_revision_category.revision_ordinal 
_pdbx_audit_revision_category.data_content_type 
_pdbx_audit_revision_category.category 
1 3 'Structure model' exptl_crystal_grow   
2 3 'Structure model' pdbx_database_proc   
3 3 'Structure model' pdbx_database_status 
4 4 'Structure model' exptl_crystal_grow   
5 5 'Structure model' chem_comp_atom       
6 5 'Structure model' chem_comp_bond       
7 5 'Structure model' database_2           
8 5 'Structure model' pdbx_database_status 
9 5 'Structure model' struct_site          
# 
loop_
_pdbx_audit_revision_item.ordinal 
_pdbx_audit_revision_item.revision_ordinal 
_pdbx_audit_revision_item.data_content_type 
_pdbx_audit_revision_item.item 
1 3 'Structure model' '_exptl_crystal_grow.method'                  
2 3 'Structure model' '_pdbx_database_status.recvd_author_approval' 
3 4 'Structure model' '_exptl_crystal_grow.temp'                    
4 5 'Structure model' '_database_2.pdbx_DOI'                        
5 5 'Structure model' '_database_2.pdbx_database_accession'         
6 5 'Structure model' '_pdbx_database_status.status_code_sf'        
7 5 'Structure model' '_struct_site.pdbx_auth_asym_id'              
8 5 'Structure model' '_struct_site.pdbx_auth_comp_id'              
9 5 'Structure model' '_struct_site.pdbx_auth_seq_id'               
# 
_pdbx_database_PDB_obs_spr.id               SPRSDE 
_pdbx_database_PDB_obs_spr.date             2007-01-30 
_pdbx_database_PDB_obs_spr.pdb_id           2JEK 
_pdbx_database_PDB_obs_spr.replace_pdb_id   2D2Y 
_pdbx_database_PDB_obs_spr.details          ? 
# 
_pdbx_database_status.status_code                     REL 
_pdbx_database_status.entry_id                        2JEK 
_pdbx_database_status.deposit_site                    PDBE 
_pdbx_database_status.process_site                    PDBE 
_pdbx_database_status.SG_entry                        . 
_pdbx_database_status.recvd_initial_deposition_date   2007-01-17 
_pdbx_database_status.pdb_format_compatible           Y 
_pdbx_database_status.status_code_sf                  REL 
_pdbx_database_status.status_code_mr                  ? 
_pdbx_database_status.status_code_cs                  ? 
_pdbx_database_status.methods_development_category    ? 
_pdbx_database_status.status_code_nmr_data            ? 
# 
loop_
_audit_author.name 
_audit_author.pdbx_ordinal 
'Garen, C.R.'                               1 
'Cherney, M.M.'                             2 
'Bergmann, E.M.'                            3 
'James, M.N.G.'                             4 
'TB Structural Genomics Consortium (TBSGC)' 5 
# 
_citation.id                        primary 
_citation.title                     
'The Molecular Structure of Rv1873, a Conserved Hypothetical Protein from Mycobacterium Tuberculosis, at 1.38A Resolution' 
_citation.journal_abbrev            'Acta Crystallogr.,Sect.F' 
_citation.journal_volume            62 
_citation.page_first                1201 
_citation.page_last                 ? 
_citation.year                      2006 
_citation.journal_id_ASTM           ? 
_citation.country                   DK 
_citation.journal_id_ISSN           1744-3091 
_citation.journal_id_CSD            ? 
_citation.book_publisher            ? 
_citation.pdbx_database_id_PubMed   17142896 
_citation.pdbx_database_id_DOI      10.1107/S1744309106046902 
# 
loop_
_citation_author.citation_id 
_citation_author.name 
_citation_author.ordinal 
_citation_author.identifier_ORCID 
primary 'Garen, C.R.'    1 ? 
primary 'Cherney, M.M.'  2 ? 
primary 'Bergmann, E.M.' 3 ? 
primary 'James, M.N.G.'  4 ? 
# 
loop_
_entity.id 
_entity.type 
_entity.src_method 
_entity.pdbx_description 
_entity.formula_weight 
_entity.pdbx_number_of_molecules 
_entity.pdbx_ec 
_entity.pdbx_mutation 
_entity.pdbx_fragment 
_entity.details 
1 polymer     man RV1873        16227.517 1   ? ? ? ? 
2 non-polymer syn 'SULFATE ION' 96.063    1   ? ? ? ? 
3 non-polymer syn GLYCEROL      92.094    2   ? ? ? ? 
4 water       nat water         18.015    161 ? ? ? ? 
# 
_entity_poly.entity_id                      1 
_entity_poly.type                           'polypeptide(L)' 
_entity_poly.nstd_linkage                   no 
_entity_poly.nstd_monomer                   no 
_entity_poly.pdbx_seq_one_letter_code       
;MKSASDPFDLKRFVYAQAPVYRSVVEELRAGRKRGHWMWFVFPQLRGLGSSPLAVRYGISSLEEAQAYLQHDLLGPRLHE
CTGLVNQVQGRSIEEIFGPPDDLKLCSSMTLFARATDANQDFVALLAKYYGGGEDRRTVALLAVT
;
_entity_poly.pdbx_seq_one_letter_code_can   
;MKSASDPFDLKRFVYAQAPVYRSVVEELRAGRKRGHWMWFVFPQLRGLGSSPLAVRYGISSLEEAQAYLQHDLLGPRLHE
CTGLVNQVQGRSIEEIFGPPDDLKLCSSMTLFARATDANQDFVALLAKYYGGGEDRRTVALLAVT
;
_entity_poly.pdbx_strand_id                 A 
_entity_poly.pdbx_target_identifier         ? 
# 
loop_
_pdbx_entity_nonpoly.entity_id 
_pdbx_entity_nonpoly.name 
_pdbx_entity_nonpoly.comp_id 
2 'SULFATE ION' SO4 
3 GLYCEROL      GOL 
4 water         HOH 
# 
loop_
_entity_poly_seq.entity_id 
_entity_poly_seq.num 
_entity_poly_seq.mon_id 
_entity_poly_seq.hetero 
1 1   MET n 
1 2   LYS n 
1 3   SER n 
1 4   ALA n 
1 5   SER n 
1 6   ASP n 
1 7   PRO n 
1 8   PHE n 
1 9   ASP n 
1 10  LEU n 
1 11  LYS n 
1 12  ARG n 
1 13  PHE n 
1 14  VAL n 
1 15  TYR n 
1 16  ALA n 
1 17  GLN n 
1 18  ALA n 
1 19  PRO n 
1 20  VAL n 
1 21  TYR n 
1 22  ARG n 
1 23  SER n 
1 24  VAL n 
1 25  VAL n 
1 26  GLU n 
1 27  GLU n 
1 28  LEU n 
1 29  ARG n 
1 30  ALA n 
1 31  GLY n 
1 32  ARG n 
1 33  LYS n 
1 34  ARG n 
1 35  GLY n 
1 36  HIS n 
1 37  TRP n 
1 38  MET n 
1 39  TRP n 
1 40  PHE n 
1 41  VAL n 
1 42  PHE n 
1 43  PRO n 
1 44  GLN n 
1 45  LEU n 
1 46  ARG n 
1 47  GLY n 
1 48  LEU n 
1 49  GLY n 
1 50  SER n 
1 51  SER n 
1 52  PRO n 
1 53  LEU n 
1 54  ALA n 
1 55  VAL n 
1 56  ARG n 
1 57  TYR n 
1 58  GLY n 
1 59  ILE n 
1 60  SER n 
1 61  SER n 
1 62  LEU n 
1 63  GLU n 
1 64  GLU n 
1 65  ALA n 
1 66  GLN n 
1 67  ALA n 
1 68  TYR n 
1 69  LEU n 
1 70  GLN n 
1 71  HIS n 
1 72  ASP n 
1 73  LEU n 
1 74  LEU n 
1 75  GLY n 
1 76  PRO n 
1 77  ARG n 
1 78  LEU n 
1 79  HIS n 
1 80  GLU n 
1 81  CYS n 
1 82  THR n 
1 83  GLY n 
1 84  LEU n 
1 85  VAL n 
1 86  ASN n 
1 87  GLN n 
1 88  VAL n 
1 89  GLN n 
1 90  GLY n 
1 91  ARG n 
1 92  SER n 
1 93  ILE n 
1 94  GLU n 
1 95  GLU n 
1 96  ILE n 
1 97  PHE n 
1 98  GLY n 
1 99  PRO n 
1 100 PRO n 
1 101 ASP n 
1 102 ASP n 
1 103 LEU n 
1 104 LYS n 
1 105 LEU n 
1 106 CYS n 
1 107 SER n 
1 108 SER n 
1 109 MET n 
1 110 THR n 
1 111 LEU n 
1 112 PHE n 
1 113 ALA n 
1 114 ARG n 
1 115 ALA n 
1 116 THR n 
1 117 ASP n 
1 118 ALA n 
1 119 ASN n 
1 120 GLN n 
1 121 ASP n 
1 122 PHE n 
1 123 VAL n 
1 124 ALA n 
1 125 LEU n 
1 126 LEU n 
1 127 ALA n 
1 128 LYS n 
1 129 TYR n 
1 130 TYR n 
1 131 GLY n 
1 132 GLY n 
1 133 GLY n 
1 134 GLU n 
1 135 ASP n 
1 136 ARG n 
1 137 ARG n 
1 138 THR n 
1 139 VAL n 
1 140 ALA n 
1 141 LEU n 
1 142 LEU n 
1 143 ALA n 
1 144 VAL n 
1 145 THR n 
# 
_entity_src_gen.entity_id                          1 
_entity_src_gen.pdbx_src_id                        1 
_entity_src_gen.pdbx_alt_source_flag               sample 
_entity_src_gen.pdbx_seq_type                      ? 
_entity_src_gen.pdbx_beg_seq_num                   ? 
_entity_src_gen.pdbx_end_seq_num                   ? 
_entity_src_gen.gene_src_common_name               ? 
_entity_src_gen.gene_src_genus                     ? 
_entity_src_gen.pdbx_gene_src_gene                 ? 
_entity_src_gen.gene_src_species                   ? 
_entity_src_gen.gene_src_strain                    H37RV 
_entity_src_gen.gene_src_tissue                    ? 
_entity_src_gen.gene_src_tissue_fraction           ? 
_entity_src_gen.gene_src_details                   ? 
_entity_src_gen.pdbx_gene_src_fragment             ? 
_entity_src_gen.pdbx_gene_src_scientific_name      'MYCOBACTERIUM TUBERCULOSIS' 
_entity_src_gen.pdbx_gene_src_ncbi_taxonomy_id     83332 
_entity_src_gen.pdbx_gene_src_variant              ? 
_entity_src_gen.pdbx_gene_src_cell_line            ? 
_entity_src_gen.pdbx_gene_src_atcc                 ? 
_entity_src_gen.pdbx_gene_src_organ                ? 
_entity_src_gen.pdbx_gene_src_organelle            ? 
_entity_src_gen.pdbx_gene_src_cell                 ? 
_entity_src_gen.pdbx_gene_src_cellular_location    ? 
_entity_src_gen.host_org_common_name               ? 
_entity_src_gen.pdbx_host_org_scientific_name      'ESCHERICHIA COLI' 
_entity_src_gen.pdbx_host_org_ncbi_taxonomy_id     562 
_entity_src_gen.host_org_genus                     ? 
_entity_src_gen.pdbx_host_org_gene                 ? 
_entity_src_gen.pdbx_host_org_organ                ? 
_entity_src_gen.host_org_species                   ? 
_entity_src_gen.pdbx_host_org_tissue               ? 
_entity_src_gen.pdbx_host_org_tissue_fraction      ? 
_entity_src_gen.pdbx_host_org_strain               ? 
_entity_src_gen.pdbx_host_org_variant              ? 
_entity_src_gen.pdbx_host_org_cell_line            ? 
_entity_src_gen.pdbx_host_org_atcc                 ? 
_entity_src_gen.pdbx_host_org_culture_collection   ? 
_entity_src_gen.pdbx_host_org_cell                 ? 
_entity_src_gen.pdbx_host_org_organelle            ? 
_entity_src_gen.pdbx_host_org_cellular_location    ? 
_entity_src_gen.pdbx_host_org_vector_type          ? 
_entity_src_gen.pdbx_host_org_vector               ? 
_entity_src_gen.host_org_details                   ? 
_entity_src_gen.expression_system_id               ? 
_entity_src_gen.plasmid_name                       ? 
_entity_src_gen.plasmid_details                    ? 
_entity_src_gen.pdbx_description                   ? 
# 
loop_
_chem_comp.id 
_chem_comp.type 
_chem_comp.mon_nstd_flag 
_chem_comp.name 
_chem_comp.pdbx_synonyms 
_chem_comp.formula 
_chem_comp.formula_weight 
ALA 'L-peptide linking' y ALANINE         ?                               'C3 H7 N O2'     89.093  
ARG 'L-peptide linking' y ARGININE        ?                               'C6 H15 N4 O2 1' 175.209 
ASN 'L-peptide linking' y ASPARAGINE      ?                               'C4 H8 N2 O3'    132.118 
ASP 'L-peptide linking' y 'ASPARTIC ACID' ?                               'C4 H7 N O4'     133.103 
CYS 'L-peptide linking' y CYSTEINE        ?                               'C3 H7 N O2 S'   121.158 
GLN 'L-peptide linking' y GLUTAMINE       ?                               'C5 H10 N2 O3'   146.144 
GLU 'L-peptide linking' y 'GLUTAMIC ACID' ?                               'C5 H9 N O4'     147.129 
GLY 'peptide linking'   y GLYCINE         ?                               'C2 H5 N O2'     75.067  
GOL non-polymer         . GLYCEROL        'GLYCERIN; PROPANE-1,2,3-TRIOL' 'C3 H8 O3'       92.094  
HIS 'L-peptide linking' y HISTIDINE       ?                               'C6 H10 N3 O2 1' 156.162 
HOH non-polymer         . WATER           ?                               'H2 O'           18.015  
ILE 'L-peptide linking' y ISOLEUCINE      ?                               'C6 H13 N O2'    131.173 
LEU 'L-peptide linking' y LEUCINE         ?                               'C6 H13 N O2'    131.173 
LYS 'L-peptide linking' y LYSINE          ?                               'C6 H15 N2 O2 1' 147.195 
MET 'L-peptide linking' y METHIONINE      ?                               'C5 H11 N O2 S'  149.211 
PHE 'L-peptide linking' y PHENYLALANINE   ?                               'C9 H11 N O2'    165.189 
PRO 'L-peptide linking' y PROLINE         ?                               'C5 H9 N O2'     115.130 
SER 'L-peptide linking' y SERINE          ?                               'C3 H7 N O3'     105.093 
SO4 non-polymer         . 'SULFATE ION'   ?                               'O4 S -2'        96.063  
THR 'L-peptide linking' y THREONINE       ?                               'C4 H9 N O3'     119.119 
TRP 'L-peptide linking' y TRYPTOPHAN      ?                               'C11 H12 N2 O2'  204.225 
TYR 'L-peptide linking' y TYROSINE        ?                               'C9 H11 N O3'    181.189 
VAL 'L-peptide linking' y VALINE          ?                               'C5 H11 N O2'    117.146 
# 
loop_
_pdbx_poly_seq_scheme.asym_id 
_pdbx_poly_seq_scheme.entity_id 
_pdbx_poly_seq_scheme.seq_id 
_pdbx_poly_seq_scheme.mon_id 
_pdbx_poly_seq_scheme.ndb_seq_num 
_pdbx_poly_seq_scheme.pdb_seq_num 
_pdbx_poly_seq_scheme.auth_seq_num 
_pdbx_poly_seq_scheme.pdb_mon_id 
_pdbx_poly_seq_scheme.auth_mon_id 
_pdbx_poly_seq_scheme.pdb_strand_id 
_pdbx_poly_seq_scheme.pdb_ins_code 
_pdbx_poly_seq_scheme.hetero 
A 1 1   MET 1   1   ?   ?   ?   A . n 
A 1 2   LYS 2   2   ?   ?   ?   A . n 
A 1 3   SER 3   3   ?   ?   ?   A . n 
A 1 4   ALA 4   4   ?   ?   ?   A . n 
A 1 5   SER 5   5   ?   ?   ?   A . n 
A 1 6   ASP 6   6   6   ASP ASP A . n 
A 1 7   PRO 7   7   7   PRO PRO A . n 
A 1 8   PHE 8   8   8   PHE PHE A . n 
A 1 9   ASP 9   9   9   ASP ASP A . n 
A 1 10  LEU 10  10  10  LEU LEU A . n 
A 1 11  LYS 11  11  11  LYS LYS A . n 
A 1 12  ARG 12  12  12  ARG ARG A . n 
A 1 13  PHE 13  13  13  PHE PHE A . n 
A 1 14  VAL 14  14  14  VAL VAL A . n 
A 1 15  TYR 15  15  15  TYR TYR A . n 
A 1 16  ALA 16  16  16  ALA ALA A . n 
A 1 17  GLN 17  17  17  GLN GLN A . n 
A 1 18  ALA 18  18  18  ALA ALA A . n 
A 1 19  PRO 19  19  19  PRO PRO A . n 
A 1 20  VAL 20  20  20  VAL VAL A . n 
A 1 21  TYR 21  21  21  TYR TYR A . n 
A 1 22  ARG 22  22  22  ARG ARG A . n 
A 1 23  SER 23  23  23  SER SER A . n 
A 1 24  VAL 24  24  24  VAL VAL A . n 
A 1 25  VAL 25  25  25  VAL VAL A . n 
A 1 26  GLU 26  26  26  GLU GLU A . n 
A 1 27  GLU 27  27  27  GLU GLU A . n 
A 1 28  LEU 28  28  28  LEU LEU A . n 
A 1 29  ARG 29  29  29  ARG ARG A . n 
A 1 30  ALA 30  30  30  ALA ALA A . n 
A 1 31  GLY 31  31  31  GLY GLY A . n 
A 1 32  ARG 32  32  32  ARG ARG A . n 
A 1 33  LYS 33  33  33  LYS LYS A . n 
A 1 34  ARG 34  34  34  ARG ARG A . n 
A 1 35  GLY 35  35  35  GLY GLY A . n 
A 1 36  HIS 36  36  36  HIS HIS A . n 
A 1 37  TRP 37  37  37  TRP TRP A . n 
A 1 38  MET 38  38  38  MET MET A . n 
A 1 39  TRP 39  39  39  TRP TRP A . n 
A 1 40  PHE 40  40  40  PHE PHE A . n 
A 1 41  VAL 41  41  41  VAL VAL A . n 
A 1 42  PHE 42  42  42  PHE PHE A . n 
A 1 43  PRO 43  43  43  PRO PRO A . n 
A 1 44  GLN 44  44  44  GLN GLN A . n 
A 1 45  LEU 45  45  45  LEU LEU A . n 
A 1 46  ARG 46  46  46  ARG ARG A . n 
A 1 47  GLY 47  47  47  GLY GLY A . n 
A 1 48  LEU 48  48  48  LEU LEU A . n 
A 1 49  GLY 49  49  49  GLY GLY A . n 
A 1 50  SER 50  50  50  SER SER A . n 
A 1 51  SER 51  51  51  SER SER A . n 
A 1 52  PRO 52  52  52  PRO PRO A . n 
A 1 53  LEU 53  53  53  LEU LEU A . n 
A 1 54  ALA 54  54  54  ALA ALA A . n 
A 1 55  VAL 55  55  55  VAL VAL A . n 
A 1 56  ARG 56  56  56  ARG ARG A . n 
A 1 57  TYR 57  57  57  TYR TYR A . n 
A 1 58  GLY 58  58  58  GLY GLY A . n 
A 1 59  ILE 59  59  59  ILE ILE A . n 
A 1 60  SER 60  60  60  SER SER A . n 
A 1 61  SER 61  61  61  SER SER A . n 
A 1 62  LEU 62  62  62  LEU LEU A . n 
A 1 63  GLU 63  63  63  GLU GLU A . n 
A 1 64  GLU 64  64  64  GLU GLU A . n 
A 1 65  ALA 65  65  65  ALA ALA A . n 
A 1 66  GLN 66  66  66  GLN GLN A . n 
A 1 67  ALA 67  67  67  ALA ALA A . n 
A 1 68  TYR 68  68  68  TYR TYR A . n 
A 1 69  LEU 69  69  69  LEU LEU A . n 
A 1 70  GLN 70  70  70  GLN GLN A . n 
A 1 71  HIS 71  71  71  HIS HIS A . n 
A 1 72  ASP 72  72  72  ASP ASP A . n 
A 1 73  LEU 73  73  73  LEU LEU A . n 
A 1 74  LEU 74  74  74  LEU LEU A . n 
A 1 75  GLY 75  75  75  GLY GLY A . n 
A 1 76  PRO 76  76  76  PRO PRO A . n 
A 1 77  ARG 77  77  77  ARG ARG A . n 
A 1 78  LEU 78  78  78  LEU LEU A . n 
A 1 79  HIS 79  79  79  HIS HIS A . n 
A 1 80  GLU 80  80  80  GLU GLU A . n 
A 1 81  CYS 81  81  81  CYS CYS A . n 
A 1 82  THR 82  82  82  THR THR A . n 
A 1 83  GLY 83  83  83  GLY GLY A . n 
A 1 84  LEU 84  84  84  LEU LEU A . n 
A 1 85  VAL 85  85  85  VAL VAL A . n 
A 1 86  ASN 86  86  86  ASN ASN A . n 
A 1 87  GLN 87  87  87  GLN GLN A . n 
A 1 88  VAL 88  88  88  VAL VAL A . n 
A 1 89  GLN 89  89  89  GLN GLN A . n 
A 1 90  GLY 90  90  90  GLY GLY A . n 
A 1 91  ARG 91  91  91  ARG ARG A . n 
A 1 92  SER 92  92  92  SER SER A . n 
A 1 93  ILE 93  93  93  ILE ILE A . n 
A 1 94  GLU 94  94  94  GLU GLU A . n 
A 1 95  GLU 95  95  95  GLU GLU A . n 
A 1 96  ILE 96  96  96  ILE ILE A . n 
A 1 97  PHE 97  97  97  PHE PHE A . n 
A 1 98  GLY 98  98  98  GLY GLY A . n 
A 1 99  PRO 99  99  99  PRO PRO A . n 
A 1 100 PRO 100 100 100 PRO PRO A . n 
A 1 101 ASP 101 101 101 ASP ASP A . n 
A 1 102 ASP 102 102 102 ASP ASP A . n 
A 1 103 LEU 103 103 103 LEU LEU A . n 
A 1 104 LYS 104 104 104 LYS LYS A . n 
A 1 105 LEU 105 105 105 LEU LEU A . n 
A 1 106 CYS 106 106 106 CYS CYS A . n 
A 1 107 SER 107 107 107 SER SER A . n 
A 1 108 SER 108 108 108 SER SER A . n 
A 1 109 MET 109 109 109 MET MET A . n 
A 1 110 THR 110 110 110 THR THR A . n 
A 1 111 LEU 111 111 111 LEU LEU A . n 
A 1 112 PHE 112 112 112 PHE PHE A . n 
A 1 113 ALA 113 113 113 ALA ALA A . n 
A 1 114 ARG 114 114 114 ARG ARG A . n 
A 1 115 ALA 115 115 115 ALA ALA A . n 
A 1 116 THR 116 116 116 THR THR A . n 
A 1 117 ASP 117 117 117 ASP ASP A . n 
A 1 118 ALA 118 118 118 ALA ALA A . n 
A 1 119 ASN 119 119 119 ASN ASN A . n 
A 1 120 GLN 120 120 120 GLN GLN A . n 
A 1 121 ASP 121 121 121 ASP ASP A . n 
A 1 122 PHE 122 122 122 PHE PHE A . n 
A 1 123 VAL 123 123 123 VAL VAL A . n 
A 1 124 ALA 124 124 124 ALA ALA A . n 
A 1 125 LEU 125 125 125 LEU LEU A . n 
A 1 126 LEU 126 126 126 LEU LEU A . n 
A 1 127 ALA 127 127 127 ALA ALA A . n 
A 1 128 LYS 128 128 128 LYS LYS A . n 
A 1 129 TYR 129 129 129 TYR TYR A . n 
A 1 130 TYR 130 130 130 TYR TYR A . n 
A 1 131 GLY 131 131 131 GLY GLY A . n 
A 1 132 GLY 132 132 132 GLY GLY A . n 
A 1 133 GLY 133 133 133 GLY GLY A . n 
A 1 134 GLU 134 134 134 GLU GLU A . n 
A 1 135 ASP 135 135 135 ASP ASP A . n 
A 1 136 ARG 136 136 136 ARG ARG A . n 
A 1 137 ARG 137 137 137 ARG ARG A . n 
A 1 138 THR 138 138 138 THR THR A . n 
A 1 139 VAL 139 139 139 VAL VAL A . n 
A 1 140 ALA 140 140 140 ALA ALA A . n 
A 1 141 LEU 141 141 141 LEU LEU A . n 
A 1 142 LEU 142 142 142 LEU LEU A . n 
A 1 143 ALA 143 143 143 ALA ALA A . n 
A 1 144 VAL 144 144 144 VAL VAL A . n 
A 1 145 THR 145 145 145 THR THR A . n 
# 
loop_
_pdbx_nonpoly_scheme.asym_id 
_pdbx_nonpoly_scheme.entity_id 
_pdbx_nonpoly_scheme.mon_id 
_pdbx_nonpoly_scheme.ndb_seq_num 
_pdbx_nonpoly_scheme.pdb_seq_num 
_pdbx_nonpoly_scheme.auth_seq_num 
_pdbx_nonpoly_scheme.pdb_mon_id 
_pdbx_nonpoly_scheme.auth_mon_id 
_pdbx_nonpoly_scheme.pdb_strand_id 
_pdbx_nonpoly_scheme.pdb_ins_code 
B 2 SO4 1   1146 1146 SO4 SO4 A . 
C 3 GOL 1   1147 1147 GOL GOL A . 
D 3 GOL 1   1148 1148 GOL GOL A . 
E 4 HOH 1   2001 2001 HOH HOH A . 
E 4 HOH 2   2002 2002 HOH HOH A . 
E 4 HOH 3   2003 2003 HOH HOH A . 
E 4 HOH 4   2004 2004 HOH HOH A . 
E 4 HOH 5   2005 2005 HOH HOH A . 
E 4 HOH 6   2006 2006 HOH HOH A . 
E 4 HOH 7   2007 2007 HOH HOH A . 
E 4 HOH 8   2008 2008 HOH HOH A . 
E 4 HOH 9   2009 2009 HOH HOH A . 
E 4 HOH 10  2010 2010 HOH HOH A . 
E 4 HOH 11  2011 2011 HOH HOH A . 
E 4 HOH 12  2012 2012 HOH HOH A . 
E 4 HOH 13  2013 2013 HOH HOH A . 
E 4 HOH 14  2014 2014 HOH HOH A . 
E 4 HOH 15  2015 2015 HOH HOH A . 
E 4 HOH 16  2016 2016 HOH HOH A . 
E 4 HOH 17  2017 2017 HOH HOH A . 
E 4 HOH 18  2018 2018 HOH HOH A . 
E 4 HOH 19  2019 2019 HOH HOH A . 
E 4 HOH 20  2020 2020 HOH HOH A . 
E 4 HOH 21  2021 2021 HOH HOH A . 
E 4 HOH 22  2022 2022 HOH HOH A . 
E 4 HOH 23  2023 2023 HOH HOH A . 
E 4 HOH 24  2024 2024 HOH HOH A . 
E 4 HOH 25  2025 2025 HOH HOH A . 
E 4 HOH 26  2026 2026 HOH HOH A . 
E 4 HOH 27  2027 2027 HOH HOH A . 
E 4 HOH 28  2028 2028 HOH HOH A . 
E 4 HOH 29  2029 2029 HOH HOH A . 
E 4 HOH 30  2030 2030 HOH HOH A . 
E 4 HOH 31  2031 2031 HOH HOH A . 
E 4 HOH 32  2032 2032 HOH HOH A . 
E 4 HOH 33  2033 2033 HOH HOH A . 
E 4 HOH 34  2034 2034 HOH HOH A . 
E 4 HOH 35  2035 2035 HOH HOH A . 
E 4 HOH 36  2036 2036 HOH HOH A . 
E 4 HOH 37  2037 2037 HOH HOH A . 
E 4 HOH 38  2038 2038 HOH HOH A . 
E 4 HOH 39  2039 2039 HOH HOH A . 
E 4 HOH 40  2040 2040 HOH HOH A . 
E 4 HOH 41  2041 2041 HOH HOH A . 
E 4 HOH 42  2042 2042 HOH HOH A . 
E 4 HOH 43  2043 2043 HOH HOH A . 
E 4 HOH 44  2044 2044 HOH HOH A . 
E 4 HOH 45  2045 2045 HOH HOH A . 
E 4 HOH 46  2046 2046 HOH HOH A . 
E 4 HOH 47  2047 2047 HOH HOH A . 
E 4 HOH 48  2048 2048 HOH HOH A . 
E 4 HOH 49  2049 2049 HOH HOH A . 
E 4 HOH 50  2050 2050 HOH HOH A . 
E 4 HOH 51  2051 2051 HOH HOH A . 
E 4 HOH 52  2052 2052 HOH HOH A . 
E 4 HOH 53  2053 2053 HOH HOH A . 
E 4 HOH 54  2054 2054 HOH HOH A . 
E 4 HOH 55  2055 2055 HOH HOH A . 
E 4 HOH 56  2056 2056 HOH HOH A . 
E 4 HOH 57  2057 2057 HOH HOH A . 
E 4 HOH 58  2058 2058 HOH HOH A . 
E 4 HOH 59  2059 2059 HOH HOH A . 
E 4 HOH 60  2060 2060 HOH HOH A . 
E 4 HOH 61  2061 2061 HOH HOH A . 
E 4 HOH 62  2062 2062 HOH HOH A . 
E 4 HOH 63  2063 2063 HOH HOH A . 
E 4 HOH 64  2064 2064 HOH HOH A . 
E 4 HOH 65  2065 2065 HOH HOH A . 
E 4 HOH 66  2066 2066 HOH HOH A . 
E 4 HOH 67  2067 2067 HOH HOH A . 
E 4 HOH 68  2068 2068 HOH HOH A . 
E 4 HOH 69  2069 2069 HOH HOH A . 
E 4 HOH 70  2070 2070 HOH HOH A . 
E 4 HOH 71  2071 2071 HOH HOH A . 
E 4 HOH 72  2072 2072 HOH HOH A . 
E 4 HOH 73  2073 2073 HOH HOH A . 
E 4 HOH 74  2074 2074 HOH HOH A . 
E 4 HOH 75  2075 2075 HOH HOH A . 
E 4 HOH 76  2076 2076 HOH HOH A . 
E 4 HOH 77  2077 2077 HOH HOH A . 
E 4 HOH 78  2078 2078 HOH HOH A . 
E 4 HOH 79  2079 2079 HOH HOH A . 
E 4 HOH 80  2080 2080 HOH HOH A . 
E 4 HOH 81  2081 2081 HOH HOH A . 
E 4 HOH 82  2082 2082 HOH HOH A . 
E 4 HOH 83  2083 2083 HOH HOH A . 
E 4 HOH 84  2084 2084 HOH HOH A . 
E 4 HOH 85  2085 2085 HOH HOH A . 
E 4 HOH 86  2086 2086 HOH HOH A . 
E 4 HOH 87  2087 2087 HOH HOH A . 
E 4 HOH 88  2088 2088 HOH HOH A . 
E 4 HOH 89  2089 2089 HOH HOH A . 
E 4 HOH 90  2090 2090 HOH HOH A . 
E 4 HOH 91  2091 2091 HOH HOH A . 
E 4 HOH 92  2092 2092 HOH HOH A . 
E 4 HOH 93  2093 2093 HOH HOH A . 
E 4 HOH 94  2094 2094 HOH HOH A . 
E 4 HOH 95  2095 2095 HOH HOH A . 
E 4 HOH 96  2096 2096 HOH HOH A . 
E 4 HOH 97  2097 2097 HOH HOH A . 
E 4 HOH 98  2098 2098 HOH HOH A . 
E 4 HOH 99  2099 2099 HOH HOH A . 
E 4 HOH 100 2100 2100 HOH HOH A . 
E 4 HOH 101 2101 2101 HOH HOH A . 
E 4 HOH 102 2102 2102 HOH HOH A . 
E 4 HOH 103 2103 2103 HOH HOH A . 
E 4 HOH 104 2104 2104 HOH HOH A . 
E 4 HOH 105 2105 2105 HOH HOH A . 
E 4 HOH 106 2106 2106 HOH HOH A . 
E 4 HOH 107 2107 2107 HOH HOH A . 
E 4 HOH 108 2108 2108 HOH HOH A . 
E 4 HOH 109 2109 2109 HOH HOH A . 
E 4 HOH 110 2110 2110 HOH HOH A . 
E 4 HOH 111 2111 2111 HOH HOH A . 
E 4 HOH 112 2112 2112 HOH HOH A . 
E 4 HOH 113 2113 2113 HOH HOH A . 
E 4 HOH 114 2114 2114 HOH HOH A . 
E 4 HOH 115 2115 2115 HOH HOH A . 
E 4 HOH 116 2116 2116 HOH HOH A . 
E 4 HOH 117 2117 2117 HOH HOH A . 
E 4 HOH 118 2118 2118 HOH HOH A . 
E 4 HOH 119 2119 2119 HOH HOH A . 
E 4 HOH 120 2120 2120 HOH HOH A . 
E 4 HOH 121 2121 2121 HOH HOH A . 
E 4 HOH 122 2122 2122 HOH HOH A . 
E 4 HOH 123 2123 2123 HOH HOH A . 
E 4 HOH 124 2124 2124 HOH HOH A . 
E 4 HOH 125 2125 2125 HOH HOH A . 
E 4 HOH 126 2126 2126 HOH HOH A . 
E 4 HOH 127 2127 2127 HOH HOH A . 
E 4 HOH 128 2128 2128 HOH HOH A . 
E 4 HOH 129 2129 2129 HOH HOH A . 
E 4 HOH 130 2130 2130 HOH HOH A . 
E 4 HOH 131 2131 2131 HOH HOH A . 
E 4 HOH 132 2132 2132 HOH HOH A . 
E 4 HOH 133 2133 2133 HOH HOH A . 
E 4 HOH 134 2134 2134 HOH HOH A . 
E 4 HOH 135 2135 2135 HOH HOH A . 
E 4 HOH 136 2136 2136 HOH HOH A . 
E 4 HOH 137 2137 2137 HOH HOH A . 
E 4 HOH 138 2138 2138 HOH HOH A . 
E 4 HOH 139 2139 2139 HOH HOH A . 
E 4 HOH 140 2140 2140 HOH HOH A . 
E 4 HOH 141 2141 2141 HOH HOH A . 
E 4 HOH 142 2142 2142 HOH HOH A . 
E 4 HOH 143 2143 2143 HOH HOH A . 
E 4 HOH 144 2144 2144 HOH HOH A . 
E 4 HOH 145 2145 2145 HOH HOH A . 
E 4 HOH 146 2146 2146 HOH HOH A . 
E 4 HOH 147 2147 2147 HOH HOH A . 
E 4 HOH 148 2148 2148 HOH HOH A . 
E 4 HOH 149 2149 2149 HOH HOH A . 
E 4 HOH 150 2150 2150 HOH HOH A . 
E 4 HOH 151 2151 2151 HOH HOH A . 
E 4 HOH 152 2152 2152 HOH HOH A . 
E 4 HOH 153 2153 2153 HOH HOH A . 
E 4 HOH 154 2154 2154 HOH HOH A . 
E 4 HOH 155 2155 2155 HOH HOH A . 
E 4 HOH 156 2156 2156 HOH HOH A . 
E 4 HOH 157 2157 2157 HOH HOH A . 
E 4 HOH 158 2158 2158 HOH HOH A . 
E 4 HOH 159 2159 2159 HOH HOH A . 
E 4 HOH 160 2160 2160 HOH HOH A . 
E 4 HOH 161 2161 2161 HOH HOH A . 
# 
loop_
_software.name 
_software.classification 
_software.version 
_software.citation_id 
_software.pdbx_ordinal 
_software.date 
_software.type 
_software.location 
_software.language 
REFMAC    refinement       5.2.0019 ? 1 ? ? ? ? 
DENZO     'data reduction' .        ? 2 ? ? ? ? 
SCALEPACK 'data scaling'   .        ? 3 ? ? ? ? 
# 
_cell.entry_id           2JEK 
_cell.length_a           33.440 
_cell.length_b           31.627 
_cell.length_c           53.187 
_cell.angle_alpha        90.00 
_cell.angle_beta         90.80 
_cell.angle_gamma        90.00 
_cell.Z_PDB              2 
_cell.pdbx_unique_axis   ? 
# 
_symmetry.entry_id                         2JEK 
_symmetry.space_group_name_H-M             'P 1 21 1' 
_symmetry.pdbx_full_space_group_name_H-M   ? 
_symmetry.cell_setting                     ? 
_symmetry.Int_Tables_number                4 
# 
_exptl.entry_id          2JEK 
_exptl.method            'X-RAY DIFFRACTION' 
_exptl.crystals_number   1 
# 
_exptl_crystal.id                    1 
_exptl_crystal.density_meas          ? 
_exptl_crystal.density_Matthews      1.77 
_exptl_crystal.density_percent_sol   30.7 
_exptl_crystal.description           ? 
_exptl_crystal.preparation           ? 
# 
_exptl_crystal_grow.crystal_id      1 
_exptl_crystal_grow.method          'VAPOR DIFFUSION, HANGING DROP' 
_exptl_crystal_grow.temp            298 
_exptl_crystal_grow.temp_details    ? 
_exptl_crystal_grow.pH              6.50 
_exptl_crystal_grow.pdbx_pH_range   ? 
_exptl_crystal_grow.pdbx_details    
'AMMONIUM SULPHATE, MES BUFFER, GLYCEROL, ETHYLEN GLYCOL, PH 6.5, VAPOR DIFFUSION, HANGING DROP, TEMPERATURE 298K' 
# 
_diffrn.id                               1 
_diffrn.ambient_temp                     100.0 
_diffrn.ambient_temp_details             ? 
_diffrn.crystal_id                       1 
_diffrn.pdbx_serial_crystal_experiment   ? 
# 
_diffrn_detector.diffrn_id              1 
_diffrn_detector.detector               CCD 
_diffrn_detector.type                   'ADSC CCD' 
_diffrn_detector.pdbx_collection_date   2005-10-05 
_diffrn_detector.details                ? 
# 
_diffrn_radiation.diffrn_id                        1 
_diffrn_radiation.wavelength_id                    1 
_diffrn_radiation.pdbx_monochromatic_or_laue_m_l   M 
_diffrn_radiation.monochromator                    ? 
_diffrn_radiation.pdbx_diffrn_protocol             'SINGLE WAVELENGTH' 
_diffrn_radiation.pdbx_scattering_type             x-ray 
# 
_diffrn_radiation_wavelength.id           1 
_diffrn_radiation_wavelength.wavelength   1.11588 
_diffrn_radiation_wavelength.wt           1.0 
# 
_diffrn_source.diffrn_id                   1 
_diffrn_source.source                      SYNCHROTRON 
_diffrn_source.type                        'ALS BEAMLINE 8.3.1' 
_diffrn_source.pdbx_synchrotron_site       ALS 
_diffrn_source.pdbx_synchrotron_beamline   8.3.1 
_diffrn_source.pdbx_wavelength             1.11588 
_diffrn_source.pdbx_wavelength_list        ? 
# 
_reflns.pdbx_diffrn_id               1 
_reflns.pdbx_ordinal                 1 
_reflns.entry_id                     2JEK 
_reflns.observed_criterion_sigma_I   0.000 
_reflns.observed_criterion_sigma_F   ? 
_reflns.d_resolution_low             50.000 
_reflns.d_resolution_high            1.380 
_reflns.number_obs                   21820 
_reflns.number_all                   ? 
_reflns.percent_possible_obs         94.2 
_reflns.pdbx_Rmerge_I_obs            0.03000 
_reflns.pdbx_Rsym_value              ? 
_reflns.pdbx_netI_over_sigmaI        15.5000 
_reflns.B_iso_Wilson_estimate        ? 
_reflns.pdbx_redundancy              1.900 
# 
_reflns_shell.pdbx_diffrn_id         1 
_reflns_shell.pdbx_ordinal           1 
_reflns_shell.d_res_high             1.38 
_reflns_shell.d_res_low              1.43 
_reflns_shell.percent_possible_all   85.8 
_reflns_shell.Rmerge_I_obs           0.40000 
_reflns_shell.pdbx_Rsym_value        ? 
_reflns_shell.meanI_over_sigI_obs    2.000 
_reflns_shell.pdbx_redundancy        1.60 
# 
_refine.pdbx_refine_id                           'X-RAY DIFFRACTION' 
_refine.entry_id                                 2JEK 
_refine.pdbx_diffrn_id                           1 
_refine.pdbx_TLS_residual_ADP_flag               ? 
_refine.ls_number_reflns_obs                     20717 
_refine.ls_number_reflns_all                     ? 
_refine.pdbx_ls_sigma_I                          ? 
_refine.pdbx_ls_sigma_F                          ? 
_refine.pdbx_data_cutoff_high_absF               ? 
_refine.pdbx_data_cutoff_low_absF                ? 
_refine.pdbx_data_cutoff_high_rms_absF           ? 
_refine.ls_d_res_low                             35.00 
_refine.ls_d_res_high                            1.38 
_refine.ls_percent_reflns_obs                    94.3 
_refine.ls_R_factor_obs                          0.169 
_refine.ls_R_factor_all                          ? 
_refine.ls_R_factor_R_work                       0.167 
_refine.ls_R_factor_R_free                       0.200 
_refine.ls_R_factor_R_free_error                 ? 
_refine.ls_R_factor_R_free_error_details         ? 
_refine.ls_percent_reflns_R_free                 5.000 
_refine.ls_number_reflns_R_free                  1091 
_refine.ls_number_parameters                     ? 
_refine.ls_number_restraints                     ? 
_refine.occupancy_min                            ? 
_refine.occupancy_max                            ? 
_refine.correlation_coeff_Fo_to_Fc               0.969 
_refine.correlation_coeff_Fo_to_Fc_free          0.953 
_refine.B_iso_mean                               15.21 
_refine.aniso_B[1][1]                            -0.45000 
_refine.aniso_B[2][2]                            -0.29000 
_refine.aniso_B[3][3]                            0.75000 
_refine.aniso_B[1][2]                            0.00000 
_refine.aniso_B[1][3]                            0.29000 
_refine.aniso_B[2][3]                            0.00000 
_refine.solvent_model_details                    MASK 
_refine.solvent_model_param_ksol                 ? 
_refine.solvent_model_param_bsol                 ? 
_refine.pdbx_solvent_vdw_probe_radii             1.40 
_refine.pdbx_solvent_ion_probe_radii             0.80 
_refine.pdbx_solvent_shrinkage_radii             0.80 
_refine.pdbx_ls_cross_valid_method               THROUGHOUT 
_refine.details                                  
;HYDROGENS HAVE BEEN ADDED IN THE RIDING POSITIONS. ORIGINAL STRUCTURE OF RV1873 WAS SOLVED USING SELENO-METHIONINE MUTANT AND SAD METHOD. IT WAS USED TO OBTAIN THIS HIGH RESOLUTION STRUCTURE.
;
_refine.pdbx_starting_model                      ? 
_refine.pdbx_method_to_determine_struct          OTHER 
_refine.pdbx_isotropic_thermal_model             ? 
_refine.pdbx_stereochemistry_target_values       'MAXIMUM LIKELIHOOD' 
_refine.pdbx_stereochem_target_val_spec_case     ? 
_refine.pdbx_R_Free_selection_details            RANDOM 
_refine.pdbx_overall_ESU_R                       0.069 
_refine.pdbx_overall_ESU_R_Free                  0.072 
_refine.overall_SU_ML                            0.045 
_refine.pdbx_overall_phase_error                 ? 
_refine.overall_SU_B                             1.117 
_refine.overall_SU_R_Cruickshank_DPI             ? 
_refine.pdbx_overall_SU_R_free_Cruickshank_DPI   ? 
_refine.pdbx_overall_SU_R_Blow_DPI               ? 
_refine.pdbx_overall_SU_R_free_Blow_DPI          ? 
# 
_refine_hist.pdbx_refine_id                   'X-RAY DIFFRACTION' 
_refine_hist.cycle_id                         LAST 
_refine_hist.pdbx_number_atoms_protein        1109 
_refine_hist.pdbx_number_atoms_nucleic_acid   0 
_refine_hist.pdbx_number_atoms_ligand         17 
_refine_hist.number_atoms_solvent             161 
_refine_hist.number_atoms_total               1287 
_refine_hist.d_res_high                       1.38 
_refine_hist.d_res_low                        35.00 
# 
loop_
_refine_ls_restr.type 
_refine_ls_restr.dev_ideal 
_refine_ls_restr.dev_ideal_target 
_refine_ls_restr.weight 
_refine_ls_restr.number 
_refine_ls_restr.pdbx_refine_id 
_refine_ls_restr.pdbx_restraint_function 
r_bond_refined_d             0.008  0.022  ? 1151 'X-RAY DIFFRACTION' ? 
r_bond_other_d               ?      ?      ? ?    'X-RAY DIFFRACTION' ? 
r_angle_refined_deg          1.166  1.979  ? 1557 'X-RAY DIFFRACTION' ? 
r_angle_other_deg            ?      ?      ? ?    'X-RAY DIFFRACTION' ? 
r_dihedral_angle_1_deg       4.979  5.000  ? 139  'X-RAY DIFFRACTION' ? 
r_dihedral_angle_2_deg       26.473 22.364 ? 55   'X-RAY DIFFRACTION' ? 
r_dihedral_angle_3_deg       11.361 15.000 ? 184  'X-RAY DIFFRACTION' ? 
r_dihedral_angle_4_deg       25.543 15.000 ? 12   'X-RAY DIFFRACTION' ? 
r_chiral_restr               0.077  0.200  ? 165  'X-RAY DIFFRACTION' ? 
r_gen_planes_refined         0.005  0.020  ? 883  'X-RAY DIFFRACTION' ? 
r_gen_planes_other           ?      ?      ? ?    'X-RAY DIFFRACTION' ? 
r_nbd_refined                0.190  0.200  ? 569  'X-RAY DIFFRACTION' ? 
r_nbd_other                  ?      ?      ? ?    'X-RAY DIFFRACTION' ? 
r_nbtor_refined              0.311  0.200  ? 796  'X-RAY DIFFRACTION' ? 
r_nbtor_other                ?      ?      ? ?    'X-RAY DIFFRACTION' ? 
r_xyhbond_nbd_refined        0.111  0.200  ? 111  'X-RAY DIFFRACTION' ? 
r_xyhbond_nbd_other          ?      ?      ? ?    'X-RAY DIFFRACTION' ? 
r_metal_ion_refined          ?      ?      ? ?    'X-RAY DIFFRACTION' ? 
r_metal_ion_other            ?      ?      ? ?    'X-RAY DIFFRACTION' ? 
r_symmetry_vdw_refined       0.191  0.200  ? 57   'X-RAY DIFFRACTION' ? 
r_symmetry_vdw_other         ?      ?      ? ?    'X-RAY DIFFRACTION' ? 
r_symmetry_hbond_refined     0.162  0.200  ? 39   'X-RAY DIFFRACTION' ? 
r_symmetry_hbond_other       ?      ?      ? ?    'X-RAY DIFFRACTION' ? 
r_symmetry_metal_ion_refined ?      ?      ? ?    'X-RAY DIFFRACTION' ? 
r_symmetry_metal_ion_other   ?      ?      ? ?    'X-RAY DIFFRACTION' ? 
r_mcbond_it                  0.934  2.000  ? 710  'X-RAY DIFFRACTION' ? 
r_mcbond_other               ?      ?      ? ?    'X-RAY DIFFRACTION' ? 
r_mcangle_it                 1.574  3.000  ? 1110 'X-RAY DIFFRACTION' ? 
r_mcangle_other              ?      ?      ? ?    'X-RAY DIFFRACTION' ? 
r_scbond_it                  2.665  6.000  ? 496  'X-RAY DIFFRACTION' ? 
r_scbond_other               ?      ?      ? ?    'X-RAY DIFFRACTION' ? 
r_scangle_it                 4.312  10.000 ? 447  'X-RAY DIFFRACTION' ? 
r_scangle_other              ?      ?      ? ?    'X-RAY DIFFRACTION' ? 
r_long_range_B_refined       ?      ?      ? ?    'X-RAY DIFFRACTION' ? 
r_long_range_B_other         ?      ?      ? ?    'X-RAY DIFFRACTION' ? 
r_rigid_bond_restr           ?      ?      ? ?    'X-RAY DIFFRACTION' ? 
r_sphericity_free            ?      ?      ? ?    'X-RAY DIFFRACTION' ? 
r_sphericity_bonded          ?      ?      ? ?    'X-RAY DIFFRACTION' ? 
# 
_refine_ls_shell.pdbx_refine_id                   'X-RAY DIFFRACTION' 
_refine_ls_shell.pdbx_total_number_of_bins_used   20 
_refine_ls_shell.d_res_high                       1.38 
_refine_ls_shell.d_res_low                        1.42 
_refine_ls_shell.number_reflns_R_work             1353 
_refine_ls_shell.R_factor_R_work                  0.2740 
_refine_ls_shell.percent_reflns_obs               ? 
_refine_ls_shell.R_factor_R_free                  0.3470 
_refine_ls_shell.R_factor_R_free_error            ? 
_refine_ls_shell.percent_reflns_R_free            ? 
_refine_ls_shell.number_reflns_R_free             74 
_refine_ls_shell.number_reflns_all                ? 
_refine_ls_shell.R_factor_all                     ? 
# 
_struct.entry_id                  2JEK 
_struct.title                     
'Crystal structure of the conserved hypothetical protein Rv1873 from Mycobacterium tuberculosis at 1.38 A' 
_struct.pdbx_model_details        ? 
_struct.pdbx_CASP_flag            ? 
_struct.pdbx_model_type_details   ? 
# 
_struct_keywords.entry_id        2JEK 
_struct_keywords.pdbx_keywords   'STRUCTURAL GENOMICS, UNKNOWN FUNCTION' 
_struct_keywords.text            
;STRUCTURAL GENOMICS, UNKNOWN FUNCTION, MYCOBACTERIUM TUBERCULOSIS, HYPOTHETICAL PROTEIN, RIGHT-HANDED SUPERHELIX, TB STRUCTURAL GENOMICS CONSORTIUM, TBSGC, PSI, PROTEIN STRUCTURE INITIATIVE
;
# 
loop_
_struct_asym.id 
_struct_asym.pdbx_blank_PDB_chainid_flag 
_struct_asym.pdbx_modified 
_struct_asym.entity_id 
_struct_asym.details 
A N N 1 ? 
B N N 2 ? 
C N N 3 ? 
D N N 3 ? 
E N N 4 ? 
# 
_struct_ref.id                         1 
_struct_ref.db_name                    UNP 
_struct_ref.db_code                    O07756_MYCTU 
_struct_ref.entity_id                  1 
_struct_ref.pdbx_seq_one_letter_code   ? 
_struct_ref.pdbx_align_begin           ? 
_struct_ref.pdbx_db_accession          O07756 
_struct_ref.pdbx_db_isoform            ? 
# 
_struct_ref_seq.align_id                      1 
_struct_ref_seq.ref_id                        1 
_struct_ref_seq.pdbx_PDB_id_code              2JEK 
_struct_ref_seq.pdbx_strand_id                A 
_struct_ref_seq.seq_align_beg                 1 
_struct_ref_seq.pdbx_seq_align_beg_ins_code   ? 
_struct_ref_seq.seq_align_end                 145 
_struct_ref_seq.pdbx_seq_align_end_ins_code   ? 
_struct_ref_seq.pdbx_db_accession             O07756 
_struct_ref_seq.db_align_beg                  1 
_struct_ref_seq.pdbx_db_align_beg_ins_code    ? 
_struct_ref_seq.db_align_end                  145 
_struct_ref_seq.pdbx_db_align_end_ins_code    ? 
_struct_ref_seq.pdbx_auth_seq_align_beg       1 
_struct_ref_seq.pdbx_auth_seq_align_end       145 
# 
_pdbx_struct_assembly.id                   1 
_pdbx_struct_assembly.details              author_and_software_defined_assembly 
_pdbx_struct_assembly.method_details       PQS 
_pdbx_struct_assembly.oligomeric_details   monomeric 
_pdbx_struct_assembly.oligomeric_count     1 
# 
_pdbx_struct_assembly_gen.assembly_id       1 
_pdbx_struct_assembly_gen.oper_expression   1 
_pdbx_struct_assembly_gen.asym_id_list      A,B,C,D,E 
# 
_pdbx_struct_oper_list.id                   1 
_pdbx_struct_oper_list.type                 'identity operation' 
_pdbx_struct_oper_list.name                 1_555 
_pdbx_struct_oper_list.symmetry_operation   x,y,z 
_pdbx_struct_oper_list.matrix[1][1]         1.0000000000 
_pdbx_struct_oper_list.matrix[1][2]         0.0000000000 
_pdbx_struct_oper_list.matrix[1][3]         0.0000000000 
_pdbx_struct_oper_list.vector[1]            0.0000000000 
_pdbx_struct_oper_list.matrix[2][1]         0.0000000000 
_pdbx_struct_oper_list.matrix[2][2]         1.0000000000 
_pdbx_struct_oper_list.matrix[2][3]         0.0000000000 
_pdbx_struct_oper_list.vector[2]            0.0000000000 
_pdbx_struct_oper_list.matrix[3][1]         0.0000000000 
_pdbx_struct_oper_list.matrix[3][2]         0.0000000000 
_pdbx_struct_oper_list.matrix[3][3]         1.0000000000 
_pdbx_struct_oper_list.vector[3]            0.0000000000 
# 
loop_
_struct_conf.conf_type_id 
_struct_conf.id 
_struct_conf.pdbx_PDB_helix_id 
_struct_conf.beg_label_comp_id 
_struct_conf.beg_label_asym_id 
_struct_conf.beg_label_seq_id 
_struct_conf.pdbx_beg_PDB_ins_code 
_struct_conf.end_label_comp_id 
_struct_conf.end_label_asym_id 
_struct_conf.end_label_seq_id 
_struct_conf.pdbx_end_PDB_ins_code 
_struct_conf.beg_auth_comp_id 
_struct_conf.beg_auth_asym_id 
_struct_conf.beg_auth_seq_id 
_struct_conf.end_auth_comp_id 
_struct_conf.end_auth_asym_id 
_struct_conf.end_auth_seq_id 
_struct_conf.pdbx_PDB_helix_class 
_struct_conf.details 
_struct_conf.pdbx_PDB_helix_length 
HELX_P HELX_P1  1  LEU A 10  ? ALA A 18  ? LEU A 10  ALA A 18  1 ? 9  
HELX_P HELX_P2  2  VAL A 20  ? ALA A 30  ? VAL A 20  ALA A 30  1 ? 11 
HELX_P HELX_P3  3  TRP A 37  ? PHE A 42  ? TRP A 37  PHE A 42  1 ? 6  
HELX_P HELX_P4  4  SER A 51  ? TYR A 57  ? SER A 51  TYR A 57  1 ? 7  
HELX_P HELX_P5  5  SER A 61  ? HIS A 71  ? SER A 61  HIS A 71  1 ? 11 
HELX_P HELX_P6  6  LEU A 73  ? VAL A 88  ? LEU A 73  VAL A 88  1 ? 16 
HELX_P HELX_P7  7  SER A 92  ? PHE A 97  ? SER A 92  PHE A 97  1 ? 6  
HELX_P HELX_P8  8  PRO A 100 ? THR A 116 ? PRO A 100 THR A 116 1 ? 17 
HELX_P HELX_P9  9  ASN A 119 ? TYR A 130 ? ASN A 119 TYR A 130 1 ? 12 
HELX_P HELX_P10 10 ASP A 135 ? VAL A 144 ? ASP A 135 VAL A 144 1 ? 10 
# 
_struct_conf_type.id          HELX_P 
_struct_conf_type.criteria    ? 
_struct_conf_type.reference   ? 
# 
_struct_mon_prot_cis.pdbx_id                1 
_struct_mon_prot_cis.label_comp_id          PRO 
_struct_mon_prot_cis.label_seq_id           99 
_struct_mon_prot_cis.label_asym_id          A 
_struct_mon_prot_cis.label_alt_id           . 
_struct_mon_prot_cis.pdbx_PDB_ins_code      ? 
_struct_mon_prot_cis.auth_comp_id           PRO 
_struct_mon_prot_cis.auth_seq_id            99 
_struct_mon_prot_cis.auth_asym_id           A 
_struct_mon_prot_cis.pdbx_label_comp_id_2   PRO 
_struct_mon_prot_cis.pdbx_label_seq_id_2    100 
_struct_mon_prot_cis.pdbx_label_asym_id_2   A 
_struct_mon_prot_cis.pdbx_PDB_ins_code_2    ? 
_struct_mon_prot_cis.pdbx_auth_comp_id_2    PRO 
_struct_mon_prot_cis.pdbx_auth_seq_id_2     100 
_struct_mon_prot_cis.pdbx_auth_asym_id_2    A 
_struct_mon_prot_cis.pdbx_PDB_model_num     1 
_struct_mon_prot_cis.pdbx_omega_angle       6.11 
# 
loop_
_struct_site.id 
_struct_site.pdbx_evidence_code 
_struct_site.pdbx_auth_asym_id 
_struct_site.pdbx_auth_comp_id 
_struct_site.pdbx_auth_seq_id 
_struct_site.pdbx_auth_ins_code 
_struct_site.pdbx_num_residues 
_struct_site.details 
AC1 Software A SO4 1146 ? 6 'BINDING SITE FOR RESIDUE SO4 A 1146' 
AC2 Software A GOL 1147 ? 5 'BINDING SITE FOR RESIDUE GOL A 1147' 
AC3 Software A GOL 1148 ? 6 'BINDING SITE FOR RESIDUE GOL A 1148' 
# 
loop_
_struct_site_gen.id 
_struct_site_gen.site_id 
_struct_site_gen.pdbx_num_res 
_struct_site_gen.label_comp_id 
_struct_site_gen.label_asym_id 
_struct_site_gen.label_seq_id 
_struct_site_gen.pdbx_auth_ins_code 
_struct_site_gen.auth_comp_id 
_struct_site_gen.auth_asym_id 
_struct_site_gen.auth_seq_id 
_struct_site_gen.label_atom_id 
_struct_site_gen.label_alt_id 
_struct_site_gen.symmetry 
_struct_site_gen.details 
1  AC1 6 PRO A 19  ? PRO A 19   . ? 1_455 ? 
2  AC1 6 ASN A 86  ? ASN A 86   . ? 1_555 ? 
3  AC1 6 GLN A 89  ? GLN A 89   . ? 1_555 ? 
4  AC1 6 LYS A 128 ? LYS A 128  . ? 1_555 ? 
5  AC1 6 HOH E .   ? HOH A 2105 . ? 1_555 ? 
6  AC1 6 HOH E .   ? HOH A 2157 . ? 1_555 ? 
7  AC2 5 SER A 23  ? SER A 23   . ? 1_555 ? 
8  AC2 5 GLU A 27  ? GLU A 27   . ? 1_555 ? 
9  AC2 5 HOH E .   ? HOH A 2042 . ? 1_555 ? 
10 AC2 5 HOH E .   ? HOH A 2158 . ? 1_555 ? 
11 AC2 5 HOH E .   ? HOH A 2160 . ? 1_555 ? 
12 AC3 6 TRP A 39  ? TRP A 39   . ? 1_555 ? 
13 AC3 6 SER A 50  ? SER A 50   . ? 1_555 ? 
14 AC3 6 SER A 51  ? SER A 51   . ? 1_555 ? 
15 AC3 6 ALA A 54  ? ALA A 54   . ? 1_555 ? 
16 AC3 6 LYS A 104 ? LYS A 104  . ? 1_555 ? 
17 AC3 6 HOH E .   ? HOH A 2161 . ? 1_555 ? 
# 
_pdbx_distant_solvent_atoms.id                                1 
_pdbx_distant_solvent_atoms.PDB_model_num                     1 
_pdbx_distant_solvent_atoms.auth_atom_id                      O 
_pdbx_distant_solvent_atoms.label_alt_id                      ? 
_pdbx_distant_solvent_atoms.auth_asym_id                      A 
_pdbx_distant_solvent_atoms.auth_comp_id                      HOH 
_pdbx_distant_solvent_atoms.auth_seq_id                       2009 
_pdbx_distant_solvent_atoms.PDB_ins_code                      ? 
_pdbx_distant_solvent_atoms.neighbor_macromolecule_distance   6.54 
_pdbx_distant_solvent_atoms.neighbor_ligand_distance          . 
# 
loop_
_pdbx_unobs_or_zero_occ_residues.id 
_pdbx_unobs_or_zero_occ_residues.PDB_model_num 
_pdbx_unobs_or_zero_occ_residues.polymer_flag 
_pdbx_unobs_or_zero_occ_residues.occupancy_flag 
_pdbx_unobs_or_zero_occ_residues.auth_asym_id 
_pdbx_unobs_or_zero_occ_residues.auth_comp_id 
_pdbx_unobs_or_zero_occ_residues.auth_seq_id 
_pdbx_unobs_or_zero_occ_residues.PDB_ins_code 
_pdbx_unobs_or_zero_occ_residues.label_asym_id 
_pdbx_unobs_or_zero_occ_residues.label_comp_id 
_pdbx_unobs_or_zero_occ_residues.label_seq_id 
1 1 Y 1 A MET 1 ? A MET 1 
2 1 Y 1 A LYS 2 ? A LYS 2 
3 1 Y 1 A SER 3 ? A SER 3 
4 1 Y 1 A ALA 4 ? A ALA 4 
5 1 Y 1 A SER 5 ? A SER 5 
# 
loop_
_chem_comp_atom.comp_id 
_chem_comp_atom.atom_id 
_chem_comp_atom.type_symbol 
_chem_comp_atom.pdbx_aromatic_flag 
_chem_comp_atom.pdbx_stereo_config 
_chem_comp_atom.pdbx_ordinal 
ALA N    N N N 1   
ALA CA   C N S 2   
ALA C    C N N 3   
ALA O    O N N 4   
ALA CB   C N N 5   
ALA OXT  O N N 6   
ALA H    H N N 7   
ALA H2   H N N 8   
ALA HA   H N N 9   
ALA HB1  H N N 10  
ALA HB2  H N N 11  
ALA HB3  H N N 12  
ALA HXT  H N N 13  
ARG N    N N N 14  
ARG CA   C N S 15  
ARG C    C N N 16  
ARG O    O N N 17  
ARG CB   C N N 18  
ARG CG   C N N 19  
ARG CD   C N N 20  
ARG NE   N N N 21  
ARG CZ   C N N 22  
ARG NH1  N N N 23  
ARG NH2  N N N 24  
ARG OXT  O N N 25  
ARG H    H N N 26  
ARG H2   H N N 27  
ARG HA   H N N 28  
ARG HB2  H N N 29  
ARG HB3  H N N 30  
ARG HG2  H N N 31  
ARG HG3  H N N 32  
ARG HD2  H N N 33  
ARG HD3  H N N 34  
ARG HE   H N N 35  
ARG HH11 H N N 36  
ARG HH12 H N N 37  
ARG HH21 H N N 38  
ARG HH22 H N N 39  
ARG HXT  H N N 40  
ASN N    N N N 41  
ASN CA   C N S 42  
ASN C    C N N 43  
ASN O    O N N 44  
ASN CB   C N N 45  
ASN CG   C N N 46  
ASN OD1  O N N 47  
ASN ND2  N N N 48  
ASN OXT  O N N 49  
ASN H    H N N 50  
ASN H2   H N N 51  
ASN HA   H N N 52  
ASN HB2  H N N 53  
ASN HB3  H N N 54  
ASN HD21 H N N 55  
ASN HD22 H N N 56  
ASN HXT  H N N 57  
ASP N    N N N 58  
ASP CA   C N S 59  
ASP C    C N N 60  
ASP O    O N N 61  
ASP CB   C N N 62  
ASP CG   C N N 63  
ASP OD1  O N N 64  
ASP OD2  O N N 65  
ASP OXT  O N N 66  
ASP H    H N N 67  
ASP H2   H N N 68  
ASP HA   H N N 69  
ASP HB2  H N N 70  
ASP HB3  H N N 71  
ASP HD2  H N N 72  
ASP HXT  H N N 73  
CYS N    N N N 74  
CYS CA   C N R 75  
CYS C    C N N 76  
CYS O    O N N 77  
CYS CB   C N N 78  
CYS SG   S N N 79  
CYS OXT  O N N 80  
CYS H    H N N 81  
CYS H2   H N N 82  
CYS HA   H N N 83  
CYS HB2  H N N 84  
CYS HB3  H N N 85  
CYS HG   H N N 86  
CYS HXT  H N N 87  
GLN N    N N N 88  
GLN CA   C N S 89  
GLN C    C N N 90  
GLN O    O N N 91  
GLN CB   C N N 92  
GLN CG   C N N 93  
GLN CD   C N N 94  
GLN OE1  O N N 95  
GLN NE2  N N N 96  
GLN OXT  O N N 97  
GLN H    H N N 98  
GLN H2   H N N 99  
GLN HA   H N N 100 
GLN HB2  H N N 101 
GLN HB3  H N N 102 
GLN HG2  H N N 103 
GLN HG3  H N N 104 
GLN HE21 H N N 105 
GLN HE22 H N N 106 
GLN HXT  H N N 107 
GLU N    N N N 108 
GLU CA   C N S 109 
GLU C    C N N 110 
GLU O    O N N 111 
GLU CB   C N N 112 
GLU CG   C N N 113 
GLU CD   C N N 114 
GLU OE1  O N N 115 
GLU OE2  O N N 116 
GLU OXT  O N N 117 
GLU H    H N N 118 
GLU H2   H N N 119 
GLU HA   H N N 120 
GLU HB2  H N N 121 
GLU HB3  H N N 122 
GLU HG2  H N N 123 
GLU HG3  H N N 124 
GLU HE2  H N N 125 
GLU HXT  H N N 126 
GLY N    N N N 127 
GLY CA   C N N 128 
GLY C    C N N 129 
GLY O    O N N 130 
GLY OXT  O N N 131 
GLY H    H N N 132 
GLY H2   H N N 133 
GLY HA2  H N N 134 
GLY HA3  H N N 135 
GLY HXT  H N N 136 
GOL C1   C N N 137 
GOL O1   O N N 138 
GOL C2   C N N 139 
GOL O2   O N N 140 
GOL C3   C N N 141 
GOL O3   O N N 142 
GOL H11  H N N 143 
GOL H12  H N N 144 
GOL HO1  H N N 145 
GOL H2   H N N 146 
GOL HO2  H N N 147 
GOL H31  H N N 148 
GOL H32  H N N 149 
GOL HO3  H N N 150 
HIS N    N N N 151 
HIS CA   C N S 152 
HIS C    C N N 153 
HIS O    O N N 154 
HIS CB   C N N 155 
HIS CG   C Y N 156 
HIS ND1  N Y N 157 
HIS CD2  C Y N 158 
HIS CE1  C Y N 159 
HIS NE2  N Y N 160 
HIS OXT  O N N 161 
HIS H    H N N 162 
HIS H2   H N N 163 
HIS HA   H N N 164 
HIS HB2  H N N 165 
HIS HB3  H N N 166 
HIS HD1  H N N 167 
HIS HD2  H N N 168 
HIS HE1  H N N 169 
HIS HE2  H N N 170 
HIS HXT  H N N 171 
HOH O    O N N 172 
HOH H1   H N N 173 
HOH H2   H N N 174 
ILE N    N N N 175 
ILE CA   C N S 176 
ILE C    C N N 177 
ILE O    O N N 178 
ILE CB   C N S 179 
ILE CG1  C N N 180 
ILE CG2  C N N 181 
ILE CD1  C N N 182 
ILE OXT  O N N 183 
ILE H    H N N 184 
ILE H2   H N N 185 
ILE HA   H N N 186 
ILE HB   H N N 187 
ILE HG12 H N N 188 
ILE HG13 H N N 189 
ILE HG21 H N N 190 
ILE HG22 H N N 191 
ILE HG23 H N N 192 
ILE HD11 H N N 193 
ILE HD12 H N N 194 
ILE HD13 H N N 195 
ILE HXT  H N N 196 
LEU N    N N N 197 
LEU CA   C N S 198 
LEU C    C N N 199 
LEU O    O N N 200 
LEU CB   C N N 201 
LEU CG   C N N 202 
LEU CD1  C N N 203 
LEU CD2  C N N 204 
LEU OXT  O N N 205 
LEU H    H N N 206 
LEU H2   H N N 207 
LEU HA   H N N 208 
LEU HB2  H N N 209 
LEU HB3  H N N 210 
LEU HG   H N N 211 
LEU HD11 H N N 212 
LEU HD12 H N N 213 
LEU HD13 H N N 214 
LEU HD21 H N N 215 
LEU HD22 H N N 216 
LEU HD23 H N N 217 
LEU HXT  H N N 218 
LYS N    N N N 219 
LYS CA   C N S 220 
LYS C    C N N 221 
LYS O    O N N 222 
LYS CB   C N N 223 
LYS CG   C N N 224 
LYS CD   C N N 225 
LYS CE   C N N 226 
LYS NZ   N N N 227 
LYS OXT  O N N 228 
LYS H    H N N 229 
LYS H2   H N N 230 
LYS HA   H N N 231 
LYS HB2  H N N 232 
LYS HB3  H N N 233 
LYS HG2  H N N 234 
LYS HG3  H N N 235 
LYS HD2  H N N 236 
LYS HD3  H N N 237 
LYS HE2  H N N 238 
LYS HE3  H N N 239 
LYS HZ1  H N N 240 
LYS HZ2  H N N 241 
LYS HZ3  H N N 242 
LYS HXT  H N N 243 
MET N    N N N 244 
MET CA   C N S 245 
MET C    C N N 246 
MET O    O N N 247 
MET CB   C N N 248 
MET CG   C N N 249 
MET SD   S N N 250 
MET CE   C N N 251 
MET OXT  O N N 252 
MET H    H N N 253 
MET H2   H N N 254 
MET HA   H N N 255 
MET HB2  H N N 256 
MET HB3  H N N 257 
MET HG2  H N N 258 
MET HG3  H N N 259 
MET HE1  H N N 260 
MET HE2  H N N 261 
MET HE3  H N N 262 
MET HXT  H N N 263 
PHE N    N N N 264 
PHE CA   C N S 265 
PHE C    C N N 266 
PHE O    O N N 267 
PHE CB   C N N 268 
PHE CG   C Y N 269 
PHE CD1  C Y N 270 
PHE CD2  C Y N 271 
PHE CE1  C Y N 272 
PHE CE2  C Y N 273 
PHE CZ   C Y N 274 
PHE OXT  O N N 275 
PHE H    H N N 276 
PHE H2   H N N 277 
PHE HA   H N N 278 
PHE HB2  H N N 279 
PHE HB3  H N N 280 
PHE HD1  H N N 281 
PHE HD2  H N N 282 
PHE HE1  H N N 283 
PHE HE2  H N N 284 
PHE HZ   H N N 285 
PHE HXT  H N N 286 
PRO N    N N N 287 
PRO CA   C N S 288 
PRO C    C N N 289 
PRO O    O N N 290 
PRO CB   C N N 291 
PRO CG   C N N 292 
PRO CD   C N N 293 
PRO OXT  O N N 294 
PRO H    H N N 295 
PRO HA   H N N 296 
PRO HB2  H N N 297 
PRO HB3  H N N 298 
PRO HG2  H N N 299 
PRO HG3  H N N 300 
PRO HD2  H N N 301 
PRO HD3  H N N 302 
PRO HXT  H N N 303 
SER N    N N N 304 
SER CA   C N S 305 
SER C    C N N 306 
SER O    O N N 307 
SER CB   C N N 308 
SER OG   O N N 309 
SER OXT  O N N 310 
SER H    H N N 311 
SER H2   H N N 312 
SER HA   H N N 313 
SER HB2  H N N 314 
SER HB3  H N N 315 
SER HG   H N N 316 
SER HXT  H N N 317 
SO4 S    S N N 318 
SO4 O1   O N N 319 
SO4 O2   O N N 320 
SO4 O3   O N N 321 
SO4 O4   O N N 322 
THR N    N N N 323 
THR CA   C N S 324 
THR C    C N N 325 
THR O    O N N 326 
THR CB   C N R 327 
THR OG1  O N N 328 
THR CG2  C N N 329 
THR OXT  O N N 330 
THR H    H N N 331 
THR H2   H N N 332 
THR HA   H N N 333 
THR HB   H N N 334 
THR HG1  H N N 335 
THR HG21 H N N 336 
THR HG22 H N N 337 
THR HG23 H N N 338 
THR HXT  H N N 339 
TRP N    N N N 340 
TRP CA   C N S 341 
TRP C    C N N 342 
TRP O    O N N 343 
TRP CB   C N N 344 
TRP CG   C Y N 345 
TRP CD1  C Y N 346 
TRP CD2  C Y N 347 
TRP NE1  N Y N 348 
TRP CE2  C Y N 349 
TRP CE3  C Y N 350 
TRP CZ2  C Y N 351 
TRP CZ3  C Y N 352 
TRP CH2  C Y N 353 
TRP OXT  O N N 354 
TRP H    H N N 355 
TRP H2   H N N 356 
TRP HA   H N N 357 
TRP HB2  H N N 358 
TRP HB3  H N N 359 
TRP HD1  H N N 360 
TRP HE1  H N N 361 
TRP HE3  H N N 362 
TRP HZ2  H N N 363 
TRP HZ3  H N N 364 
TRP HH2  H N N 365 
TRP HXT  H N N 366 
TYR N    N N N 367 
TYR CA   C N S 368 
TYR C    C N N 369 
TYR O    O N N 370 
TYR CB   C N N 371 
TYR CG   C Y N 372 
TYR CD1  C Y N 373 
TYR CD2  C Y N 374 
TYR CE1  C Y N 375 
TYR CE2  C Y N 376 
TYR CZ   C Y N 377 
TYR OH   O N N 378 
TYR OXT  O N N 379 
TYR H    H N N 380 
TYR H2   H N N 381 
TYR HA   H N N 382 
TYR HB2  H N N 383 
TYR HB3  H N N 384 
TYR HD1  H N N 385 
TYR HD2  H N N 386 
TYR HE1  H N N 387 
TYR HE2  H N N 388 
TYR HH   H N N 389 
TYR HXT  H N N 390 
VAL N    N N N 391 
VAL CA   C N S 392 
VAL C    C N N 393 
VAL O    O N N 394 
VAL CB   C N N 395 
VAL CG1  C N N 396 
VAL CG2  C N N 397 
VAL OXT  O N N 398 
VAL H    H N N 399 
VAL H2   H N N 400 
VAL HA   H N N 401 
VAL HB   H N N 402 
VAL HG11 H N N 403 
VAL HG12 H N N 404 
VAL HG13 H N N 405 
VAL HG21 H N N 406 
VAL HG22 H N N 407 
VAL HG23 H N N 408 
VAL HXT  H N N 409 
# 
loop_
_chem_comp_bond.comp_id 
_chem_comp_bond.atom_id_1 
_chem_comp_bond.atom_id_2 
_chem_comp_bond.value_order 
_chem_comp_bond.pdbx_aromatic_flag 
_chem_comp_bond.pdbx_stereo_config 
_chem_comp_bond.pdbx_ordinal 
ALA N   CA   sing N N 1   
ALA N   H    sing N N 2   
ALA N   H2   sing N N 3   
ALA CA  C    sing N N 4   
ALA CA  CB   sing N N 5   
ALA CA  HA   sing N N 6   
ALA C   O    doub N N 7   
ALA C   OXT  sing N N 8   
ALA CB  HB1  sing N N 9   
ALA CB  HB2  sing N N 10  
ALA CB  HB3  sing N N 11  
ALA OXT HXT  sing N N 12  
ARG N   CA   sing N N 13  
ARG N   H    sing N N 14  
ARG N   H2   sing N N 15  
ARG CA  C    sing N N 16  
ARG CA  CB   sing N N 17  
ARG CA  HA   sing N N 18  
ARG C   O    doub N N 19  
ARG C   OXT  sing N N 20  
ARG CB  CG   sing N N 21  
ARG CB  HB2  sing N N 22  
ARG CB  HB3  sing N N 23  
ARG CG  CD   sing N N 24  
ARG CG  HG2  sing N N 25  
ARG CG  HG3  sing N N 26  
ARG CD  NE   sing N N 27  
ARG CD  HD2  sing N N 28  
ARG CD  HD3  sing N N 29  
ARG NE  CZ   sing N N 30  
ARG NE  HE   sing N N 31  
ARG CZ  NH1  sing N N 32  
ARG CZ  NH2  doub N N 33  
ARG NH1 HH11 sing N N 34  
ARG NH1 HH12 sing N N 35  
ARG NH2 HH21 sing N N 36  
ARG NH2 HH22 sing N N 37  
ARG OXT HXT  sing N N 38  
ASN N   CA   sing N N 39  
ASN N   H    sing N N 40  
ASN N   H2   sing N N 41  
ASN CA  C    sing N N 42  
ASN CA  CB   sing N N 43  
ASN CA  HA   sing N N 44  
ASN C   O    doub N N 45  
ASN C   OXT  sing N N 46  
ASN CB  CG   sing N N 47  
ASN CB  HB2  sing N N 48  
ASN CB  HB3  sing N N 49  
ASN CG  OD1  doub N N 50  
ASN CG  ND2  sing N N 51  
ASN ND2 HD21 sing N N 52  
ASN ND2 HD22 sing N N 53  
ASN OXT HXT  sing N N 54  
ASP N   CA   sing N N 55  
ASP N   H    sing N N 56  
ASP N   H2   sing N N 57  
ASP CA  C    sing N N 58  
ASP CA  CB   sing N N 59  
ASP CA  HA   sing N N 60  
ASP C   O    doub N N 61  
ASP C   OXT  sing N N 62  
ASP CB  CG   sing N N 63  
ASP CB  HB2  sing N N 64  
ASP CB  HB3  sing N N 65  
ASP CG  OD1  doub N N 66  
ASP CG  OD2  sing N N 67  
ASP OD2 HD2  sing N N 68  
ASP OXT HXT  sing N N 69  
CYS N   CA   sing N N 70  
CYS N   H    sing N N 71  
CYS N   H2   sing N N 72  
CYS CA  C    sing N N 73  
CYS CA  CB   sing N N 74  
CYS CA  HA   sing N N 75  
CYS C   O    doub N N 76  
CYS C   OXT  sing N N 77  
CYS CB  SG   sing N N 78  
CYS CB  HB2  sing N N 79  
CYS CB  HB3  sing N N 80  
CYS SG  HG   sing N N 81  
CYS OXT HXT  sing N N 82  
GLN N   CA   sing N N 83  
GLN N   H    sing N N 84  
GLN N   H2   sing N N 85  
GLN CA  C    sing N N 86  
GLN CA  CB   sing N N 87  
GLN CA  HA   sing N N 88  
GLN C   O    doub N N 89  
GLN C   OXT  sing N N 90  
GLN CB  CG   sing N N 91  
GLN CB  HB2  sing N N 92  
GLN CB  HB3  sing N N 93  
GLN CG  CD   sing N N 94  
GLN CG  HG2  sing N N 95  
GLN CG  HG3  sing N N 96  
GLN CD  OE1  doub N N 97  
GLN CD  NE2  sing N N 98  
GLN NE2 HE21 sing N N 99  
GLN NE2 HE22 sing N N 100 
GLN OXT HXT  sing N N 101 
GLU N   CA   sing N N 102 
GLU N   H    sing N N 103 
GLU N   H2   sing N N 104 
GLU CA  C    sing N N 105 
GLU CA  CB   sing N N 106 
GLU CA  HA   sing N N 107 
GLU C   O    doub N N 108 
GLU C   OXT  sing N N 109 
GLU CB  CG   sing N N 110 
GLU CB  HB2  sing N N 111 
GLU CB  HB3  sing N N 112 
GLU CG  CD   sing N N 113 
GLU CG  HG2  sing N N 114 
GLU CG  HG3  sing N N 115 
GLU CD  OE1  doub N N 116 
GLU CD  OE2  sing N N 117 
GLU OE2 HE2  sing N N 118 
GLU OXT HXT  sing N N 119 
GLY N   CA   sing N N 120 
GLY N   H    sing N N 121 
GLY N   H2   sing N N 122 
GLY CA  C    sing N N 123 
GLY CA  HA2  sing N N 124 
GLY CA  HA3  sing N N 125 
GLY C   O    doub N N 126 
GLY C   OXT  sing N N 127 
GLY OXT HXT  sing N N 128 
GOL C1  O1   sing N N 129 
GOL C1  C2   sing N N 130 
GOL C1  H11  sing N N 131 
GOL C1  H12  sing N N 132 
GOL O1  HO1  sing N N 133 
GOL C2  O2   sing N N 134 
GOL C2  C3   sing N N 135 
GOL C2  H2   sing N N 136 
GOL O2  HO2  sing N N 137 
GOL C3  O3   sing N N 138 
GOL C3  H31  sing N N 139 
GOL C3  H32  sing N N 140 
GOL O3  HO3  sing N N 141 
HIS N   CA   sing N N 142 
HIS N   H    sing N N 143 
HIS N   H2   sing N N 144 
HIS CA  C    sing N N 145 
HIS CA  CB   sing N N 146 
HIS CA  HA   sing N N 147 
HIS C   O    doub N N 148 
HIS C   OXT  sing N N 149 
HIS CB  CG   sing N N 150 
HIS CB  HB2  sing N N 151 
HIS CB  HB3  sing N N 152 
HIS CG  ND1  sing Y N 153 
HIS CG  CD2  doub Y N 154 
HIS ND1 CE1  doub Y N 155 
HIS ND1 HD1  sing N N 156 
HIS CD2 NE2  sing Y N 157 
HIS CD2 HD2  sing N N 158 
HIS CE1 NE2  sing Y N 159 
HIS CE1 HE1  sing N N 160 
HIS NE2 HE2  sing N N 161 
HIS OXT HXT  sing N N 162 
HOH O   H1   sing N N 163 
HOH O   H2   sing N N 164 
ILE N   CA   sing N N 165 
ILE N   H    sing N N 166 
ILE N   H2   sing N N 167 
ILE CA  C    sing N N 168 
ILE CA  CB   sing N N 169 
ILE CA  HA   sing N N 170 
ILE C   O    doub N N 171 
ILE C   OXT  sing N N 172 
ILE CB  CG1  sing N N 173 
ILE CB  CG2  sing N N 174 
ILE CB  HB   sing N N 175 
ILE CG1 CD1  sing N N 176 
ILE CG1 HG12 sing N N 177 
ILE CG1 HG13 sing N N 178 
ILE CG2 HG21 sing N N 179 
ILE CG2 HG22 sing N N 180 
ILE CG2 HG23 sing N N 181 
ILE CD1 HD11 sing N N 182 
ILE CD1 HD12 sing N N 183 
ILE CD1 HD13 sing N N 184 
ILE OXT HXT  sing N N 185 
LEU N   CA   sing N N 186 
LEU N   H    sing N N 187 
LEU N   H2   sing N N 188 
LEU CA  C    sing N N 189 
LEU CA  CB   sing N N 190 
LEU CA  HA   sing N N 191 
LEU C   O    doub N N 192 
LEU C   OXT  sing N N 193 
LEU CB  CG   sing N N 194 
LEU CB  HB2  sing N N 195 
LEU CB  HB3  sing N N 196 
LEU CG  CD1  sing N N 197 
LEU CG  CD2  sing N N 198 
LEU CG  HG   sing N N 199 
LEU CD1 HD11 sing N N 200 
LEU CD1 HD12 sing N N 201 
LEU CD1 HD13 sing N N 202 
LEU CD2 HD21 sing N N 203 
LEU CD2 HD22 sing N N 204 
LEU CD2 HD23 sing N N 205 
LEU OXT HXT  sing N N 206 
LYS N   CA   sing N N 207 
LYS N   H    sing N N 208 
LYS N   H2   sing N N 209 
LYS CA  C    sing N N 210 
LYS CA  CB   sing N N 211 
LYS CA  HA   sing N N 212 
LYS C   O    doub N N 213 
LYS C   OXT  sing N N 214 
LYS CB  CG   sing N N 215 
LYS CB  HB2  sing N N 216 
LYS CB  HB3  sing N N 217 
LYS CG  CD   sing N N 218 
LYS CG  HG2  sing N N 219 
LYS CG  HG3  sing N N 220 
LYS CD  CE   sing N N 221 
LYS CD  HD2  sing N N 222 
LYS CD  HD3  sing N N 223 
LYS CE  NZ   sing N N 224 
LYS CE  HE2  sing N N 225 
LYS CE  HE3  sing N N 226 
LYS NZ  HZ1  sing N N 227 
LYS NZ  HZ2  sing N N 228 
LYS NZ  HZ3  sing N N 229 
LYS OXT HXT  sing N N 230 
MET N   CA   sing N N 231 
MET N   H    sing N N 232 
MET N   H2   sing N N 233 
MET CA  C    sing N N 234 
MET CA  CB   sing N N 235 
MET CA  HA   sing N N 236 
MET C   O    doub N N 237 
MET C   OXT  sing N N 238 
MET CB  CG   sing N N 239 
MET CB  HB2  sing N N 240 
MET CB  HB3  sing N N 241 
MET CG  SD   sing N N 242 
MET CG  HG2  sing N N 243 
MET CG  HG3  sing N N 244 
MET SD  CE   sing N N 245 
MET CE  HE1  sing N N 246 
MET CE  HE2  sing N N 247 
MET CE  HE3  sing N N 248 
MET OXT HXT  sing N N 249 
PHE N   CA   sing N N 250 
PHE N   H    sing N N 251 
PHE N   H2   sing N N 252 
PHE CA  C    sing N N 253 
PHE CA  CB   sing N N 254 
PHE CA  HA   sing N N 255 
PHE C   O    doub N N 256 
PHE C   OXT  sing N N 257 
PHE CB  CG   sing N N 258 
PHE CB  HB2  sing N N 259 
PHE CB  HB3  sing N N 260 
PHE CG  CD1  doub Y N 261 
PHE CG  CD2  sing Y N 262 
PHE CD1 CE1  sing Y N 263 
PHE CD1 HD1  sing N N 264 
PHE CD2 CE2  doub Y N 265 
PHE CD2 HD2  sing N N 266 
PHE CE1 CZ   doub Y N 267 
PHE CE1 HE1  sing N N 268 
PHE CE2 CZ   sing Y N 269 
PHE CE2 HE2  sing N N 270 
PHE CZ  HZ   sing N N 271 
PHE OXT HXT  sing N N 272 
PRO N   CA   sing N N 273 
PRO N   CD   sing N N 274 
PRO N   H    sing N N 275 
PRO CA  C    sing N N 276 
PRO CA  CB   sing N N 277 
PRO CA  HA   sing N N 278 
PRO C   O    doub N N 279 
PRO C   OXT  sing N N 280 
PRO CB  CG   sing N N 281 
PRO CB  HB2  sing N N 282 
PRO CB  HB3  sing N N 283 
PRO CG  CD   sing N N 284 
PRO CG  HG2  sing N N 285 
PRO CG  HG3  sing N N 286 
PRO CD  HD2  sing N N 287 
PRO CD  HD3  sing N N 288 
PRO OXT HXT  sing N N 289 
SER N   CA   sing N N 290 
SER N   H    sing N N 291 
SER N   H2   sing N N 292 
SER CA  C    sing N N 293 
SER CA  CB   sing N N 294 
SER CA  HA   sing N N 295 
SER C   O    doub N N 296 
SER C   OXT  sing N N 297 
SER CB  OG   sing N N 298 
SER CB  HB2  sing N N 299 
SER CB  HB3  sing N N 300 
SER OG  HG   sing N N 301 
SER OXT HXT  sing N N 302 
SO4 S   O1   doub N N 303 
SO4 S   O2   doub N N 304 
SO4 S   O3   sing N N 305 
SO4 S   O4   sing N N 306 
THR N   CA   sing N N 307 
THR N   H    sing N N 308 
THR N   H2   sing N N 309 
THR CA  C    sing N N 310 
THR CA  CB   sing N N 311 
THR CA  HA   sing N N 312 
THR C   O    doub N N 313 
THR C   OXT  sing N N 314 
THR CB  OG1  sing N N 315 
THR CB  CG2  sing N N 316 
THR CB  HB   sing N N 317 
THR OG1 HG1  sing N N 318 
THR CG2 HG21 sing N N 319 
THR CG2 HG22 sing N N 320 
THR CG2 HG23 sing N N 321 
THR OXT HXT  sing N N 322 
TRP N   CA   sing N N 323 
TRP N   H    sing N N 324 
TRP N   H2   sing N N 325 
TRP CA  C    sing N N 326 
TRP CA  CB   sing N N 327 
TRP CA  HA   sing N N 328 
TRP C   O    doub N N 329 
TRP C   OXT  sing N N 330 
TRP CB  CG   sing N N 331 
TRP CB  HB2  sing N N 332 
TRP CB  HB3  sing N N 333 
TRP CG  CD1  doub Y N 334 
TRP CG  CD2  sing Y N 335 
TRP CD1 NE1  sing Y N 336 
TRP CD1 HD1  sing N N 337 
TRP CD2 CE2  doub Y N 338 
TRP CD2 CE3  sing Y N 339 
TRP NE1 CE2  sing Y N 340 
TRP NE1 HE1  sing N N 341 
TRP CE2 CZ2  sing Y N 342 
TRP CE3 CZ3  doub Y N 343 
TRP CE3 HE3  sing N N 344 
TRP CZ2 CH2  doub Y N 345 
TRP CZ2 HZ2  sing N N 346 
TRP CZ3 CH2  sing Y N 347 
TRP CZ3 HZ3  sing N N 348 
TRP CH2 HH2  sing N N 349 
TRP OXT HXT  sing N N 350 
TYR N   CA   sing N N 351 
TYR N   H    sing N N 352 
TYR N   H2   sing N N 353 
TYR CA  C    sing N N 354 
TYR CA  CB   sing N N 355 
TYR CA  HA   sing N N 356 
TYR C   O    doub N N 357 
TYR C   OXT  sing N N 358 
TYR CB  CG   sing N N 359 
TYR CB  HB2  sing N N 360 
TYR CB  HB3  sing N N 361 
TYR CG  CD1  doub Y N 362 
TYR CG  CD2  sing Y N 363 
TYR CD1 CE1  sing Y N 364 
TYR CD1 HD1  sing N N 365 
TYR CD2 CE2  doub Y N 366 
TYR CD2 HD2  sing N N 367 
TYR CE1 CZ   doub Y N 368 
TYR CE1 HE1  sing N N 369 
TYR CE2 CZ   sing Y N 370 
TYR CE2 HE2  sing N N 371 
TYR CZ  OH   sing N N 372 
TYR OH  HH   sing N N 373 
TYR OXT HXT  sing N N 374 
VAL N   CA   sing N N 375 
VAL N   H    sing N N 376 
VAL N   H2   sing N N 377 
VAL CA  C    sing N N 378 
VAL CA  CB   sing N N 379 
VAL CA  HA   sing N N 380 
VAL C   O    doub N N 381 
VAL C   OXT  sing N N 382 
VAL CB  CG1  sing N N 383 
VAL CB  CG2  sing N N 384 
VAL CB  HB   sing N N 385 
VAL CG1 HG11 sing N N 386 
VAL CG1 HG12 sing N N 387 
VAL CG1 HG13 sing N N 388 
VAL CG2 HG21 sing N N 389 
VAL CG2 HG22 sing N N 390 
VAL CG2 HG23 sing N N 391 
VAL OXT HXT  sing N N 392 
# 
_atom_sites.entry_id                    2JEK 
_atom_sites.fract_transf_matrix[1][1]   0.02323062 
_atom_sites.fract_transf_matrix[1][2]   0.01220136 
_atom_sites.fract_transf_matrix[1][3]   0.01434884 
_atom_sites.fract_transf_matrix[2][1]   0.00008390 
_atom_sites.fract_transf_matrix[2][2]   -0.02415456 
_atom_sites.fract_transf_matrix[2][3]   0.02040371 
_atom_sites.fract_transf_matrix[3][1]   0.01204485 
_atom_sites.fract_transf_matrix[3][2]   -0.00929283 
_atom_sites.fract_transf_matrix[3][3]   -0.01105068 
_atom_sites.fract_transf_vector[1]      0.224913 
_atom_sites.fract_transf_vector[2]      0.189318 
_atom_sites.fract_transf_vector[3]      0.744273 
# 
loop_
_atom_type.symbol 
C 
N 
O 
S 
# 
loop_
_atom_site.group_PDB 
_atom_site.id 
_atom_site.type_symbol 
_atom_site.label_atom_id 
_atom_site.label_alt_id 
_atom_site.label_comp_id 
_atom_site.label_asym_id 
_atom_site.label_entity_id 
_atom_site.label_seq_id 
_atom_site.pdbx_PDB_ins_code 
_atom_site.Cartn_x 
_atom_site.Cartn_y 
_atom_site.Cartn_z 
_atom_site.occupancy 
_atom_site.B_iso_or_equiv 
_atom_site.pdbx_formal_charge 
_atom_site.auth_seq_id 
_atom_site.auth_comp_id 
_atom_site.auth_asym_id 
_atom_site.auth_atom_id 
_atom_site.pdbx_PDB_model_num 
ATOM   1    N N   . ASP A 1 6   ? 12.714  -7.101  15.799  1.00 21.12 ? 6    ASP A N   1 
ATOM   2    C CA  . ASP A 1 6   ? 12.285  -6.427  14.527  1.00 19.67 ? 6    ASP A CA  1 
ATOM   3    C C   . ASP A 1 6   ? 13.169  -6.870  13.358  1.00 19.00 ? 6    ASP A C   1 
ATOM   4    O O   . ASP A 1 6   ? 13.865  -6.044  12.755  1.00 18.49 ? 6    ASP A O   1 
ATOM   5    C CB  . ASP A 1 6   ? 12.329  -4.898  14.695  1.00 19.63 ? 6    ASP A CB  1 
ATOM   6    C CG  . ASP A 1 6   ? 11.698  -4.145  13.517  1.00 19.30 ? 6    ASP A CG  1 
ATOM   7    O OD1 . ASP A 1 6   ? 10.893  -4.747  12.772  1.00 18.40 ? 6    ASP A OD1 1 
ATOM   8    O OD2 . ASP A 1 6   ? 12.025  -2.951  13.335  1.00 18.97 ? 6    ASP A OD2 1 
ATOM   9    N N   . PRO A 1 7   ? 13.130  -8.177  13.016  1.00 18.29 ? 7    PRO A N   1 
ATOM   10   C CA  . PRO A 1 7   ? 14.029  -8.724  11.993  1.00 17.61 ? 7    PRO A CA  1 
ATOM   11   C C   . PRO A 1 7   ? 13.867  -8.096  10.603  1.00 16.56 ? 7    PRO A C   1 
ATOM   12   O O   . PRO A 1 7   ? 14.820  -8.073  9.820   1.00 16.66 ? 7    PRO A O   1 
ATOM   13   C CB  . PRO A 1 7   ? 13.656  -10.216 11.950  1.00 18.50 ? 7    PRO A CB  1 
ATOM   14   C CG  . PRO A 1 7   ? 12.302  -10.291 12.515  1.00 18.48 ? 7    PRO A CG  1 
ATOM   15   C CD  . PRO A 1 7   ? 12.234  -9.219  13.554  1.00 18.87 ? 7    PRO A CD  1 
ATOM   16   N N   . PHE A 1 8   ? 12.671  -7.587  10.301  1.00 14.29 ? 8    PHE A N   1 
ATOM   17   C CA  . PHE A 1 8   ? 12.430  -6.955  8.998   1.00 13.04 ? 8    PHE A CA  1 
ATOM   18   C C   . PHE A 1 8   ? 12.629  -5.435  8.995   1.00 12.04 ? 8    PHE A C   1 
ATOM   19   O O   . PHE A 1 8   ? 12.387  -4.789  7.978   1.00 11.97 ? 8    PHE A O   1 
ATOM   20   C CB  . PHE A 1 8   ? 11.025  -7.280  8.494   1.00 12.95 ? 8    PHE A CB  1 
ATOM   21   C CG  . PHE A 1 8   ? 10.811  -8.734  8.174   1.00 11.93 ? 8    PHE A CG  1 
ATOM   22   C CD1 . PHE A 1 8   ? 11.362  -9.302  7.031   1.00 13.31 ? 8    PHE A CD1 1 
ATOM   23   C CD2 . PHE A 1 8   ? 10.049  -9.530  9.019   1.00 14.96 ? 8    PHE A CD2 1 
ATOM   24   C CE1 . PHE A 1 8   ? 11.143  -10.642 6.729   1.00 14.80 ? 8    PHE A CE1 1 
ATOM   25   C CE2 . PHE A 1 8   ? 9.836   -10.881 8.733   1.00 15.72 ? 8    PHE A CE2 1 
ATOM   26   C CZ  . PHE A 1 8   ? 10.384  -11.432 7.585   1.00 14.20 ? 8    PHE A CZ  1 
ATOM   27   N N   . ASP A 1 9   ? 13.068  -4.866  10.115  1.00 12.04 ? 9    ASP A N   1 
ATOM   28   C CA  . ASP A 1 9   ? 13.239  -3.408  10.213  1.00 12.06 ? 9    ASP A CA  1 
ATOM   29   C C   . ASP A 1 9   ? 11.925  -2.672  9.876   1.00 11.07 ? 9    ASP A C   1 
ATOM   30   O O   . ASP A 1 9   ? 11.911  -1.667  9.144   1.00 10.52 ? 9    ASP A O   1 
ATOM   31   C CB  . ASP A 1 9   ? 14.409  -2.938  9.332   1.00 12.69 ? 9    ASP A CB  1 
ATOM   32   C CG  . ASP A 1 9   ? 14.772  -1.474  9.549   1.00 14.16 ? 9    ASP A CG  1 
ATOM   33   O OD1 . ASP A 1 9   ? 14.512  -0.947  10.650  1.00 16.82 ? 9    ASP A OD1 1 
ATOM   34   O OD2 . ASP A 1 9   ? 15.314  -0.861  8.608   1.00 16.94 ? 9    ASP A OD2 1 
ATOM   35   N N   . LEU A 1 10  ? 10.822  -3.177  10.415  1.00 11.20 ? 10   LEU A N   1 
ATOM   36   C CA  . LEU A 1 10  ? 9.516   -2.541  10.217  1.00 10.86 ? 10   LEU A CA  1 
ATOM   37   C C   . LEU A 1 10  ? 9.488   -1.171  10.869  1.00 11.39 ? 10   LEU A C   1 
ATOM   38   O O   . LEU A 1 10  ? 8.683   -0.313  10.498  1.00 11.68 ? 10   LEU A O   1 
ATOM   39   C CB  . LEU A 1 10  ? 8.367   -3.402  10.750  1.00 10.84 ? 10   LEU A CB  1 
ATOM   40   C CG  . LEU A 1 10  ? 8.189   -4.747  10.039  1.00 12.74 ? 10   LEU A CG  1 
ATOM   41   C CD1 . LEU A 1 10  ? 7.088   -5.532  10.739  1.00 11.81 ? 10   LEU A CD1 1 
ATOM   42   C CD2 . LEU A 1 10  ? 7.891   -4.590  8.542   1.00 14.11 ? 10   LEU A CD2 1 
ATOM   43   N N   . LYS A 1 11  ? 10.372  -0.948  11.840  1.00 11.58 ? 11   LYS A N   1 
ATOM   44   C CA  . LYS A 1 11  ? 10.441  0.366   12.460  1.00 13.05 ? 11   LYS A CA  1 
ATOM   45   C C   . LYS A 1 11  ? 10.667  1.487   11.433  1.00 11.14 ? 11   LYS A C   1 
ATOM   46   O O   . LYS A 1 11  ? 10.226  2.617   11.652  1.00 11.03 ? 11   LYS A O   1 
ATOM   47   C CB  . LYS A 1 11  ? 11.463  0.401   13.602  1.00 13.78 ? 11   LYS A CB  1 
ATOM   48   C CG  . LYS A 1 11  ? 12.922  0.383   13.176  1.00 16.51 ? 11   LYS A CG  1 
ATOM   49   C CD  . LYS A 1 11  ? 13.851  0.555   14.373  1.00 18.35 ? 11   LYS A CD  1 
ATOM   50   C CE  . LYS A 1 11  ? 15.303  0.345   13.991  1.00 23.50 ? 11   LYS A CE  1 
ATOM   51   N NZ  . LYS A 1 11  ? 15.848  1.394   13.094  1.00 32.92 ? 11   LYS A NZ  1 
ATOM   52   N N   . ARG A 1 12  ? 11.321  1.180   10.307  1.00 9.50  ? 12   ARG A N   1 
ATOM   53   C CA  . ARG A 1 12  ? 11.542  2.190   9.281   1.00 9.01  ? 12   ARG A CA  1 
ATOM   54   C C   . ARG A 1 12  ? 10.210  2.789   8.812   1.00 8.99  ? 12   ARG A C   1 
ATOM   55   O O   . ARG A 1 12  ? 10.125  3.991   8.549   1.00 9.36  ? 12   ARG A O   1 
ATOM   56   C CB  . ARG A 1 12  ? 12.370  1.636   8.107   1.00 9.35  ? 12   ARG A CB  1 
ATOM   57   C CG  . ARG A 1 12  ? 11.651  0.752   7.072   1.00 8.44  ? 12   ARG A CG  1 
ATOM   58   C CD  . ARG A 1 12  ? 12.706  0.145   6.151   1.00 10.15 ? 12   ARG A CD  1 
ATOM   59   N NE  . ARG A 1 12  ? 12.178  -0.653  5.042   1.00 9.26  ? 12   ARG A NE  1 
ATOM   60   C CZ  . ARG A 1 12  ? 11.720  -1.902  5.160   1.00 9.80  ? 12   ARG A CZ  1 
ATOM   61   N NH1 . ARG A 1 12  ? 11.664  -2.487  6.344   1.00 9.12  ? 12   ARG A NH1 1 
ATOM   62   N NH2 . ARG A 1 12  ? 11.277  -2.563  4.092   1.00 9.71  ? 12   ARG A NH2 1 
ATOM   63   N N   . PHE A 1 13  ? 9.170   1.960   8.750   1.00 9.16  ? 13   PHE A N   1 
ATOM   64   C CA  . PHE A 1 13  ? 7.861   2.452   8.332   1.00 8.36  ? 13   PHE A CA  1 
ATOM   65   C C   . PHE A 1 13  ? 7.208   3.273   9.439   1.00 7.92  ? 13   PHE A C   1 
ATOM   66   O O   . PHE A 1 13  ? 6.620   4.318   9.176   1.00 8.15  ? 13   PHE A O   1 
ATOM   67   C CB  . PHE A 1 13  ? 6.939   1.309   7.913   1.00 7.34  ? 13   PHE A CB  1 
ATOM   68   C CG  . PHE A 1 13  ? 7.399   0.563   6.690   1.00 6.50  ? 13   PHE A CG  1 
ATOM   69   C CD1 . PHE A 1 13  ? 7.224   1.105   5.421   1.00 6.01  ? 13   PHE A CD1 1 
ATOM   70   C CD2 . PHE A 1 13  ? 7.962   -0.701  6.812   1.00 7.91  ? 13   PHE A CD2 1 
ATOM   71   C CE1 . PHE A 1 13  ? 7.641   0.406   4.301   1.00 5.95  ? 13   PHE A CE1 1 
ATOM   72   C CE2 . PHE A 1 13  ? 8.380   -1.419  5.700   1.00 7.75  ? 13   PHE A CE2 1 
ATOM   73   C CZ  . PHE A 1 13  ? 8.200   -0.863  4.439   1.00 6.16  ? 13   PHE A CZ  1 
ATOM   74   N N   . VAL A 1 14  ? 7.334   2.810   10.682  1.00 7.93  ? 14   VAL A N   1 
ATOM   75   C CA  . VAL A 1 14  ? 6.750   3.537   11.803  1.00 8.15  ? 14   VAL A CA  1 
ATOM   76   C C   . VAL A 1 14  ? 7.316   4.957   11.872  1.00 7.97  ? 14   VAL A C   1 
ATOM   77   O O   . VAL A 1 14  ? 6.566   5.908   12.012  1.00 8.73  ? 14   VAL A O   1 
ATOM   78   C CB  . VAL A 1 14  ? 6.981   2.800   13.152  1.00 9.16  ? 14   VAL A CB  1 
ATOM   79   C CG1 . VAL A 1 14  ? 6.505   3.650   14.332  1.00 10.11 ? 14   VAL A CG1 1 
ATOM   80   C CG2 . VAL A 1 14  ? 6.286   1.437   13.153  1.00 9.15  ? 14   VAL A CG2 1 
ATOM   81   N N   . TYR A 1 15  ? 8.634   5.087   11.748  1.00 8.12  ? 15   TYR A N   1 
ATOM   82   C CA  . TYR A 1 15  ? 9.266   6.388   11.877  1.00 8.60  ? 15   TYR A CA  1 
ATOM   83   C C   . TYR A 1 15  ? 9.042   7.290   10.669  1.00 8.01  ? 15   TYR A C   1 
ATOM   84   O O   . TYR A 1 15  ? 8.977   8.500   10.823  1.00 8.80  ? 15   TYR A O   1 
ATOM   85   C CB  . TYR A 1 15  ? 10.768  6.247   12.181  1.00 9.73  ? 15   TYR A CB  1 
ATOM   86   C CG  . TYR A 1 15  ? 11.099  5.406   13.403  1.00 12.14 ? 15   TYR A CG  1 
ATOM   87   C CD1 . TYR A 1 15  ? 10.336  5.488   14.555  1.00 13.91 ? 15   TYR A CD1 1 
ATOM   88   C CD2 . TYR A 1 15  ? 12.189  4.549   13.394  1.00 14.99 ? 15   TYR A CD2 1 
ATOM   89   C CE1 . TYR A 1 15  ? 10.637  4.713   15.678  1.00 14.80 ? 15   TYR A CE1 1 
ATOM   90   C CE2 . TYR A 1 15  ? 12.516  3.787   14.513  1.00 15.28 ? 15   TYR A CE2 1 
ATOM   91   C CZ  . TYR A 1 15  ? 11.737  3.881   15.644  1.00 13.69 ? 15   TYR A CZ  1 
ATOM   92   O OH  . TYR A 1 15  ? 12.032  3.130   16.753  1.00 17.73 ? 15   TYR A OH  1 
ATOM   93   N N   . ALA A 1 16  ? 8.954   6.707   9.472   1.00 7.73  ? 16   ALA A N   1 
ATOM   94   C CA  . ALA A 1 16  ? 8.622   7.485   8.267   1.00 7.82  ? 16   ALA A CA  1 
ATOM   95   C C   . ALA A 1 16  ? 7.194   8.014   8.350   1.00 7.90  ? 16   ALA A C   1 
ATOM   96   O O   . ALA A 1 16  ? 6.910   9.144   7.956   1.00 8.61  ? 16   ALA A O   1 
ATOM   97   C CB  . ALA A 1 16  ? 8.797   6.639   7.004   1.00 8.23  ? 16   ALA A CB  1 
ATOM   98   N N   . GLN A 1 17  ? 6.297   7.187   8.871   1.00 7.56  ? 17   GLN A N   1 
ATOM   99   C CA  . GLN A 1 17  ? 4.905   7.592   9.002   1.00 7.44  ? 17   GLN A CA  1 
ATOM   100  C C   . GLN A 1 17  ? 4.680   8.672   10.055  1.00 9.17  ? 17   GLN A C   1 
ATOM   101  O O   . GLN A 1 17  ? 3.786   9.501   9.911   1.00 8.86  ? 17   GLN A O   1 
ATOM   102  C CB  . GLN A 1 17  ? 4.011   6.388   9.312   1.00 7.93  ? 17   GLN A CB  1 
ATOM   103  C CG  . GLN A 1 17  ? 3.814   5.423   8.143   1.00 7.33  ? 17   GLN A CG  1 
ATOM   104  C CD  . GLN A 1 17  ? 2.924   4.250   8.521   1.00 8.71  ? 17   GLN A CD  1 
ATOM   105  O OE1 . GLN A 1 17  ? 2.420   4.183   9.635   1.00 9.52  ? 17   GLN A OE1 1 
ATOM   106  N NE2 . GLN A 1 17  ? 2.747   3.314   7.599   1.00 8.15  ? 17   GLN A NE2 1 
ATOM   107  N N   . ALA A 1 18  ? 5.484   8.669   11.113  1.00 9.36  ? 18   ALA A N   1 
ATOM   108  C CA  . ALA A 1 18  ? 5.180   9.522   12.270  1.00 10.57 ? 18   ALA A CA  1 
ATOM   109  C C   . ALA A 1 18  ? 4.920   10.996  11.947  1.00 11.19 ? 18   ALA A C   1 
ATOM   110  O O   . ALA A 1 18  ? 3.878   11.507  12.348  1.00 11.85 ? 18   ALA A O   1 
ATOM   111  C CB  . ALA A 1 18  ? 6.227   9.381   13.368  1.00 11.43 ? 18   ALA A CB  1 
ATOM   112  N N   . PRO A 1 19  ? 5.840   11.660  11.208  1.00 11.52 ? 19   PRO A N   1 
ATOM   113  C CA  . PRO A 1 19  ? 5.642   13.106  10.954  1.00 11.76 ? 19   PRO A CA  1 
ATOM   114  C C   . PRO A 1 19  ? 4.475   13.449  10.045  1.00 12.14 ? 19   PRO A C   1 
ATOM   115  O O   . PRO A 1 19  ? 4.062   14.623  9.996   1.00 13.24 ? 19   PRO A O   1 
ATOM   116  C CB  . PRO A 1 19  ? 6.947   13.535  10.259  1.00 11.98 ? 19   PRO A CB  1 
ATOM   117  C CG  . PRO A 1 19  ? 7.921   12.441  10.537  1.00 13.44 ? 19   PRO A CG  1 
ATOM   118  C CD  . PRO A 1 19  ? 7.108   11.187  10.621  1.00 12.14 ? 19   PRO A CD  1 
ATOM   119  N N   . VAL A 1 20  ? 3.961   12.462  9.316   1.00 10.54 ? 20   VAL A N   1 
ATOM   120  C CA  . VAL A 1 20  ? 2.956   12.748  8.286   1.00 10.79 ? 20   VAL A CA  1 
ATOM   121  C C   . VAL A 1 20  ? 1.619   12.010  8.427   1.00 10.03 ? 20   VAL A C   1 
ATOM   122  O O   . VAL A 1 20  ? 0.688   12.294  7.679   1.00 9.09  ? 20   VAL A O   1 
ATOM   123  C CB  . VAL A 1 20  ? 3.496   12.489  6.862   1.00 12.45 ? 20   VAL A CB  1 
ATOM   124  C CG1 . VAL A 1 20  ? 4.727   13.369  6.575   1.00 13.81 ? 20   VAL A CG1 1 
ATOM   125  C CG2 . VAL A 1 20  ? 3.810   11.010  6.668   1.00 12.40 ? 20   VAL A CG2 1 
ATOM   126  N N   . TYR A 1 21  ? 1.513   11.069  9.365   1.00 9.08  ? 21   TYR A N   1 
ATOM   127  C CA  . TYR A 1 21  ? 0.363   10.169  9.330   1.00 8.98  ? 21   TYR A CA  1 
ATOM   128  C C   . TYR A 1 21  ? -0.985  10.874  9.472   1.00 8.61  ? 21   TYR A C   1 
ATOM   129  O O   . TYR A 1 21  ? -1.959  10.501  8.805   1.00 8.61  ? 21   TYR A O   1 
ATOM   130  C CB  . TYR A 1 21  ? 0.488   8.990   10.315  1.00 9.75  ? 21   TYR A CB  1 
ATOM   131  C CG  . TYR A 1 21  ? -0.542  7.926   10.002  1.00 8.69  ? 21   TYR A CG  1 
ATOM   132  C CD1 . TYR A 1 21  ? -0.476  7.201   8.806   1.00 9.46  ? 21   TYR A CD1 1 
ATOM   133  C CD2 . TYR A 1 21  ? -1.622  7.698   10.858  1.00 9.23  ? 21   TYR A CD2 1 
ATOM   134  C CE1 . TYR A 1 21  ? -1.429  6.251   8.497   1.00 8.68  ? 21   TYR A CE1 1 
ATOM   135  C CE2 . TYR A 1 21  ? -2.591  6.737   10.552  1.00 9.39  ? 21   TYR A CE2 1 
ATOM   136  C CZ  . TYR A 1 21  ? -2.487  6.033   9.365   1.00 8.38  ? 21   TYR A CZ  1 
ATOM   137  O OH  . TYR A 1 21  ? -3.428  5.089   9.033   1.00 11.61 ? 21   TYR A OH  1 
ATOM   138  N N   . ARG A 1 22  ? -1.050  11.891  10.329  1.00 8.82  ? 22   ARG A N   1 
ATOM   139  C CA  . ARG A 1 22  ? -2.323  12.600  10.448  1.00 8.51  ? 22   ARG A CA  1 
ATOM   140  C C   . ARG A 1 22  ? -2.695  13.246  9.113   1.00 8.23  ? 22   ARG A C   1 
ATOM   141  O O   . ARG A 1 22  ? -3.855  13.206  8.716   1.00 8.86  ? 22   ARG A O   1 
ATOM   142  C CB  . ARG A 1 22  ? -2.314  13.645  11.566  1.00 9.35  ? 22   ARG A CB  1 
ATOM   143  C CG  . ARG A 1 22  ? -3.656  14.385  11.733  1.00 10.48 ? 22   ARG A CG  1 
ATOM   144  C CD  . ARG A 1 22  ? -4.741  13.443  12.230  1.00 14.93 ? 22   ARG A CD  1 
ATOM   145  N NE  . ARG A 1 22  ? -6.052  14.085  12.336  1.00 18.23 ? 22   ARG A NE  1 
ATOM   146  C CZ  . ARG A 1 22  ? -7.083  13.557  12.988  1.00 27.59 ? 22   ARG A CZ  1 
ATOM   147  N NH1 . ARG A 1 22  ? -6.953  12.382  13.599  1.00 29.64 ? 22   ARG A NH1 1 
ATOM   148  N NH2 . ARG A 1 22  ? -8.243  14.204  13.033  1.00 30.73 ? 22   ARG A NH2 1 
ATOM   149  N N   . SER A 1 23  ? -1.713  13.799  8.400   1.00 8.29  ? 23   SER A N   1 
ATOM   150  C CA  . SER A 1 23  ? -2.019  14.420  7.110   1.00 9.02  ? 23   SER A CA  1 
ATOM   151  C C   . SER A 1 23  ? -2.454  13.363  6.090   1.00 9.03  ? 23   SER A C   1 
ATOM   152  O O   . SER A 1 23  ? -3.313  13.611  5.252   1.00 10.04 ? 23   SER A O   1 
ATOM   153  C CB  . SER A 1 23  ? -0.828  15.241  6.602   1.00 9.60  ? 23   SER A CB  1 
ATOM   154  O OG  . SER A 1 23  ? 0.283   14.439  6.253   1.00 12.93 ? 23   SER A OG  1 
ATOM   155  N N   . VAL A 1 24  ? -1.857  12.177  6.171   1.00 8.09  ? 24   VAL A N   1 
ATOM   156  C CA  . VAL A 1 24  ? -2.258  11.065  5.315   1.00 8.47  ? 24   VAL A CA  1 
ATOM   157  C C   . VAL A 1 24  ? -3.735  10.751  5.500   1.00 9.00  ? 24   VAL A C   1 
ATOM   158  O O   . VAL A 1 24  ? -4.498  10.687  4.526   1.00 8.99  ? 24   VAL A O   1 
ATOM   159  C CB  . VAL A 1 24  ? -1.433  9.809   5.637   1.00 8.28  ? 24   VAL A CB  1 
ATOM   160  C CG1 . VAL A 1 24  ? -1.971  8.586   4.864   1.00 9.01  ? 24   VAL A CG1 1 
ATOM   161  C CG2 . VAL A 1 24  ? 0.022   10.049  5.314   1.00 8.97  ? 24   VAL A CG2 1 
ATOM   162  N N   . VAL A 1 25  ? -4.123  10.554  6.758   1.00 9.24  ? 25   VAL A N   1 
ATOM   163  C CA  . VAL A 1 25  ? -5.508  10.267  7.127   1.00 11.19 ? 25   VAL A CA  1 
ATOM   164  C C   . VAL A 1 25  ? -6.449  11.370  6.645   1.00 10.99 ? 25   VAL A C   1 
ATOM   165  O O   . VAL A 1 25  ? -7.495  11.077  6.055   1.00 10.91 ? 25   VAL A O   1 
ATOM   166  C CB  . VAL A 1 25  ? -5.627  10.002  8.659   1.00 11.31 ? 25   VAL A CB  1 
ATOM   167  C CG1 . VAL A 1 25  ? -7.071  10.013  9.129   1.00 13.90 ? 25   VAL A CG1 1 
ATOM   168  C CG2 . VAL A 1 25  ? -4.976  8.659   8.994   1.00 13.91 ? 25   VAL A CG2 1 
ATOM   169  N N   . GLU A 1 26  ? -6.053  12.628  6.838   1.00 11.17 ? 26   GLU A N   1 
ATOM   170  C CA  . GLU A 1 26  ? -6.904  13.737  6.417   1.00 11.31 ? 26   GLU A CA  1 
ATOM   171  C C   . GLU A 1 26  ? -7.054  13.781  4.898   1.00 11.15 ? 26   GLU A C   1 
ATOM   172  O O   . GLU A 1 26  ? -8.150  13.999  4.387   1.00 11.68 ? 26   GLU A O   1 
ATOM   173  C CB  . GLU A 1 26  ? -6.395  15.078  6.964   1.00 12.00 ? 26   GLU A CB  1 
ATOM   174  C CG  . GLU A 1 26  ? -6.285  15.148  8.504   1.00 14.84 ? 26   GLU A CG  1 
ATOM   175  C CD  . GLU A 1 26  ? -7.623  15.331  9.216   1.00 19.72 ? 26   GLU A CD  1 
ATOM   176  O OE1 . GLU A 1 26  ? -8.676  15.315  8.548   1.00 16.69 ? 26   GLU A OE1 1 
ATOM   177  O OE2 . GLU A 1 26  ? -7.612  15.495  10.458  1.00 23.11 ? 26   GLU A OE2 1 
ATOM   178  N N   . GLU A 1 27  ? -5.962  13.540  4.175   1.00 9.95  ? 27   GLU A N   1 
ATOM   179  C CA  . GLU A 1 27  ? -5.983  13.537  2.714   1.00 10.26 ? 27   GLU A CA  1 
ATOM   180  C C   . GLU A 1 27  ? -6.852  12.412  2.170   1.00 10.43 ? 27   GLU A C   1 
ATOM   181  O O   . GLU A 1 27  ? -7.624  12.612  1.223   1.00 12.35 ? 27   GLU A O   1 
ATOM   182  C CB  . GLU A 1 27  ? -4.552  13.438  2.168   1.00 8.97  ? 27   GLU A CB  1 
ATOM   183  C CG  . GLU A 1 27  ? -3.837  14.762  2.310   1.00 9.05  ? 27   GLU A CG  1 
ATOM   184  C CD  . GLU A 1 27  ? -2.356  14.693  2.114   1.00 11.14 ? 27   GLU A CD  1 
ATOM   185  O OE1 . GLU A 1 27  ? -1.871  13.783  1.403   1.00 10.14 ? 27   GLU A OE1 1 
ATOM   186  O OE2 . GLU A 1 27  ? -1.677  15.593  2.656   1.00 12.40 ? 27   GLU A OE2 1 
ATOM   187  N N   . LEU A 1 28  ? -6.733  11.228  2.766   1.00 10.97 ? 28   LEU A N   1 
ATOM   188  C CA  . LEU A 1 28  ? -7.542  10.101  2.322   1.00 11.22 ? 28   LEU A CA  1 
ATOM   189  C C   . LEU A 1 28  ? -9.010  10.255  2.726   1.00 12.61 ? 28   LEU A C   1 
ATOM   190  O O   . LEU A 1 28  ? -9.891  9.903   1.939   1.00 14.31 ? 28   LEU A O   1 
ATOM   191  C CB  . LEU A 1 28  ? -6.951  8.781   2.814   1.00 10.74 ? 28   LEU A CB  1 
ATOM   192  C CG  . LEU A 1 28  ? -5.545  8.452   2.295   1.00 9.27  ? 28   LEU A CG  1 
ATOM   193  C CD1 . LEU A 1 28  ? -5.108  7.112   2.887   1.00 10.06 ? 28   LEU A CD1 1 
ATOM   194  C CD2 . LEU A 1 28  ? -5.459  8.439   0.757   1.00 12.16 ? 28   LEU A CD2 1 
ATOM   195  N N   . ARG A 1 29  ? -9.267  10.786  3.929   1.00 13.64 ? 29   ARG A N   1 
ATOM   196  C CA  . ARG A 1 29  ? -10.641 11.136  4.345   1.00 14.95 ? 29   ARG A CA  1 
ATOM   197  C C   . ARG A 1 29  ? -11.296 12.095  3.350   1.00 16.01 ? 29   ARG A C   1 
ATOM   198  O O   . ARG A 1 29  ? -12.495 11.981  3.077   1.00 17.14 ? 29   ARG A O   1 
ATOM   199  C CB  . ARG A 1 29  ? -10.671 11.757  5.749   1.00 14.90 ? 29   ARG A CB  1 
ATOM   200  C CG  . ARG A 1 29  ? -10.501 10.767  6.894   1.00 15.06 ? 29   ARG A CG  1 
ATOM   201  C CD  . ARG A 1 29  ? -10.566 11.434  8.270   1.00 15.99 ? 29   ARG A CD  1 
ATOM   202  N NE  . ARG A 1 29  ? -10.351 10.470  9.354   1.00 16.30 ? 29   ARG A NE  1 
ATOM   203  C CZ  . ARG A 1 29  ? -10.236 10.787  10.643  1.00 18.96 ? 29   ARG A CZ  1 
ATOM   204  N NH1 . ARG A 1 29  ? -10.313 12.058  11.036  1.00 22.77 ? 29   ARG A NH1 1 
ATOM   205  N NH2 . ARG A 1 29  ? -10.038 9.830   11.551  1.00 20.49 ? 29   ARG A NH2 1 
ATOM   206  N N   . ALA A 1 30  ? -10.511 13.035  2.824   1.00 16.15 ? 30   ALA A N   1 
ATOM   207  C CA  . ALA A 1 30  ? -11.007 14.044  1.877   1.00 16.48 ? 30   ALA A CA  1 
ATOM   208  C C   . ALA A 1 30  ? -11.029 13.554  0.424   1.00 16.71 ? 30   ALA A C   1 
ATOM   209  O O   . ALA A 1 30  ? -11.542 14.239  -0.467  1.00 18.12 ? 30   ALA A O   1 
ATOM   210  C CB  . ALA A 1 30  ? -10.190 15.336  1.994   1.00 17.48 ? 30   ALA A CB  1 
ATOM   211  N N   . GLY A 1 31  ? -10.449 12.384  0.172   1.00 15.08 ? 31   GLY A N   1 
ATOM   212  C CA  . GLY A 1 31  ? -10.448 11.801  -1.165  1.00 14.57 ? 31   GLY A CA  1 
ATOM   213  C C   . GLY A 1 31  ? -9.394  12.282  -2.158  1.00 14.24 ? 31   GLY A C   1 
ATOM   214  O O   . GLY A 1 31  ? -9.563  12.136  -3.374  1.00 14.31 ? 31   GLY A O   1 
ATOM   215  N N   . ARG A 1 32  ? -8.295  12.851  -1.666  1.00 14.32 ? 32   ARG A N   1 
ATOM   216  C CA  . ARG A 1 32  ? -7.213  13.232  -2.571  1.00 14.42 ? 32   ARG A CA  1 
ATOM   217  C C   . ARG A 1 32  ? -5.864  13.308  -1.873  1.00 13.29 ? 32   ARG A C   1 
ATOM   218  O O   . ARG A 1 32  ? -5.688  14.084  -0.927  1.00 13.89 ? 32   ARG A O   1 
ATOM   219  C CB  . ARG A 1 32  ? -7.522  14.554  -3.272  1.00 16.54 ? 32   ARG A CB  1 
ATOM   220  C CG  . ARG A 1 32  ? -6.469  14.996  -4.263  1.00 20.26 ? 32   ARG A CG  1 
ATOM   221  C CD  . ARG A 1 32  ? -7.079  16.003  -5.191  1.00 26.96 ? 32   ARG A CD  1 
ATOM   222  N NE  . ARG A 1 32  ? -6.381  17.280  -5.148  1.00 33.91 ? 32   ARG A NE  1 
ATOM   223  C CZ  . ARG A 1 32  ? -6.997  18.457  -5.105  1.00 37.04 ? 32   ARG A CZ  1 
ATOM   224  N NH1 . ARG A 1 32  ? -8.326  18.517  -5.077  1.00 37.58 ? 32   ARG A NH1 1 
ATOM   225  N NH2 . ARG A 1 32  ? -6.285  19.574  -5.073  1.00 37.38 ? 32   ARG A NH2 1 
ATOM   226  N N   . LYS A 1 33  ? -4.930  12.505  -2.368  1.00 12.49 ? 33   LYS A N   1 
ATOM   227  C CA  . LYS A 1 33  ? -3.553  12.521  -1.895  1.00 11.91 ? 33   LYS A CA  1 
ATOM   228  C C   . LYS A 1 33  ? -2.833  13.796  -2.337  1.00 12.60 ? 33   LYS A C   1 
ATOM   229  O O   . LYS A 1 33  ? -2.889  14.193  -3.516  1.00 13.35 ? 33   LYS A O   1 
ATOM   230  C CB  . LYS A 1 33  ? -2.790  11.289  -2.390  1.00 11.72 ? 33   LYS A CB  1 
ATOM   231  C CG  . LYS A 1 33  ? -1.269  11.373  -2.179  1.00 12.33 ? 33   LYS A CG  1 
ATOM   232  C CD  . LYS A 1 33  ? -0.577  10.048  -2.494  1.00 12.10 ? 33   LYS A CD  1 
ATOM   233  C CE  . LYS A 1 33  ? 0.902   10.084  -2.140  1.00 12.73 ? 33   LYS A CE  1 
ATOM   234  N NZ  . LYS A 1 33  ? 1.706   10.866  -3.127  1.00 14.84 ? 33   LYS A NZ  1 
ATOM   235  N N   . ARG A 1 34  ? -2.148  14.420  -1.382  1.00 12.08 ? 34   ARG A N   1 
ATOM   236  C CA  . ARG A 1 34  ? -1.381  15.645  -1.640  1.00 12.43 ? 34   ARG A CA  1 
ATOM   237  C C   . ARG A 1 34  ? 0.093   15.531  -1.245  1.00 12.66 ? 34   ARG A C   1 
ATOM   238  O O   . ARG A 1 34  ? 0.953   16.148  -1.869  1.00 14.58 ? 34   ARG A O   1 
ATOM   239  C CB  . ARG A 1 34  ? -2.003  16.825  -0.893  1.00 12.10 ? 34   ARG A CB  1 
ATOM   240  C CG  . ARG A 1 34  ? -3.471  17.077  -1.183  1.00 12.47 ? 34   ARG A CG  1 
ATOM   241  C CD  . ARG A 1 34  ? -3.976  18.257  -0.371  1.00 17.63 ? 34   ARG A CD  1 
ATOM   242  N NE  . ARG A 1 34  ? -5.422  18.437  -0.487  1.00 19.67 ? 34   ARG A NE  1 
ATOM   243  C CZ  . ARG A 1 34  ? -6.017  19.401  -1.185  1.00 22.40 ? 34   ARG A CZ  1 
ATOM   244  N NH1 . ARG A 1 34  ? -5.304  20.303  -1.849  1.00 22.79 ? 34   ARG A NH1 1 
ATOM   245  N NH2 . ARG A 1 34  ? -7.342  19.468  -1.207  1.00 23.18 ? 34   ARG A NH2 1 
ATOM   246  N N   . GLY A 1 35  ? 0.379   14.769  -0.192  1.00 12.28 ? 35   GLY A N   1 
ATOM   247  C CA  . GLY A 1 35  ? 1.719   14.716  0.384   1.00 13.08 ? 35   GLY A CA  1 
ATOM   248  C C   . GLY A 1 35  ? 2.644   13.684  -0.240  1.00 13.75 ? 35   GLY A C   1 
ATOM   249  O O   . GLY A 1 35  ? 2.227   12.884  -1.088  1.00 14.98 ? 35   GLY A O   1 
ATOM   250  N N   . HIS A 1 36  ? 3.902   13.704  0.205   1.00 14.02 ? 36   HIS A N   1 
ATOM   251  C CA  . HIS A 1 36  ? 4.957   12.851  -0.324  1.00 15.24 ? 36   HIS A CA  1 
ATOM   252  C C   . HIS A 1 36  ? 5.168   11.670  0.597   1.00 14.80 ? 36   HIS A C   1 
ATOM   253  O O   . HIS A 1 36  ? 6.083   11.673  1.435   1.00 16.05 ? 36   HIS A O   1 
ATOM   254  C CB  . HIS A 1 36  ? 6.266   13.639  -0.433  1.00 17.30 ? 36   HIS A CB  1 
ATOM   255  C CG  . HIS A 1 36  ? 6.153   14.888  -1.247  1.00 20.15 ? 36   HIS A CG  1 
ATOM   256  N ND1 . HIS A 1 36  ? 5.638   14.903  -2.525  1.00 27.42 ? 36   HIS A ND1 1 
ATOM   257  C CD2 . HIS A 1 36  ? 6.497   16.167  -0.963  1.00 26.25 ? 36   HIS A CD2 1 
ATOM   258  C CE1 . HIS A 1 36  ? 5.668   16.139  -2.994  1.00 25.24 ? 36   HIS A CE1 1 
ATOM   259  N NE2 . HIS A 1 36  ? 6.189   16.923  -2.067  1.00 27.57 ? 36   HIS A NE2 1 
ATOM   260  N N   . TRP A 1 37  ? 4.324   10.652  0.449   1.00 12.06 ? 37   TRP A N   1 
ATOM   261  C CA  . TRP A 1 37  ? 4.335   9.559   1.414   1.00 9.96  ? 37   TRP A CA  1 
ATOM   262  C C   . TRP A 1 37  ? 3.958   8.182   0.874   1.00 8.61  ? 37   TRP A C   1 
ATOM   263  O O   . TRP A 1 37  ? 3.829   7.248   1.655   1.00 8.34  ? 37   TRP A O   1 
ATOM   264  C CB  . TRP A 1 37  ? 3.449   9.898   2.622   1.00 9.57  ? 37   TRP A CB  1 
ATOM   265  C CG  . TRP A 1 37  ? 2.083   10.506  2.331   1.00 9.26  ? 37   TRP A CG  1 
ATOM   266  C CD1 . TRP A 1 37  ? 1.694   11.794  2.588   1.00 9.98  ? 37   TRP A CD1 1 
ATOM   267  C CD2 . TRP A 1 37  ? 0.924   9.840   1.797   1.00 8.81  ? 37   TRP A CD2 1 
ATOM   268  N NE1 . TRP A 1 37  ? 0.377   11.973  2.243   1.00 9.85  ? 37   TRP A NE1 1 
ATOM   269  C CE2 . TRP A 1 37  ? -0.119  10.796  1.745   1.00 8.36  ? 37   TRP A CE2 1 
ATOM   270  C CE3 . TRP A 1 37  ? 0.667   8.534   1.348   1.00 8.70  ? 37   TRP A CE3 1 
ATOM   271  C CZ2 . TRP A 1 37  ? -1.402  10.481  1.277   1.00 8.74  ? 37   TRP A CZ2 1 
ATOM   272  C CZ3 . TRP A 1 37  ? -0.612  8.221   0.884   1.00 9.23  ? 37   TRP A CZ3 1 
ATOM   273  C CH2 . TRP A 1 37  ? -1.628  9.197   0.851   1.00 9.70  ? 37   TRP A CH2 1 
ATOM   274  N N   . MET A 1 38  ? 3.795   8.038   -0.435  1.00 7.39  ? 38   MET A N   1 
ATOM   275  C CA  . MET A 1 38  ? 3.277   6.774   -0.948  1.00 7.14  ? 38   MET A CA  1 
ATOM   276  C C   . MET A 1 38  ? 4.082   5.546   -0.513  1.00 7.51  ? 38   MET A C   1 
ATOM   277  O O   . MET A 1 38  ? 3.516   4.523   -0.133  1.00 7.63  ? 38   MET A O   1 
ATOM   278  C CB  . MET A 1 38  ? 3.141   6.793   -2.474  1.00 7.37  ? 38   MET A CB  1 
ATOM   279  C CG  . MET A 1 38  ? 2.176   5.751   -3.000  1.00 8.51  ? 38   MET A CG  1 
ATOM   280  S SD  . MET A 1 38  ? 0.484   6.108   -2.505  1.00 8.94  ? 38   MET A SD  1 
ATOM   281  C CE  . MET A 1 38  ? -0.381  4.755   -3.313  1.00 8.91  ? 38   MET A CE  1 
ATOM   282  N N   . TRP A 1 39  ? 5.407   5.643   -0.589  1.00 7.81  ? 39   TRP A N   1 
ATOM   283  C CA  . TRP A 1 39  ? 6.290   4.491   -0.435  1.00 7.78  ? 39   TRP A CA  1 
ATOM   284  C C   . TRP A 1 39  ? 6.123   3.792   0.899   1.00 6.75  ? 39   TRP A C   1 
ATOM   285  O O   . TRP A 1 39  ? 6.300   2.575   0.988   1.00 7.46  ? 39   TRP A O   1 
ATOM   286  C CB  . TRP A 1 39  ? 7.769   4.862   -0.623  1.00 8.87  ? 39   TRP A CB  1 
ATOM   287  C CG  . TRP A 1 39  ? 8.025   5.922   -1.648  1.00 9.81  ? 39   TRP A CG  1 
ATOM   288  C CD1 . TRP A 1 39  ? 8.357   5.742   -2.971  1.00 13.01 ? 39   TRP A CD1 1 
ATOM   289  C CD2 . TRP A 1 39  ? 7.981   7.337   -1.434  1.00 10.56 ? 39   TRP A CD2 1 
ATOM   290  N NE1 . TRP A 1 39  ? 8.508   6.963   -3.581  1.00 11.21 ? 39   TRP A NE1 1 
ATOM   291  C CE2 . TRP A 1 39  ? 8.284   7.955   -2.665  1.00 12.39 ? 39   TRP A CE2 1 
ATOM   292  C CE3 . TRP A 1 39  ? 7.713   8.142   -0.319  1.00 12.19 ? 39   TRP A CE3 1 
ATOM   293  C CZ2 . TRP A 1 39  ? 8.326   9.347   -2.812  1.00 13.31 ? 39   TRP A CZ2 1 
ATOM   294  C CZ3 . TRP A 1 39  ? 7.751   9.528   -0.466  1.00 12.74 ? 39   TRP A CZ3 1 
ATOM   295  C CH2 . TRP A 1 39  ? 8.057   10.113  -1.706  1.00 13.46 ? 39   TRP A CH2 1 
ATOM   296  N N   . PHE A 1 40  ? 5.790   4.559   1.934   1.00 6.68  ? 40   PHE A N   1 
ATOM   297  C CA  . PHE A 1 40  ? 5.772   4.015   3.289   1.00 6.11  ? 40   PHE A CA  1 
ATOM   298  C C   . PHE A 1 40  ? 4.376   4.011   3.930   1.00 6.52  ? 40   PHE A C   1 
ATOM   299  O O   . PHE A 1 40  ? 4.235   3.688   5.103   1.00 7.31  ? 40   PHE A O   1 
ATOM   300  C CB  . PHE A 1 40  ? 6.835   4.693   4.174   1.00 6.87  ? 40   PHE A CB  1 
ATOM   301  C CG  . PHE A 1 40  ? 6.781   6.192   4.175   1.00 7.96  ? 40   PHE A CG  1 
ATOM   302  C CD1 . PHE A 1 40  ? 5.817   6.873   4.917   1.00 8.89  ? 40   PHE A CD1 1 
ATOM   303  C CD2 . PHE A 1 40  ? 7.704   6.932   3.434   1.00 9.42  ? 40   PHE A CD2 1 
ATOM   304  C CE1 . PHE A 1 40  ? 5.771   8.259   4.929   1.00 9.56  ? 40   PHE A CE1 1 
ATOM   305  C CE2 . PHE A 1 40  ? 7.677   8.327   3.452   1.00 9.70  ? 40   PHE A CE2 1 
ATOM   306  C CZ  . PHE A 1 40  ? 6.697   8.985   4.196   1.00 9.37  ? 40   PHE A CZ  1 
ATOM   307  N N   . VAL A 1 41  ? 3.357   4.357   3.132   1.00 6.71  ? 41   VAL A N   1 
ATOM   308  C CA  . VAL A 1 41  ? 1.940   4.261   3.537   1.00 6.26  ? 41   VAL A CA  1 
ATOM   309  C C   . VAL A 1 41  ? 1.248   3.084   2.813   1.00 6.52  ? 41   VAL A C   1 
ATOM   310  O O   . VAL A 1 41  ? 0.482   2.342   3.434   1.00 6.39  ? 41   VAL A O   1 
ATOM   311  C CB  . VAL A 1 41  ? 1.186   5.594   3.269   1.00 7.02  ? 41   VAL A CB  1 
ATOM   312  C CG1 . VAL A 1 41  ? -0.336  5.446   3.473   1.00 7.77  ? 41   VAL A CG1 1 
ATOM   313  C CG2 . VAL A 1 41  ? 1.728   6.686   4.179   1.00 7.59  ? 41   VAL A CG2 1 
ATOM   314  N N   . PHE A 1 42  ? 1.522   2.932   1.509   1.00 5.70  ? 42   PHE A N   1 
ATOM   315  C CA  . PHE A 1 42  ? 1.011   1.808   0.738   1.00 5.55  ? 42   PHE A CA  1 
ATOM   316  C C   . PHE A 1 42  ? 2.219   1.088   0.156   1.00 6.23  ? 42   PHE A C   1 
ATOM   317  O O   . PHE A 1 42  ? 2.553   1.256   -1.023  1.00 6.32  ? 42   PHE A O   1 
ATOM   318  C CB  . PHE A 1 42  ? 0.078   2.304   -0.379  1.00 5.95  ? 42   PHE A CB  1 
ATOM   319  C CG  . PHE A 1 42  ? -1.265  2.763   0.111   1.00 5.97  ? 42   PHE A CG  1 
ATOM   320  C CD1 . PHE A 1 42  ? -2.198  1.846   0.596   1.00 6.47  ? 42   PHE A CD1 1 
ATOM   321  C CD2 . PHE A 1 42  ? -1.605  4.107   0.068   1.00 6.37  ? 42   PHE A CD2 1 
ATOM   322  C CE1 . PHE A 1 42  ? -3.453  2.264   1.026   1.00 7.96  ? 42   PHE A CE1 1 
ATOM   323  C CE2 . PHE A 1 42  ? -2.874  4.529   0.496   1.00 7.26  ? 42   PHE A CE2 1 
ATOM   324  C CZ  . PHE A 1 42  ? -3.789  3.613   0.974   1.00 9.04  ? 42   PHE A CZ  1 
ATOM   325  N N   . PRO A 1 43  ? 2.897   0.285   0.990   1.00 6.48  ? 43   PRO A N   1 
ATOM   326  C CA  . PRO A 1 43  ? 4.156   -0.279  0.527   1.00 6.63  ? 43   PRO A CA  1 
ATOM   327  C C   . PRO A 1 43  ? 3.997   -1.292  -0.591  1.00 7.27  ? 43   PRO A C   1 
ATOM   328  O O   . PRO A 1 43  ? 2.978   -1.988  -0.682  1.00 6.53  ? 43   PRO A O   1 
ATOM   329  C CB  . PRO A 1 43  ? 4.718   -0.957  1.787   1.00 7.73  ? 43   PRO A CB  1 
ATOM   330  C CG  . PRO A 1 43  ? 3.996   -0.267  2.935   1.00 7.90  ? 43   PRO A CG  1 
ATOM   331  C CD  . PRO A 1 43  ? 2.617   -0.089  2.386   1.00 6.49  ? 43   PRO A CD  1 
ATOM   332  N N   . GLN A 1 44  ? 5.020   -1.370  -1.437  1.00 7.40  ? 44   GLN A N   1 
ATOM   333  C CA  . GLN A 1 44  ? 5.040   -2.312  -2.547  1.00 7.82  ? 44   GLN A CA  1 
ATOM   334  C C   . GLN A 1 44  ? 6.347   -3.105  -2.511  1.00 8.00  ? 44   GLN A C   1 
ATOM   335  O O   . GLN A 1 44  ? 7.289   -2.745  -1.801  1.00 7.93  ? 44   GLN A O   1 
ATOM   336  C CB  . GLN A 1 44  ? 4.911   -1.570  -3.880  1.00 8.76  ? 44   GLN A CB  1 
ATOM   337  C CG  . GLN A 1 44  ? 6.120   -0.694  -4.218  1.00 9.39  ? 44   GLN A CG  1 
ATOM   338  C CD  . GLN A 1 44  ? 5.973   0.041   -5.522  1.00 10.77 ? 44   GLN A CD  1 
ATOM   339  O OE1 . GLN A 1 44  ? 6.958   0.339   -6.193  1.00 16.42 ? 44   GLN A OE1 1 
ATOM   340  N NE2 . GLN A 1 44  ? 4.743   0.346   -5.887  1.00 13.01 ? 44   GLN A NE2 1 
ATOM   341  N N   . LEU A 1 45  ? 6.412   -4.178  -3.299  1.00 8.30  ? 45   LEU A N   1 
ATOM   342  C CA  . LEU A 1 45  ? 7.612   -5.002  -3.325  1.00 9.88  ? 45   LEU A CA  1 
ATOM   343  C C   . LEU A 1 45  ? 8.830   -4.231  -3.780  1.00 10.16 ? 45   LEU A C   1 
ATOM   344  O O   . LEU A 1 45  ? 8.775   -3.435  -4.719  1.00 9.68  ? 45   LEU A O   1 
ATOM   345  C CB  . LEU A 1 45  ? 7.454   -6.218  -4.235  1.00 10.31 ? 45   LEU A CB  1 
ATOM   346  C CG  . LEU A 1 45  ? 6.676   -7.404  -3.671  1.00 10.99 ? 45   LEU A CG  1 
ATOM   347  C CD1 . LEU A 1 45  ? 6.596   -8.505  -4.731  1.00 12.57 ? 45   LEU A CD1 1 
ATOM   348  C CD2 . LEU A 1 45  ? 7.304   -7.944  -2.402  1.00 10.55 ? 45   LEU A CD2 1 
ATOM   349  N N   . ARG A 1 46  ? 9.944   -4.486  -3.105  1.00 10.70 ? 46   ARG A N   1 
ATOM   350  C CA  . ARG A 1 46  ? 11.225  -3.956  -3.512  1.00 12.02 ? 46   ARG A CA  1 
ATOM   351  C C   . ARG A 1 46  ? 11.532  -4.525  -4.897  1.00 13.70 ? 46   ARG A C   1 
ATOM   352  O O   . ARG A 1 46  ? 11.200  -5.675  -5.185  1.00 14.92 ? 46   ARG A O   1 
ATOM   353  C CB  . ARG A 1 46  ? 12.290  -4.383  -2.502  1.00 12.40 ? 46   ARG A CB  1 
ATOM   354  C CG  . ARG A 1 46  ? 13.695  -3.913  -2.836  1.00 13.41 ? 46   ARG A CG  1 
ATOM   355  C CD  . ARG A 1 46  ? 14.622  -4.140  -1.655  1.00 15.15 ? 46   ARG A CD  1 
ATOM   356  N NE  . ARG A 1 46  ? 14.335  -3.231  -0.542  1.00 13.94 ? 46   ARG A NE  1 
ATOM   357  C CZ  . ARG A 1 46  ? 14.424  -3.564  0.743   1.00 14.57 ? 46   ARG A CZ  1 
ATOM   358  N NH1 . ARG A 1 46  ? 14.768  -4.802  1.094   1.00 17.09 ? 46   ARG A NH1 1 
ATOM   359  N NH2 . ARG A 1 46  ? 14.156  -2.664  1.682   1.00 15.20 ? 46   ARG A NH2 1 
ATOM   360  N N   . GLY A 1 47  ? 12.121  -3.707  -5.758  1.00 15.23 ? 47   GLY A N   1 
ATOM   361  C CA  . GLY A 1 47  ? 12.441  -4.166  -7.105  1.00 17.24 ? 47   GLY A CA  1 
ATOM   362  C C   . GLY A 1 47  ? 11.473  -3.606  -8.125  1.00 18.24 ? 47   GLY A C   1 
ATOM   363  O O   . GLY A 1 47  ? 11.763  -3.592  -9.321  1.00 20.49 ? 47   GLY A O   1 
ATOM   364  N N   . LEU A 1 48  ? 10.314  -3.141  -7.667  1.00 17.44 ? 48   LEU A N   1 
ATOM   365  C CA  . LEU A 1 48  ? 9.365   -2.483  -8.569  1.00 17.26 ? 48   LEU A CA  1 
ATOM   366  C C   . LEU A 1 48  ? 9.741   -1.043  -8.919  1.00 18.29 ? 48   LEU A C   1 
ATOM   367  O O   . LEU A 1 48  ? 9.543   -0.613  -10.051 1.00 19.83 ? 48   LEU A O   1 
ATOM   368  C CB  . LEU A 1 48  ? 7.943   -2.530  -8.004  1.00 16.41 ? 48   LEU A CB  1 
ATOM   369  C CG  . LEU A 1 48  ? 7.348   -3.932  -7.875  1.00 14.76 ? 48   LEU A CG  1 
ATOM   370  C CD1 . LEU A 1 48  ? 6.002   -3.841  -7.160  1.00 13.87 ? 48   LEU A CD1 1 
ATOM   371  C CD2 . LEU A 1 48  ? 7.190   -4.594  -9.250  1.00 16.77 ? 48   LEU A CD2 1 
ATOM   372  N N   . GLY A 1 49  ? 10.244  -0.299  -7.940  1.00 18.22 ? 49   GLY A N   1 
ATOM   373  C CA  . GLY A 1 49  ? 10.732  1.060   -8.170  1.00 17.97 ? 49   GLY A CA  1 
ATOM   374  C C   . GLY A 1 49  ? 12.231  1.056   -7.943  1.00 17.63 ? 49   GLY A C   1 
ATOM   375  O O   . GLY A 1 49  ? 12.743  0.208   -7.216  1.00 18.45 ? 49   GLY A O   1 
ATOM   376  N N   . SER A 1 50  ? 12.944  1.992   -8.558  1.00 18.18 ? 50   SER A N   1 
ATOM   377  C CA  . SER A 1 50  ? 14.398  1.969   -8.470  1.00 18.04 ? 50   SER A CA  1 
ATOM   378  C C   . SER A 1 50  ? 15.019  3.143   -7.718  1.00 17.21 ? 50   SER A C   1 
ATOM   379  O O   . SER A 1 50  ? 16.219  3.123   -7.455  1.00 15.94 ? 50   SER A O   1 
ATOM   380  C CB  . SER A 1 50  ? 15.026  1.824   -9.863  1.00 18.56 ? 50   SER A CB  1 
ATOM   381  O OG  . SER A 1 50  ? 14.701  2.924   -10.683 1.00 21.24 ? 50   SER A OG  1 
ATOM   382  N N   . SER A 1 51  ? 14.221  4.150   -7.362  1.00 16.58 ? 51   SER A N   1 
ATOM   383  C CA  . SER A 1 51  ? 14.743  5.286   -6.593  1.00 17.45 ? 51   SER A CA  1 
ATOM   384  C C   . SER A 1 51  ? 15.167  4.821   -5.197  1.00 18.07 ? 51   SER A C   1 
ATOM   385  O O   . SER A 1 51  ? 14.583  3.869   -4.670  1.00 15.54 ? 51   SER A O   1 
ATOM   386  C CB  . SER A 1 51  ? 13.699  6.396   -6.488  1.00 18.20 ? 51   SER A CB  1 
ATOM   387  O OG  . SER A 1 51  ? 12.638  5.995   -5.636  1.00 19.40 ? 51   SER A OG  1 
ATOM   388  N N   . PRO A 1 52  ? 16.208  5.453   -4.609  1.00 19.26 ? 52   PRO A N   1 
ATOM   389  C CA  . PRO A 1 52  ? 16.548  5.142   -3.218  1.00 19.46 ? 52   PRO A CA  1 
ATOM   390  C C   . PRO A 1 52  ? 15.345  5.053   -2.259  1.00 18.53 ? 52   PRO A C   1 
ATOM   391  O O   . PRO A 1 52  ? 15.310  4.123   -1.458  1.00 18.13 ? 52   PRO A O   1 
ATOM   392  C CB  . PRO A 1 52  ? 17.513  6.270   -2.836  1.00 19.97 ? 52   PRO A CB  1 
ATOM   393  C CG  . PRO A 1 52  ? 18.230  6.551   -4.124  1.00 21.74 ? 52   PRO A CG  1 
ATOM   394  C CD  . PRO A 1 52  ? 17.160  6.424   -5.195  1.00 20.24 ? 52   PRO A CD  1 
ATOM   395  N N   . LEU A 1 53  ? 14.374  5.967   -2.354  1.00 18.47 ? 53   LEU A N   1 
ATOM   396  C CA  . LEU A 1 53  ? 13.151  5.908   -1.530  1.00 17.56 ? 53   LEU A CA  1 
ATOM   397  C C   . LEU A 1 53  ? 12.324  4.662   -1.782  1.00 16.71 ? 53   LEU A C   1 
ATOM   398  O O   . LEU A 1 53  ? 11.902  3.984   -0.841  1.00 16.24 ? 53   LEU A O   1 
ATOM   399  C CB  . LEU A 1 53  ? 12.246  7.130   -1.759  1.00 18.90 ? 53   LEU A CB  1 
ATOM   400  C CG  . LEU A 1 53  ? 12.522  8.395   -0.951  1.00 19.14 ? 53   LEU A CG  1 
ATOM   401  C CD1 . LEU A 1 53  ? 11.544  9.477   -1.349  1.00 19.29 ? 53   LEU A CD1 1 
ATOM   402  C CD2 . LEU A 1 53  ? 12.438  8.122   0.538   1.00 16.44 ? 53   LEU A CD2 1 
ATOM   403  N N   . ALA A 1 54  ? 12.054  4.382   -3.048  1.00 14.52 ? 54   ALA A N   1 
ATOM   404  C CA  . ALA A 1 54  ? 11.311  3.189   -3.411  1.00 13.98 ? 54   ALA A CA  1 
ATOM   405  C C   . ALA A 1 54  ? 12.025  1.923   -2.929  1.00 13.18 ? 54   ALA A C   1 
ATOM   406  O O   . ALA A 1 54  ? 11.385  0.989   -2.441  1.00 14.02 ? 54   ALA A O   1 
ATOM   407  C CB  . ALA A 1 54  ? 11.078  3.141   -4.901  1.00 14.05 ? 54   ALA A CB  1 
ATOM   408  N N   . VAL A 1 55  ? 13.353  1.892   -3.039  1.00 11.81 ? 55   VAL A N   1 
ATOM   409  C CA  . VAL A 1 55  ? 14.108  0.715   -2.606  1.00 11.94 ? 55   VAL A CA  1 
ATOM   410  C C   . VAL A 1 55  ? 14.086  0.570   -1.078  1.00 11.41 ? 55   VAL A C   1 
ATOM   411  O O   . VAL A 1 55  ? 13.761  -0.496  -0.557  1.00 10.63 ? 55   VAL A O   1 
ATOM   412  C CB  . VAL A 1 55  ? 15.560  0.728   -3.150  1.00 11.53 ? 55   VAL A CB  1 
ATOM   413  C CG1 . VAL A 1 55  ? 16.346  -0.469  -2.635  1.00 13.95 ? 55   VAL A CG1 1 
ATOM   414  C CG2 . VAL A 1 55  ? 15.539  0.710   -4.685  1.00 13.51 ? 55   VAL A CG2 1 
ATOM   415  N N   . ARG A 1 56  ? 14.403  1.651   -0.376  1.00 11.08 ? 56   ARG A N   1 
ATOM   416  C CA  . ARG A 1 56  ? 14.422  1.676   1.095   1.00 11.87 ? 56   ARG A CA  1 
ATOM   417  C C   . ARG A 1 56  ? 13.115  1.165   1.691   1.00 10.70 ? 56   ARG A C   1 
ATOM   418  O O   . ARG A 1 56  ? 13.113  0.329   2.602   1.00 10.65 ? 56   ARG A O   1 
ATOM   419  C CB  . ARG A 1 56  ? 14.674  3.119   1.538   1.00 13.79 ? 56   ARG A CB  1 
ATOM   420  C CG  . ARG A 1 56  ? 14.881  3.365   3.003   1.00 18.04 ? 56   ARG A CG  1 
ATOM   421  C CD  . ARG A 1 56  ? 15.371  4.801   3.196   1.00 21.32 ? 56   ARG A CD  1 
ATOM   422  N NE  . ARG A 1 56  ? 16.497  5.103   2.306   1.00 24.53 ? 56   ARG A NE  1 
ATOM   423  C CZ  . ARG A 1 56  ? 16.577  6.154   1.492   1.00 25.41 ? 56   ARG A CZ  1 
ATOM   424  N NH1 . ARG A 1 56  ? 15.620  7.069   1.441   1.00 26.56 ? 56   ARG A NH1 1 
ATOM   425  N NH2 . ARG A 1 56  ? 17.642  6.301   0.726   1.00 30.30 ? 56   ARG A NH2 1 
ATOM   426  N N   . TYR A 1 57  ? 12.004  1.674   1.169   1.00 8.53  ? 57   TYR A N   1 
ATOM   427  C CA  . TYR A 1 57  ? 10.675  1.367   1.705   1.00 7.53  ? 57   TYR A CA  1 
ATOM   428  C C   . TYR A 1 57  ? 9.998   0.207   0.994   1.00 8.54  ? 57   TYR A C   1 
ATOM   429  O O   . TYR A 1 57  ? 8.847   -0.126  1.287   1.00 9.39  ? 57   TYR A O   1 
ATOM   430  C CB  . TYR A 1 57  ? 9.796   2.630   1.744   1.00 8.47  ? 57   TYR A CB  1 
ATOM   431  C CG  . TYR A 1 57  ? 10.356  3.626   2.738   1.00 7.59  ? 57   TYR A CG  1 
ATOM   432  C CD1 . TYR A 1 57  ? 10.353  3.336   4.106   1.00 7.77  ? 57   TYR A CD1 1 
ATOM   433  C CD2 . TYR A 1 57  ? 10.910  4.837   2.310   1.00 6.93  ? 57   TYR A CD2 1 
ATOM   434  C CE1 . TYR A 1 57  ? 10.892  4.230   5.041   1.00 8.03  ? 57   TYR A CE1 1 
ATOM   435  C CE2 . TYR A 1 57  ? 11.442  5.743   3.235   1.00 8.80  ? 57   TYR A CE2 1 
ATOM   436  C CZ  . TYR A 1 57  ? 11.423  5.427   4.595   1.00 8.92  ? 57   TYR A CZ  1 
ATOM   437  O OH  . TYR A 1 57  ? 11.945  6.307   5.515   1.00 10.53 ? 57   TYR A OH  1 
ATOM   438  N N   . GLY A 1 58  ? 10.737  -0.416  0.075   1.00 8.71  ? 58   GLY A N   1 
ATOM   439  C CA  . GLY A 1 58  ? 10.264  -1.609  -0.608  1.00 8.23  ? 58   GLY A CA  1 
ATOM   440  C C   . GLY A 1 58  ? 10.165  -2.774  0.368   1.00 8.62  ? 58   GLY A C   1 
ATOM   441  O O   . GLY A 1 58  ? 10.978  -2.906  1.299   1.00 9.16  ? 58   GLY A O   1 
ATOM   442  N N   . ILE A 1 59  ? 9.146   -3.609  0.169   1.00 7.63  ? 59   ILE A N   1 
ATOM   443  C CA  . ILE A 1 59  ? 8.947   -4.822  0.972   1.00 8.46  ? 59   ILE A CA  1 
ATOM   444  C C   . ILE A 1 59  ? 9.802   -5.922  0.363   1.00 9.30  ? 59   ILE A C   1 
ATOM   445  O O   . ILE A 1 59  ? 9.749   -6.140  -0.847  1.00 9.04  ? 59   ILE A O   1 
ATOM   446  C CB  . ILE A 1 59  ? 7.449   -5.213  0.977   1.00 8.42  ? 59   ILE A CB  1 
ATOM   447  C CG1 . ILE A 1 59  ? 6.618   -4.111  1.647   1.00 8.01  ? 59   ILE A CG1 1 
ATOM   448  C CG2 . ILE A 1 59  ? 7.209   -6.590  1.643   1.00 7.90  ? 59   ILE A CG2 1 
ATOM   449  C CD1 . ILE A 1 59  ? 6.707   -4.070  3.173   1.00 10.45 ? 59   ILE A CD1 1 
ATOM   450  N N   . SER A 1 60  ? 10.588  -6.608  1.196   1.00 9.38  ? 60   SER A N   1 
ATOM   451  C CA  . SER A 1 60  ? 11.592  -7.543  0.676   1.00 10.53 ? 60   SER A CA  1 
ATOM   452  C C   . SER A 1 60  ? 10.996  -8.848  0.138   1.00 10.17 ? 60   SER A C   1 
ATOM   453  O O   . SER A 1 60  ? 11.554  -9.469  -0.768  1.00 11.85 ? 60   SER A O   1 
ATOM   454  C CB  . SER A 1 60  ? 12.637  -7.872  1.747   1.00 10.65 ? 60   SER A CB  1 
ATOM   455  O OG  . SER A 1 60  ? 12.050  -8.531  2.852   1.00 11.74 ? 60   SER A OG  1 
ATOM   456  N N   . SER A 1 61  ? 9.877   -9.264  0.715   1.00 10.38 ? 61   SER A N   1 
ATOM   457  C CA  . SER A 1 61  ? 9.346   -10.606 0.489   1.00 11.01 ? 61   SER A CA  1 
ATOM   458  C C   . SER A 1 61  ? 7.907   -10.699 0.962   1.00 11.11 ? 61   SER A C   1 
ATOM   459  O O   . SER A 1 61  ? 7.431   -9.829  1.701   1.00 9.19  ? 61   SER A O   1 
ATOM   460  C CB  . SER A 1 61  ? 10.189  -11.620 1.269   1.00 11.61 ? 61   SER A CB  1 
ATOM   461  O OG  . SER A 1 61  ? 10.029  -11.423 2.667   1.00 12.32 ? 61   SER A OG  1 
ATOM   462  N N   . LEU A 1 62  ? 7.218   -11.779 0.584   1.00 11.67 ? 62   LEU A N   1 
ATOM   463  C CA  . LEU A 1 62  ? 5.886   -12.010 1.138   1.00 12.64 ? 62   LEU A CA  1 
ATOM   464  C C   . LEU A 1 62  ? 5.920   -12.115 2.678   1.00 11.22 ? 62   LEU A C   1 
ATOM   465  O O   . LEU A 1 62  ? 4.996   -11.658 3.353   1.00 11.09 ? 62   LEU A O   1 
ATOM   466  C CB  . LEU A 1 62  ? 5.202   -13.243 0.523   1.00 13.87 ? 62   LEU A CB  1 
ATOM   467  C CG  . LEU A 1 62  ? 3.677   -13.267 0.723   1.00 14.84 ? 62   LEU A CG  1 
ATOM   468  C CD1 . LEU A 1 62  ? 2.998   -12.202 -0.147  1.00 18.72 ? 62   LEU A CD1 1 
ATOM   469  C CD2 . LEU A 1 62  ? 3.089   -14.646 0.461   1.00 16.20 ? 62   LEU A CD2 1 
ATOM   470  N N   . GLU A 1 63  ? 6.979   -12.724 3.212   1.00 12.02 ? 63   GLU A N   1 
ATOM   471  C CA  . GLU A 1 63  ? 7.122   -12.890 4.665   1.00 12.12 ? 63   GLU A CA  1 
ATOM   472  C C   . GLU A 1 63  ? 7.205   -11.526 5.355   1.00 10.67 ? 63   GLU A C   1 
ATOM   473  O O   . GLU A 1 63  ? 6.611   -11.328 6.421   1.00 10.65 ? 63   GLU A O   1 
ATOM   474  C CB  . GLU A 1 63  ? 8.343   -13.749 5.018   1.00 13.36 ? 63   GLU A CB  1 
ATOM   475  C CG  . GLU A 1 63  ? 8.206   -15.243 4.692   1.00 16.79 ? 63   GLU A CG  1 
ATOM   476  C CD  . GLU A 1 63  ? 8.367   -15.587 3.202   1.00 23.74 ? 63   GLU A CD  1 
ATOM   477  O OE1 . GLU A 1 63  ? 8.836   -14.750 2.392   1.00 17.20 ? 63   GLU A OE1 1 
ATOM   478  O OE2 . GLU A 1 63  ? 8.021   -16.733 2.837   1.00 30.28 ? 63   GLU A OE2 1 
ATOM   479  N N   . GLU A 1 64  ? 7.910   -10.570 4.738   1.00 9.68  ? 64   GLU A N   1 
ATOM   480  C CA  . GLU A 1 64  ? 7.929   -9.222  5.305   1.00 9.38  ? 64   GLU A CA  1 
ATOM   481  C C   . GLU A 1 64  ? 6.534   -8.571  5.248   1.00 9.10  ? 64   GLU A C   1 
ATOM   482  O O   . GLU A 1 64  ? 6.118   -7.914  6.197   1.00 8.92  ? 64   GLU A O   1 
ATOM   483  C CB  . GLU A 1 64  ? 8.985   -8.333  4.645   1.00 9.43  ? 64   GLU A CB  1 
ATOM   484  C CG  . GLU A 1 64  ? 8.972   -6.925  5.233   1.00 10.18 ? 64   GLU A CG  1 
ATOM   485  C CD  . GLU A 1 64  ? 10.090  -6.020  4.763   1.00 11.21 ? 64   GLU A CD  1 
ATOM   486  O OE1 . GLU A 1 64  ? 10.974  -6.439  3.981   1.00 11.61 ? 64   GLU A OE1 1 
ATOM   487  O OE2 . GLU A 1 64  ? 10.087  -4.848  5.195   1.00 11.86 ? 64   GLU A OE2 1 
ATOM   488  N N   . ALA A 1 65  ? 5.815   -8.777  4.145   1.00 8.81  ? 65   ALA A N   1 
ATOM   489  C CA  . ALA A 1 65  ? 4.446   -8.246  4.040   1.00 8.83  ? 65   ALA A CA  1 
ATOM   490  C C   . ALA A 1 65  ? 3.566   -8.815  5.142   1.00 9.32  ? 65   ALA A C   1 
ATOM   491  O O   . ALA A 1 65  ? 2.743   -8.112  5.738   1.00 9.06  ? 65   ALA A O   1 
ATOM   492  C CB  . ALA A 1 65  ? 3.850   -8.537  2.659   1.00 9.32  ? 65   ALA A CB  1 
ATOM   493  N N   . GLN A 1 66  ? 3.756   -10.101 5.428   1.00 10.01 ? 66   GLN A N   1 
ATOM   494  C CA  . GLN A 1 66  ? 2.978   -10.750 6.489   1.00 10.21 ? 66   GLN A CA  1 
ATOM   495  C C   . GLN A 1 66  ? 3.321   -10.183 7.864   1.00 9.00  ? 66   GLN A C   1 
ATOM   496  O O   . GLN A 1 66  ? 2.432   -9.916  8.677   1.00 10.47 ? 66   GLN A O   1 
ATOM   497  C CB  . GLN A 1 66  ? 3.180   -12.260 6.445   1.00 10.37 ? 66   GLN A CB  1 
ATOM   498  C CG  . GLN A 1 66  ? 2.565   -12.857 5.192   1.00 10.43 ? 66   GLN A CG  1 
ATOM   499  C CD  . GLN A 1 66  ? 2.774   -14.341 5.039   1.00 11.73 ? 66   GLN A CD  1 
ATOM   500  O OE1 . GLN A 1 66  ? 3.729   -14.912 5.574   1.00 14.93 ? 66   GLN A OE1 1 
ATOM   501  N NE2 . GLN A 1 66  ? 1.874   -14.982 4.285   1.00 12.35 ? 66   GLN A NE2 1 
ATOM   502  N N   . ALA A 1 67  ? 4.610   -9.965  8.097   1.00 9.28  ? 67   ALA A N   1 
ATOM   503  C CA  . ALA A 1 67  ? 5.052   -9.311  9.340   1.00 10.44 ? 67   ALA A CA  1 
ATOM   504  C C   . ALA A 1 67  ? 4.495   -7.889  9.467   1.00 10.54 ? 67   ALA A C   1 
ATOM   505  O O   . ALA A 1 67  ? 4.129   -7.437  10.553  1.00 10.83 ? 67   ALA A O   1 
ATOM   506  C CB  . ALA A 1 67  ? 6.560   -9.309  9.424   1.00 11.01 ? 67   ALA A CB  1 
ATOM   507  N N   . TYR A 1 68  ? 4.428   -7.189  8.340   1.00 9.69  ? 68   TYR A N   1 
ATOM   508  C CA  . TYR A 1 68  ? 3.902   -5.830  8.302   1.00 9.10  ? 68   TYR A CA  1 
ATOM   509  C C   . TYR A 1 68  ? 2.440   -5.819  8.764   1.00 9.33  ? 68   TYR A C   1 
ATOM   510  O O   . TYR A 1 68  ? 2.030   -5.006  9.604   1.00 10.31 ? 68   TYR A O   1 
ATOM   511  C CB  . TYR A 1 68  ? 4.051   -5.297  6.873   1.00 8.06  ? 68   TYR A CB  1 
ATOM   512  C CG  . TYR A 1 68  ? 3.737   -3.827  6.683   1.00 7.08  ? 68   TYR A CG  1 
ATOM   513  C CD1 . TYR A 1 68  ? 4.763   -2.894  6.484   1.00 6.21  ? 68   TYR A CD1 1 
ATOM   514  C CD2 . TYR A 1 68  ? 2.418   -3.372  6.698   1.00 7.81  ? 68   TYR A CD2 1 
ATOM   515  C CE1 . TYR A 1 68  ? 4.475   -1.557  6.298   1.00 6.70  ? 68   TYR A CE1 1 
ATOM   516  C CE2 . TYR A 1 68  ? 2.128   -2.027  6.522   1.00 7.80  ? 68   TYR A CE2 1 
ATOM   517  C CZ  . TYR A 1 68  ? 3.163   -1.131  6.338   1.00 5.71  ? 68   TYR A CZ  1 
ATOM   518  O OH  . TYR A 1 68  ? 2.923   0.211   6.155   1.00 7.34  ? 68   TYR A OH  1 
ATOM   519  N N   . LEU A 1 69  ? 1.667   -6.765  8.235   1.00 8.79  ? 69   LEU A N   1 
ATOM   520  C CA  . LEU A 1 69  ? 0.270   -6.899  8.619   1.00 9.28  ? 69   LEU A CA  1 
ATOM   521  C C   . LEU A 1 69  ? 0.074   -7.267  10.084  1.00 11.04 ? 69   LEU A C   1 
ATOM   522  O O   . LEU A 1 69  ? -0.903  -6.846  10.696  1.00 12.18 ? 69   LEU A O   1 
ATOM   523  C CB  . LEU A 1 69  ? -0.430  -7.919  7.731   1.00 9.44  ? 69   LEU A CB  1 
ATOM   524  C CG  . LEU A 1 69  ? -0.638  -7.490  6.276   1.00 9.91  ? 69   LEU A CG  1 
ATOM   525  C CD1 . LEU A 1 69  ? -1.215  -8.665  5.525   1.00 14.11 ? 69   LEU A CD1 1 
ATOM   526  C CD2 . LEU A 1 69  ? -1.573  -6.302  6.187   1.00 14.31 ? 69   LEU A CD2 1 
ATOM   527  N N   . GLN A 1 70  ? 0.988   -8.063  10.627  1.00 11.66 ? 70   GLN A N   1 
ATOM   528  C CA  . GLN A 1 70  ? 0.904   -8.479  12.032  1.00 13.59 ? 70   GLN A CA  1 
ATOM   529  C C   . GLN A 1 70  ? 1.238   -7.338  12.983  1.00 13.41 ? 70   GLN A C   1 
ATOM   530  O O   . GLN A 1 70  ? 0.822   -7.349  14.149  1.00 15.13 ? 70   GLN A O   1 
ATOM   531  C CB  . GLN A 1 70  ? 1.875   -9.620  12.316  1.00 13.92 ? 70   GLN A CB  1 
ATOM   532  C CG  . GLN A 1 70  ? 1.494   -10.957 11.723  1.00 18.56 ? 70   GLN A CG  1 
ATOM   533  C CD  . GLN A 1 70  ? 2.574   -12.001 11.952  1.00 26.41 ? 70   GLN A CD  1 
ATOM   534  O OE1 . GLN A 1 70  ? 3.761   -11.761 11.692  1.00 27.90 ? 70   GLN A OE1 1 
ATOM   535  N NE2 . GLN A 1 70  ? 2.169   -13.167 12.442  1.00 29.67 ? 70   GLN A NE2 1 
ATOM   536  N N   . HIS A 1 71  ? 2.009   -6.367  12.498  1.00 11.69 ? 71   HIS A N   1 
ATOM   537  C CA  . HIS A 1 71  ? 2.466   -5.257  13.334  1.00 11.49 ? 71   HIS A CA  1 
ATOM   538  C C   . HIS A 1 71  ? 1.255   -4.475  13.822  1.00 12.12 ? 71   HIS A C   1 
ATOM   539  O O   . HIS A 1 71  ? 0.411   -4.069  13.025  1.00 11.97 ? 71   HIS A O   1 
ATOM   540  C CB  . HIS A 1 71  ? 3.410   -4.355  12.534  1.00 10.86 ? 71   HIS A CB  1 
ATOM   541  C CG  . HIS A 1 71  ? 4.139   -3.349  13.367  1.00 10.50 ? 71   HIS A CG  1 
ATOM   542  N ND1 . HIS A 1 71  ? 3.532   -2.216  13.860  1.00 12.23 ? 71   HIS A ND1 1 
ATOM   543  C CD2 . HIS A 1 71  ? 5.427   -3.301  13.781  1.00 12.66 ? 71   HIS A CD2 1 
ATOM   544  C CE1 . HIS A 1 71  ? 4.413   -1.517  14.556  1.00 12.27 ? 71   HIS A CE1 1 
ATOM   545  N NE2 . HIS A 1 71  ? 5.571   -2.153  14.522  1.00 13.32 ? 71   HIS A NE2 1 
ATOM   546  N N   . ASP A 1 72  ? 1.151   -4.270  15.139  1.00 11.73 ? 72   ASP A N   1 
ATOM   547  C CA  . ASP A 1 72  ? -0.089  -3.741  15.715  1.00 11.65 ? 72   ASP A CA  1 
ATOM   548  C C   . ASP A 1 72  ? -0.310  -2.233  15.478  1.00 10.36 ? 72   ASP A C   1 
ATOM   549  O O   . ASP A 1 72  ? -1.364  -1.680  15.824  1.00 11.44 ? 72   ASP A O   1 
ATOM   550  C CB  . ASP A 1 72  ? -0.177  -4.081  17.211  1.00 12.11 ? 72   ASP A CB  1 
ATOM   551  C CG  . ASP A 1 72  ? -1.597  -3.963  17.764  1.00 16.56 ? 72   ASP A CG  1 
ATOM   552  O OD1 . ASP A 1 72  ? -2.566  -4.290  17.045  1.00 20.43 ? 72   ASP A OD1 1 
ATOM   553  O OD2 . ASP A 1 72  ? -1.745  -3.521  18.926  1.00 18.53 ? 72   ASP A OD2 1 
ATOM   554  N N   . LEU A 1 73  ? 0.684   -1.570  14.879  1.00 9.70  ? 73   LEU A N   1 
ATOM   555  C CA  . LEU A 1 73  ? 0.502   -0.207  14.393  1.00 10.19 ? 73   LEU A CA  1 
ATOM   556  C C   . LEU A 1 73  ? 0.336   -0.200  12.864  1.00 9.33  ? 73   LEU A C   1 
ATOM   557  O O   . LEU A 1 73  ? -0.642  0.338   12.352  1.00 9.48  ? 73   LEU A O   1 
ATOM   558  C CB  . LEU A 1 73  ? 1.655   0.715   14.822  1.00 10.90 ? 73   LEU A CB  1 
ATOM   559  C CG  . LEU A 1 73  ? 1.368   2.200   14.561  1.00 13.14 ? 73   LEU A CG  1 
ATOM   560  C CD1 . LEU A 1 73  ? 0.362   2.744   15.576  1.00 15.36 ? 73   LEU A CD1 1 
ATOM   561  C CD2 . LEU A 1 73  ? 2.649   3.021   14.571  1.00 16.34 ? 73   LEU A CD2 1 
ATOM   562  N N   . LEU A 1 74  ? 1.277   -0.826  12.167  1.00 9.02  ? 74   LEU A N   1 
ATOM   563  C CA  . LEU A 1 74  ? 1.314   -0.756  10.697  1.00 8.75  ? 74   LEU A CA  1 
ATOM   564  C C   . LEU A 1 74  ? 0.173   -1.499  10.008  1.00 8.61  ? 74   LEU A C   1 
ATOM   565  O O   . LEU A 1 74  ? -0.365  -1.023  9.013   1.00 8.74  ? 74   LEU A O   1 
ATOM   566  C CB  . LEU A 1 74  ? 2.651   -1.267  10.170  1.00 8.38  ? 74   LEU A CB  1 
ATOM   567  C CG  . LEU A 1 74  ? 3.898   -0.498  10.619  1.00 7.84  ? 74   LEU A CG  1 
ATOM   568  C CD1 . LEU A 1 74  ? 5.158   -1.228  10.212  1.00 8.78  ? 74   LEU A CD1 1 
ATOM   569  C CD2 . LEU A 1 74  ? 3.889   0.915   10.084  1.00 9.25  ? 74   LEU A CD2 1 
ATOM   570  N N   . GLY A 1 75  ? -0.172  -2.683  10.511  1.00 8.54  ? 75   GLY A N   1 
ATOM   571  C CA  . GLY A 1 75  ? -1.283  -3.454  9.947   1.00 8.83  ? 75   GLY A CA  1 
ATOM   572  C C   . GLY A 1 75  ? -2.593  -2.694  10.058  1.00 8.63  ? 75   GLY A C   1 
ATOM   573  O O   . GLY A 1 75  ? -3.253  -2.448  9.045   1.00 7.83  ? 75   GLY A O   1 
ATOM   574  N N   . PRO A 1 76  ? -3.000  -2.317  11.285  1.00 8.07  ? 76   PRO A N   1 
ATOM   575  C CA  . PRO A 1 76  ? -4.231  -1.527  11.398  1.00 8.13  ? 76   PRO A CA  1 
ATOM   576  C C   . PRO A 1 76  ? -4.221  -0.249  10.560  1.00 8.12  ? 76   PRO A C   1 
ATOM   577  O O   . PRO A 1 76  ? -5.254  0.122   9.995   1.00 8.77  ? 76   PRO A O   1 
ATOM   578  C CB  . PRO A 1 76  ? -4.317  -1.216  12.896  1.00 8.81  ? 76   PRO A CB  1 
ATOM   579  C CG  . PRO A 1 76  ? -3.657  -2.405  13.514  1.00 9.20  ? 76   PRO A CG  1 
ATOM   580  C CD  . PRO A 1 76  ? -2.469  -2.671  12.615  1.00 9.04  ? 76   PRO A CD  1 
ATOM   581  N N   . ARG A 1 77  ? -3.076  0.426   10.486  1.00 7.63  ? 77   ARG A N   1 
ATOM   582  C CA  . ARG A 1 77  ? -2.995  1.647   9.679   1.00 6.98  ? 77   ARG A CA  1 
ATOM   583  C C   . ARG A 1 77  ? -3.223  1.352   8.193   1.00 6.94  ? 77   ARG A C   1 
ATOM   584  O O   . ARG A 1 77  ? -3.897  2.112   7.501   1.00 7.72  ? 77   ARG A O   1 
ATOM   585  C CB  . ARG A 1 77  ? -1.659  2.363   9.886   1.00 7.67  ? 77   ARG A CB  1 
ATOM   586  C CG  . ARG A 1 77  ? -1.604  3.176   11.151  1.00 7.62  ? 77   ARG A CG  1 
ATOM   587  C CD  . ARG A 1 77  ? -0.311  3.943   11.223  1.00 9.11  ? 77   ARG A CD  1 
ATOM   588  N NE  . ARG A 1 77  ? -0.291  4.771   12.420  1.00 11.28 ? 77   ARG A NE  1 
ATOM   589  C CZ  . ARG A 1 77  ? 0.718   5.558   12.767  1.00 12.18 ? 77   ARG A CZ  1 
ATOM   590  N NH1 . ARG A 1 77  ? 1.811   5.621   12.019  1.00 11.15 ? 77   ARG A NH1 1 
ATOM   591  N NH2 . ARG A 1 77  ? 0.624   6.283   13.869  1.00 12.20 ? 77   ARG A NH2 1 
ATOM   592  N N   . LEU A 1 78  ? -2.658  0.254   7.698   1.00 7.04  ? 78   LEU A N   1 
ATOM   593  C CA  . LEU A 1 78  ? -2.843  -0.105  6.293   1.00 7.70  ? 78   LEU A CA  1 
ATOM   594  C C   . LEU A 1 78  ? -4.304  -0.411  5.984   1.00 7.40  ? 78   LEU A C   1 
ATOM   595  O O   . LEU A 1 78  ? -4.824  -0.018  4.936   1.00 7.89  ? 78   LEU A O   1 
ATOM   596  C CB  . LEU A 1 78  ? -1.924  -1.267  5.902   1.00 7.87  ? 78   LEU A CB  1 
ATOM   597  C CG  . LEU A 1 78  ? -2.013  -1.708  4.438   1.00 7.82  ? 78   LEU A CG  1 
ATOM   598  C CD1 . LEU A 1 78  ? -1.614  -0.576  3.491   1.00 8.46  ? 78   LEU A CD1 1 
ATOM   599  C CD2 . LEU A 1 78  ? -1.147  -2.915  4.165   1.00 9.89  ? 78   LEU A CD2 1 
ATOM   600  N N   . HIS A 1 79  ? -4.979  -1.090  6.909   1.00 7.38  ? 79   HIS A N   1 
ATOM   601  C CA  . HIS A 1 79  ? -6.404  -1.335  6.725   1.00 7.43  ? 79   HIS A CA  1 
ATOM   602  C C   . HIS A 1 79  ? -7.190  -0.026  6.815   1.00 8.17  ? 79   HIS A C   1 
ATOM   603  O O   . HIS A 1 79  ? -8.151  0.191   6.061   1.00 9.33  ? 79   HIS A O   1 
ATOM   604  C CB  . HIS A 1 79  ? -6.926  -2.332  7.753   1.00 8.52  ? 79   HIS A CB  1 
ATOM   605  C CG  . HIS A 1 79  ? -6.453  -3.734  7.528   1.00 8.15  ? 79   HIS A CG  1 
ATOM   606  N ND1 . HIS A 1 79  ? -6.962  -4.535  6.530   1.00 12.24 ? 79   HIS A ND1 1 
ATOM   607  C CD2 . HIS A 1 79  ? -5.557  -4.492  8.198   1.00 11.97 ? 79   HIS A CD2 1 
ATOM   608  C CE1 . HIS A 1 79  ? -6.389  -5.725  6.587   1.00 13.38 ? 79   HIS A CE1 1 
ATOM   609  N NE2 . HIS A 1 79  ? -5.531  -5.724  7.590   1.00 15.29 ? 79   HIS A NE2 1 
ATOM   610  N N   . GLU A 1 80  ? -6.791  0.855   7.737   1.00 8.86  ? 80   GLU A N   1 
ATOM   611  C CA  . GLU A 1 80  ? -7.436  2.166   7.826   1.00 9.96  ? 80   GLU A CA  1 
ATOM   612  C C   . GLU A 1 80  ? -7.329  2.922   6.507   1.00 8.90  ? 80   GLU A C   1 
ATOM   613  O O   . GLU A 1 80  ? -8.321  3.445   5.994   1.00 9.85  ? 80   GLU A O   1 
ATOM   614  C CB  . GLU A 1 80  ? -6.830  3.002   8.960   1.00 9.87  ? 80   GLU A CB  1 
ATOM   615  C CG  . GLU A 1 80  ? -7.159  4.496   8.872   1.00 11.32 ? 80   GLU A CG  1 
ATOM   616  C CD  . GLU A 1 80  ? -6.735  5.268   10.105  1.00 12.05 ? 80   GLU A CD  1 
ATOM   617  O OE1 . GLU A 1 80  ? -5.612  5.028   10.605  1.00 14.13 ? 80   GLU A OE1 1 
ATOM   618  O OE2 . GLU A 1 80  ? -7.519  6.132   10.556  1.00 16.61 ? 80   GLU A OE2 1 
ATOM   619  N N   . CYS A 1 81  ? -6.125  2.951   5.941   1.00 7.56  ? 81   CYS A N   1 
ATOM   620  C CA  . CYS A 1 81  ? -5.881  3.733   4.735   1.00 7.94  ? 81   CYS A CA  1 
ATOM   621  C C   . CYS A 1 81  ? -6.591  3.120   3.550   1.00 7.69  ? 81   CYS A C   1 
ATOM   622  O O   . CYS A 1 81  ? -7.140  3.832   2.727   1.00 8.08  ? 81   CYS A O   1 
ATOM   623  C CB  . CYS A 1 81  ? -4.379  3.841   4.485   1.00 7.92  ? 81   CYS A CB  1 
ATOM   624  S SG  . CYS A 1 81  ? -3.531  4.921   5.664   1.00 8.02  ? 81   CYS A SG  1 
ATOM   625  N N   . THR A 1 82  ? -6.577  1.796   3.461   1.00 7.70  ? 82   THR A N   1 
ATOM   626  C CA  . THR A 1 82  ? -7.305  1.093   2.401   1.00 7.14  ? 82   THR A CA  1 
ATOM   627  C C   . THR A 1 82  ? -8.807  1.375   2.504   1.00 8.46  ? 82   THR A C   1 
ATOM   628  O O   . THR A 1 82  ? -9.452  1.680   1.495   1.00 8.96  ? 82   THR A O   1 
ATOM   629  C CB  . THR A 1 82  ? -7.025  -0.416  2.497   1.00 7.89  ? 82   THR A CB  1 
ATOM   630  O OG1 . THR A 1 82  ? -5.616  -0.629  2.346   1.00 8.17  ? 82   THR A OG1 1 
ATOM   631  C CG2 . THR A 1 82  ? -7.777  -1.215  1.423   1.00 7.99  ? 82   THR A CG2 1 
ATOM   632  N N   . GLY A 1 83  ? -9.341  1.288   3.724   1.00 9.60  ? 83   GLY A N   1 
ATOM   633  C CA  . GLY A 1 83  ? -10.762 1.538   3.965   1.00 10.51 ? 83   GLY A CA  1 
ATOM   634  C C   . GLY A 1 83  ? -11.203 2.945   3.606   1.00 10.18 ? 83   GLY A C   1 
ATOM   635  O O   . GLY A 1 83  ? -12.293 3.147   3.024   1.00 10.30 ? 83   GLY A O   1 
ATOM   636  N N   . LEU A 1 84  ? -10.354 3.929   3.919   1.00 10.25 ? 84   LEU A N   1 
ATOM   637  C CA  . LEU A 1 84  ? -10.632 5.324   3.545   1.00 9.67  ? 84   LEU A CA  1 
ATOM   638  C C   . LEU A 1 84  ? -10.747 5.497   2.034   1.00 10.40 ? 84   LEU A C   1 
ATOM   639  O O   . LEU A 1 84  ? -11.640 6.197   1.546   1.00 11.09 ? 84   LEU A O   1 
ATOM   640  C CB  . LEU A 1 84  ? -9.570  6.273   4.118   1.00 10.22 ? 84   LEU A CB  1 
ATOM   641  C CG  . LEU A 1 84  ? -9.597  6.434   5.637   1.00 12.13 ? 84   LEU A CG  1 
ATOM   642  C CD1 . LEU A 1 84  ? -8.369  7.203   6.110   1.00 13.40 ? 84   LEU A CD1 1 
ATOM   643  C CD2 . LEU A 1 84  ? -10.895 7.122   6.070   1.00 13.32 ? 84   LEU A CD2 1 
ATOM   644  N N   . VAL A 1 85  ? -9.851  4.846   1.292   1.00 9.45  ? 85   VAL A N   1 
ATOM   645  C CA  . VAL A 1 85  ? -9.904  4.908   -0.165  1.00 8.85  ? 85   VAL A CA  1 
ATOM   646  C C   . VAL A 1 85  ? -11.183 4.237   -0.669  1.00 9.07  ? 85   VAL A C   1 
ATOM   647  O O   . VAL A 1 85  ? -11.866 4.771   -1.544  1.00 9.66  ? 85   VAL A O   1 
ATOM   648  C CB  . VAL A 1 85  ? -8.646  4.276   -0.822  1.00 8.18  ? 85   VAL A CB  1 
ATOM   649  C CG1 . VAL A 1 85  ? -8.777  4.267   -2.350  1.00 8.96  ? 85   VAL A CG1 1 
ATOM   650  C CG2 . VAL A 1 85  ? -7.381  5.046   -0.424  1.00 9.14  ? 85   VAL A CG2 1 
ATOM   651  N N   . ASN A 1 86  ? -11.514 3.077   -0.100  1.00 9.57  ? 86   ASN A N   1 
ATOM   652  C CA  . ASN A 1 86  ? -12.725 2.348   -0.511  1.00 10.28 ? 86   ASN A CA  1 
ATOM   653  C C   . ASN A 1 86  ? -14.009 3.144   -0.300  1.00 11.74 ? 86   ASN A C   1 
ATOM   654  O O   . ASN A 1 86  ? -14.972 2.950   -1.028  1.00 11.91 ? 86   ASN A O   1 
ATOM   655  C CB  . ASN A 1 86  ? -12.822 0.996   0.180   1.00 10.76 ? 86   ASN A CB  1 
ATOM   656  C CG  . ASN A 1 86  ? -11.893 -0.031  -0.427  1.00 9.20  ? 86   ASN A CG  1 
ATOM   657  O OD1 . ASN A 1 86  ? -11.510 0.078   -1.586  1.00 13.54 ? 86   ASN A OD1 1 
ATOM   658  N ND2 . ASN A 1 86  ? -11.563 -1.050  0.344   1.00 10.53 ? 86   ASN A ND2 1 
ATOM   659  N N   . GLN A 1 87  ? -13.977 4.067   0.658   1.00 12.13 ? 87   GLN A N   1 
ATOM   660  C CA  . GLN A 1 87  ? -15.119 4.898   1.065   1.00 15.39 ? 87   GLN A CA  1 
ATOM   661  C C   . GLN A 1 87  ? -15.390 6.090   0.137   1.00 15.07 ? 87   GLN A C   1 
ATOM   662  O O   . GLN A 1 87  ? -16.507 6.627   0.120   1.00 15.28 ? 87   GLN A O   1 
ATOM   663  C CB  . GLN A 1 87  ? -14.857 5.393   2.491   1.00 16.43 ? 87   GLN A CB  1 
ATOM   664  C CG  . GLN A 1 87  ? -16.018 6.033   3.203   1.00 22.42 ? 87   GLN A CG  1 
ATOM   665  C CD  . GLN A 1 87  ? -15.665 6.404   4.625   1.00 19.05 ? 87   GLN A CD  1 
ATOM   666  O OE1 . GLN A 1 87  ? -14.728 7.169   4.873   1.00 25.87 ? 87   GLN A OE1 1 
ATOM   667  N NE2 . GLN A 1 87  ? -16.410 5.862   5.568   1.00 26.39 ? 87   GLN A NE2 1 
ATOM   668  N N   . VAL A 1 88  ? -14.379 6.514   -0.619  1.00 14.48 ? 88   VAL A N   1 
ATOM   669  C CA  . VAL A 1 88  ? -14.517 7.653   -1.530  1.00 13.81 ? 88   VAL A CA  1 
ATOM   670  C C   . VAL A 1 88  ? -15.534 7.333   -2.633  1.00 14.43 ? 88   VAL A C   1 
ATOM   671  O O   . VAL A 1 88  ? -15.523 6.238   -3.197  1.00 13.82 ? 88   VAL A O   1 
ATOM   672  C CB  . VAL A 1 88  ? -13.155 8.049   -2.156  1.00 13.17 ? 88   VAL A CB  1 
ATOM   673  C CG1 . VAL A 1 88  ? -13.307 9.243   -3.093  1.00 13.90 ? 88   VAL A CG1 1 
ATOM   674  C CG2 . VAL A 1 88  ? -12.141 8.396   -1.073  1.00 13.71 ? 88   VAL A CG2 1 
ATOM   675  N N   . GLN A 1 89  ? -16.434 8.281   -2.904  1.00 15.23 ? 89   GLN A N   1 
ATOM   676  C CA  . GLN A 1 89  ? -17.472 8.088   -3.917  1.00 16.78 ? 89   GLN A CA  1 
ATOM   677  C C   . GLN A 1 89  ? -17.303 9.032   -5.089  1.00 17.51 ? 89   GLN A C   1 
ATOM   678  O O   . GLN A 1 89  ? -16.943 10.197  -4.909  1.00 18.16 ? 89   GLN A O   1 
ATOM   679  C CB  . GLN A 1 89  ? -18.866 8.319   -3.323  1.00 16.92 ? 89   GLN A CB  1 
ATOM   680  C CG  . GLN A 1 89  ? -19.221 7.391   -2.198  1.00 17.38 ? 89   GLN A CG  1 
ATOM   681  C CD  . GLN A 1 89  ? -19.297 5.937   -2.626  1.00 23.67 ? 89   GLN A CD  1 
ATOM   682  O OE1 . GLN A 1 89  ? -19.799 5.613   -3.708  1.00 26.08 ? 89   GLN A OE1 1 
ATOM   683  N NE2 . GLN A 1 89  ? -18.796 5.048   -1.774  1.00 26.24 ? 89   GLN A NE2 1 
ATOM   684  N N   . GLY A 1 90  ? -17.570 8.513   -6.281  1.00 17.79 ? 90   GLY A N   1 
ATOM   685  C CA  . GLY A 1 90  ? -17.632 9.326   -7.491  1.00 18.54 ? 90   GLY A CA  1 
ATOM   686  C C   . GLY A 1 90  ? -16.317 9.658   -8.158  1.00 19.34 ? 90   GLY A C   1 
ATOM   687  O O   . GLY A 1 90  ? -16.298 10.338  -9.186  1.00 19.88 ? 90   GLY A O   1 
ATOM   688  N N   . ARG A 1 91  ? -15.213 9.176   -7.592  1.00 19.41 ? 91   ARG A N   1 
ATOM   689  C CA  . ARG A 1 91  ? -13.895 9.489   -8.137  1.00 19.27 ? 91   ARG A CA  1 
ATOM   690  C C   . ARG A 1 91  ? -13.179 8.244   -8.634  1.00 18.17 ? 91   ARG A C   1 
ATOM   691  O O   . ARG A 1 91  ? -13.216 7.198   -7.979  1.00 17.95 ? 91   ARG A O   1 
ATOM   692  C CB  . ARG A 1 91  ? -13.039 10.205  -7.093  1.00 19.38 ? 91   ARG A CB  1 
ATOM   693  C CG  . ARG A 1 91  ? -13.498 11.616  -6.765  1.00 22.58 ? 91   ARG A CG  1 
ATOM   694  C CD  . ARG A 1 91  ? -12.468 12.321  -5.910  1.00 27.40 ? 91   ARG A CD  1 
ATOM   695  N NE  . ARG A 1 91  ? -13.040 13.462  -5.201  1.00 31.67 ? 91   ARG A NE  1 
ATOM   696  C CZ  . ARG A 1 91  ? -12.323 14.392  -4.574  1.00 36.19 ? 91   ARG A CZ  1 
ATOM   697  N NH1 . ARG A 1 91  ? -10.995 14.326  -4.575  1.00 37.33 ? 91   ARG A NH1 1 
ATOM   698  N NH2 . ARG A 1 91  ? -12.938 15.398  -3.958  1.00 36.65 ? 91   ARG A NH2 1 
ATOM   699  N N   . SER A 1 92  ? -12.530 8.358   -9.792  1.00 17.48 ? 92   SER A N   1 
ATOM   700  C CA  . SER A 1 92  ? -11.681 7.292   -10.290 1.00 16.97 ? 92   SER A CA  1 
ATOM   701  C C   . SER A 1 92  ? -10.405 7.313   -9.461  1.00 15.08 ? 92   SER A C   1 
ATOM   702  O O   . SER A 1 92  ? -10.088 8.308   -8.803  1.00 13.56 ? 92   SER A O   1 
ATOM   703  C CB  . SER A 1 92  ? -11.350 7.489   -11.767 1.00 18.16 ? 92   SER A CB  1 
ATOM   704  O OG  . SER A 1 92  ? -10.474 8.592   -11.934 1.00 21.41 ? 92   SER A OG  1 
ATOM   705  N N   . ILE A 1 93  ? -9.662  6.215   -9.495  1.00 13.59 ? 93   ILE A N   1 
ATOM   706  C CA  . ILE A 1 93  ? -8.494  6.129   -8.641  1.00 12.83 ? 93   ILE A CA  1 
ATOM   707  C C   . ILE A 1 93  ? -7.444  7.178   -9.026  1.00 13.56 ? 93   ILE A C   1 
ATOM   708  O O   . ILE A 1 93  ? -6.712  7.657   -8.163  1.00 13.68 ? 93   ILE A O   1 
ATOM   709  C CB  . ILE A 1 93  ? -7.915  4.696   -8.621  1.00 11.81 ? 93   ILE A CB  1 
ATOM   710  C CG1 . ILE A 1 93  ? -7.053  4.463   -7.361  1.00 11.21 ? 93   ILE A CG1 1 
ATOM   711  C CG2 . ILE A 1 93  ? -7.188  4.378   -9.917  1.00 12.62 ? 93   ILE A CG2 1 
ATOM   712  C CD1 . ILE A 1 93  ? -7.791  4.634   -6.037  1.00 10.66 ? 93   ILE A CD1 1 
ATOM   713  N N   . GLU A 1 94  ? -7.403  7.560   -10.307 1.00 13.40 ? 94   GLU A N   1 
ATOM   714  C CA  . GLU A 1 94  ? -6.427  8.556   -10.781 1.00 15.46 ? 94   GLU A CA  1 
ATOM   715  C C   . GLU A 1 94  ? -6.772  9.965   -10.320 1.00 15.19 ? 94   GLU A C   1 
ATOM   716  O O   . GLU A 1 94  ? -5.917  10.858  -10.333 1.00 15.49 ? 94   GLU A O   1 
ATOM   717  C CB  . GLU A 1 94  ? -6.277  8.520   -12.305 1.00 15.85 ? 94   GLU A CB  1 
ATOM   718  C CG  . GLU A 1 94  ? -5.835  7.174   -12.864 1.00 21.78 ? 94   GLU A CG  1 
ATOM   719  C CD  . GLU A 1 94  ? -7.002  6.301   -13.320 1.00 28.42 ? 94   GLU A CD  1 
ATOM   720  O OE1 . GLU A 1 94  ? -8.146  6.488   -12.832 1.00 25.43 ? 94   GLU A OE1 1 
ATOM   721  O OE2 . GLU A 1 94  ? -6.763  5.414   -14.171 1.00 29.39 ? 94   GLU A OE2 1 
ATOM   722  N N   . GLU A 1 95  ? -8.016  10.155  -9.894  1.00 14.29 ? 95   GLU A N   1 
ATOM   723  C CA  . GLU A 1 95  ? -8.432  11.416  -9.295  1.00 15.46 ? 95   GLU A CA  1 
ATOM   724  C C   . GLU A 1 95  ? -8.036  11.505  -7.821  1.00 15.14 ? 95   GLU A C   1 
ATOM   725  O O   . GLU A 1 95  ? -7.856  12.600  -7.289  1.00 16.87 ? 95   GLU A O   1 
ATOM   726  C CB  . GLU A 1 95  ? -9.940  11.622  -9.478  1.00 15.25 ? 95   GLU A CB  1 
ATOM   727  C CG  . GLU A 1 95  ? -10.305 11.916  -10.935 1.00 16.02 ? 95   GLU A CG  1 
ATOM   728  C CD  . GLU A 1 95  ? -11.798 12.000  -11.193 1.00 18.09 ? 95   GLU A CD  1 
ATOM   729  O OE1 . GLU A 1 95  ? -12.536 11.057  -10.847 1.00 18.36 ? 95   GLU A OE1 1 
ATOM   730  O OE2 . GLU A 1 95  ? -12.224 13.001  -11.799 1.00 22.75 ? 95   GLU A OE2 1 
ATOM   731  N N   . ILE A 1 96  ? -7.886  10.351  -7.169  1.00 12.70 ? 96   ILE A N   1 
ATOM   732  C CA  . ILE A 1 96  ? -7.495  10.311  -5.760  1.00 11.89 ? 96   ILE A CA  1 
ATOM   733  C C   . ILE A 1 96  ? -5.967  10.258  -5.646  1.00 11.23 ? 96   ILE A C   1 
ATOM   734  O O   . ILE A 1 96  ? -5.369  10.978  -4.829  1.00 12.42 ? 96   ILE A O   1 
ATOM   735  C CB  . ILE A 1 96  ? -8.117  9.082   -5.027  1.00 10.77 ? 96   ILE A CB  1 
ATOM   736  C CG1 . ILE A 1 96  ? -9.648  9.081   -5.172  1.00 11.42 ? 96   ILE A CG1 1 
ATOM   737  C CG2 . ILE A 1 96  ? -7.710  9.082   -3.542  1.00 11.19 ? 96   ILE A CG2 1 
ATOM   738  C CD1 . ILE A 1 96  ? -10.313 7.762   -4.777  1.00 12.68 ? 96   ILE A CD1 1 
ATOM   739  N N   . PHE A 1 97  ? -5.364  9.399   -6.470  1.00 10.34 ? 97   PHE A N   1 
ATOM   740  C CA  . PHE A 1 97  ? -3.915  9.189   -6.517  1.00 11.28 ? 97   PHE A CA  1 
ATOM   741  C C   . PHE A 1 97  ? -3.434  9.501   -7.927  1.00 13.42 ? 97   PHE A C   1 
ATOM   742  O O   . PHE A 1 97  ? -3.623  8.694   -8.837  1.00 15.18 ? 97   PHE A O   1 
ATOM   743  C CB  . PHE A 1 97  ? -3.562  7.727   -6.210  1.00 10.56 ? 97   PHE A CB  1 
ATOM   744  C CG  . PHE A 1 97  ? -3.873  7.304   -4.814  1.00 8.07  ? 97   PHE A CG  1 
ATOM   745  C CD1 . PHE A 1 97  ? -2.927  7.419   -3.801  1.00 9.32  ? 97   PHE A CD1 1 
ATOM   746  C CD2 . PHE A 1 97  ? -5.117  6.779   -4.516  1.00 8.80  ? 97   PHE A CD2 1 
ATOM   747  C CE1 . PHE A 1 97  ? -3.231  7.028   -2.507  1.00 10.45 ? 97   PHE A CE1 1 
ATOM   748  C CE2 . PHE A 1 97  ? -5.418  6.378   -3.237  1.00 8.94  ? 97   PHE A CE2 1 
ATOM   749  C CZ  . PHE A 1 97  ? -4.483  6.502   -2.231  1.00 8.52  ? 97   PHE A CZ  1 
ATOM   750  N N   . GLY A 1 98  ? -2.803  10.654  -8.112  1.00 15.24 ? 98   GLY A N   1 
ATOM   751  C CA  . GLY A 1 98  ? -2.299  10.995  -9.443  1.00 16.10 ? 98   GLY A CA  1 
ATOM   752  C C   . GLY A 1 98  ? -1.231  9.999   -9.874  1.00 16.13 ? 98   GLY A C   1 
ATOM   753  O O   . GLY A 1 98  ? -0.469  9.521   -9.026  1.00 15.74 ? 98   GLY A O   1 
ATOM   754  N N   . PRO A 1 99  ? -1.164  9.654   -11.178 1.00 15.73 ? 99   PRO A N   1 
ATOM   755  C CA  . PRO A 1 99  ? -0.042  8.815   -11.612 1.00 15.81 ? 99   PRO A CA  1 
ATOM   756  C C   . PRO A 1 99  ? 1.286   9.426   -11.149 1.00 15.92 ? 99   PRO A C   1 
ATOM   757  O O   . PRO A 1 99  ? 1.409   10.657  -11.120 1.00 16.08 ? 99   PRO A O   1 
ATOM   758  C CB  . PRO A 1 99  ? -0.151  8.843   -13.141 1.00 17.23 ? 99   PRO A CB  1 
ATOM   759  C CG  . PRO A 1 99  ? -1.601  9.062   -13.389 1.00 18.11 ? 99   PRO A CG  1 
ATOM   760  C CD  . PRO A 1 99  ? -2.064  9.988   -12.300 1.00 16.38 ? 99   PRO A CD  1 
ATOM   761  N N   . PRO A 1 100 ? 2.273   8.589   -10.772 1.00 15.03 ? 100  PRO A N   1 
ATOM   762  C CA  . PRO A 1 100 ? 2.289   7.131   -10.860 1.00 14.42 ? 100  PRO A CA  1 
ATOM   763  C C   . PRO A 1 100 ? 1.769   6.438   -9.601  1.00 12.93 ? 100  PRO A C   1 
ATOM   764  O O   . PRO A 1 100 ? 1.923   5.220   -9.463  1.00 11.39 ? 100  PRO A O   1 
ATOM   765  C CB  . PRO A 1 100 ? 3.782   6.843   -11.040 1.00 15.51 ? 100  PRO A CB  1 
ATOM   766  C CG  . PRO A 1 100 ? 4.436   7.871   -10.161 1.00 17.85 ? 100  PRO A CG  1 
ATOM   767  C CD  . PRO A 1 100 ? 3.540   9.101   -10.207 1.00 16.79 ? 100  PRO A CD  1 
ATOM   768  N N   . ASP A 1 101 ? 1.163   7.197   -8.693  1.00 10.80 ? 101  ASP A N   1 
ATOM   769  C CA  . ASP A 1 101 ? 0.716   6.609   -7.436  1.00 10.04 ? 101  ASP A CA  1 
ATOM   770  C C   . ASP A 1 101 ? -0.445  5.644   -7.610  1.00 9.84  ? 101  ASP A C   1 
ATOM   771  O O   . ASP A 1 101 ? -0.648  4.778   -6.764  1.00 8.91  ? 101  ASP A O   1 
ATOM   772  C CB  . ASP A 1 101 ? 0.349   7.696   -6.429  1.00 9.81  ? 101  ASP A CB  1 
ATOM   773  C CG  . ASP A 1 101 ? 1.559   8.406   -5.875  1.00 11.52 ? 101  ASP A CG  1 
ATOM   774  O OD1 . ASP A 1 101 ? 2.652   7.812   -5.873  1.00 14.33 ? 101  ASP A OD1 1 
ATOM   775  O OD2 . ASP A 1 101 ? 1.408   9.566   -5.455  1.00 16.21 ? 101  ASP A OD2 1 
ATOM   776  N N   . ASP A 1 102 ? -1.191  5.762   -8.700  1.00 8.56  ? 102  ASP A N   1 
ATOM   777  C CA  . ASP A 1 102 ? -2.254  4.792   -8.984  1.00 9.59  ? 102  ASP A CA  1 
ATOM   778  C C   . ASP A 1 102 ? -1.668  3.390   -9.178  1.00 9.87  ? 102  ASP A C   1 
ATOM   779  O O   . ASP A 1 102 ? -2.224  2.383   -8.682  1.00 9.64  ? 102  ASP A O   1 
ATOM   780  C CB  . ASP A 1 102 ? -3.120  5.237   -10.177 1.00 10.75 ? 102  ASP A CB  1 
ATOM   781  C CG  . ASP A 1 102 ? -2.332  5.378   -11.472 1.00 15.20 ? 102  ASP A CG  1 
ATOM   782  O OD1 . ASP A 1 102 ? -1.154  5.781   -11.442 1.00 15.87 ? 102  ASP A OD1 1 
ATOM   783  O OD2 . ASP A 1 102 ? -2.906  5.080   -12.546 1.00 23.54 ? 102  ASP A OD2 1 
ATOM   784  N N   . LEU A 1 103 ? -0.525  3.313   -9.856  1.00 9.61  ? 103  LEU A N   1 
ATOM   785  C CA  . LEU A 1 103 ? 0.131   2.031   -10.067 1.00 10.07 ? 103  LEU A CA  1 
ATOM   786  C C   . LEU A 1 103 ? 0.751   1.529   -8.770  1.00 9.22  ? 103  LEU A C   1 
ATOM   787  O O   . LEU A 1 103 ? 0.702   0.328   -8.470  1.00 9.14  ? 103  LEU A O   1 
ATOM   788  C CB  . LEU A 1 103 ? 1.194   2.137   -11.160 1.00 12.29 ? 103  LEU A CB  1 
ATOM   789  C CG  . LEU A 1 103 ? 0.720   2.654   -12.523 1.00 17.87 ? 103  LEU A CG  1 
ATOM   790  C CD1 . LEU A 1 103 ? 1.855   2.633   -13.547 1.00 24.74 ? 103  LEU A CD1 1 
ATOM   791  C CD2 . LEU A 1 103 ? -0.485  1.865   -13.032 1.00 23.15 ? 103  LEU A CD2 1 
ATOM   792  N N   . LYS A 1 104 ? 1.332   2.445   -7.996  1.00 8.01  ? 104  LYS A N   1 
ATOM   793  C CA  . LYS A 1 104 ? 1.877   2.082   -6.695  1.00 8.18  ? 104  LYS A CA  1 
ATOM   794  C C   . LYS A 1 104 ? 0.804   1.454   -5.802  1.00 7.77  ? 104  LYS A C   1 
ATOM   795  O O   . LYS A 1 104 ? 1.055   0.441   -5.137  1.00 7.53  ? 104  LYS A O   1 
ATOM   796  C CB  . LYS A 1 104 ? 2.501   3.301   -6.014  1.00 9.05  ? 104  LYS A CB  1 
ATOM   797  C CG  . LYS A 1 104 ? 3.834   3.728   -6.617  1.00 10.67 ? 104  LYS A CG  1 
ATOM   798  C CD  . LYS A 1 104 ? 4.509   4.797   -5.754  1.00 14.74 ? 104  LYS A CD  1 
ATOM   799  C CE  . LYS A 1 104 ? 5.858   5.230   -6.319  1.00 16.59 ? 104  LYS A CE  1 
ATOM   800  N NZ  . LYS A 1 104 ? 6.848   4.126   -6.290  1.00 18.26 ? 104  LYS A NZ  1 
ATOM   801  N N   . LEU A 1 105 ? -0.395  2.031   -5.807  1.00 7.09  ? 105  LEU A N   1 
ATOM   802  C CA  . LEU A 1 105 ? -1.476  1.507   -4.989  1.00 7.95  ? 105  LEU A CA  1 
ATOM   803  C C   . LEU A 1 105 ? -1.879  0.128   -5.469  1.00 7.99  ? 105  LEU A C   1 
ATOM   804  O O   . LEU A 1 105 ? -2.061  -0.794  -4.667  1.00 7.56  ? 105  LEU A O   1 
ATOM   805  C CB  . LEU A 1 105 ? -2.672  2.438   -5.023  1.00 7.49  ? 105  LEU A CB  1 
ATOM   806  C CG  . LEU A 1 105 ? -3.863  2.003   -4.163  1.00 7.50  ? 105  LEU A CG  1 
ATOM   807  C CD1 . LEU A 1 105 ? -3.495  1.860   -2.698  1.00 9.26  ? 105  LEU A CD1 1 
ATOM   808  C CD2 . LEU A 1 105 ? -4.990  2.994   -4.310  1.00 8.67  ? 105  LEU A CD2 1 
ATOM   809  N N   . CYS A 1 106 ? -2.012  -0.034  -6.778  1.00 7.81  ? 106  CYS A N   1 
ATOM   810  C CA  . CYS A 1 106 ? -2.318  -1.354  -7.311  1.00 7.43  ? 106  CYS A CA  1 
ATOM   811  C C   . CYS A 1 106 ? -1.287  -2.390  -6.848  1.00 7.32  ? 106  CYS A C   1 
ATOM   812  O O   . CYS A 1 106 ? -1.642  -3.492  -6.417  1.00 7.02  ? 106  CYS A O   1 
ATOM   813  C CB  . CYS A 1 106 ? -2.394  -1.296  -8.833  1.00 7.48  ? 106  CYS A CB  1 
ATOM   814  S SG  . CYS A 1 106 ? -2.899  -2.850  -9.554  1.00 10.13 ? 106  CYS A SG  1 
ATOM   815  N N   . SER A 1 107 ? -0.004  -2.049  -6.944  1.00 7.98  ? 107  SER A N   1 
ATOM   816  C CA  . SER A 1 107 ? 1.058   -2.951  -6.519  1.00 7.88  ? 107  SER A CA  1 
ATOM   817  C C   . SER A 1 107 ? 0.965   -3.281  -5.034  1.00 7.09  ? 107  SER A C   1 
ATOM   818  O O   . SER A 1 107 ? 1.173   -4.428  -4.633  1.00 7.21  ? 107  SER A O   1 
ATOM   819  C CB  . SER A 1 107 ? 2.428   -2.347  -6.816  1.00 8.30  ? 107  SER A CB  1 
ATOM   820  O OG  . SER A 1 107 ? 2.557   -2.099  -8.215  1.00 9.95  ? 107  SER A OG  1 
ATOM   821  N N   . SER A 1 108 ? 0.664   -2.268  -4.218  1.00 6.44  ? 108  SER A N   1 
ATOM   822  C CA  . SER A 1 108 ? 0.524   -2.471  -2.779  1.00 6.66  ? 108  SER A CA  1 
ATOM   823  C C   . SER A 1 108 ? -0.648  -3.406  -2.468  1.00 6.66  ? 108  SER A C   1 
ATOM   824  O O   . SER A 1 108 ? -0.514  -4.367  -1.708  1.00 7.09  ? 108  SER A O   1 
ATOM   825  C CB  . SER A 1 108 ? 0.348   -1.125  -2.071  1.00 6.74  ? 108  SER A CB  1 
ATOM   826  O OG  . SER A 1 108 ? 0.300   -1.296  -0.660  1.00 6.89  ? 108  SER A OG  1 
ATOM   827  N N   . MET A 1 109 ? -1.805  -3.140  -3.051  1.00 6.70  ? 109  MET A N   1 
ATOM   828  C CA  . MET A 1 109 ? -2.977  -3.984  -2.794  1.00 7.21  ? 109  MET A CA  1 
ATOM   829  C C   . MET A 1 109 ? -2.754  -5.418  -3.283  1.00 7.23  ? 109  MET A C   1 
ATOM   830  O O   . MET A 1 109 ? -3.176  -6.373  -2.631  1.00 7.86  ? 109  MET A O   1 
ATOM   831  C CB  . MET A 1 109 ? -4.231  -3.386  -3.443  1.00 6.84  ? 109  MET A CB  1 
ATOM   832  C CG  . MET A 1 109 ? -4.646  -2.006  -2.900  1.00 8.32  ? 109  MET A CG  1 
ATOM   833  S SD  . MET A 1 109 ? -5.039  -2.021  -1.131  1.00 8.21  ? 109  MET A SD  1 
ATOM   834  C CE  . MET A 1 109 ? -3.472  -1.567  -0.371  1.00 8.88  ? 109  MET A CE  1 
ATOM   835  N N   . THR A 1 110 ? -2.080  -5.564  -4.417  1.00 6.81  ? 110  THR A N   1 
ATOM   836  C CA  . THR A 1 110 ? -1.799  -6.887  -4.989  1.00 8.17  ? 110  THR A CA  1 
ATOM   837  C C   . THR A 1 110 ? -0.925  -7.677  -4.015  1.00 7.92  ? 110  THR A C   1 
ATOM   838  O O   . THR A 1 110 ? -1.212  -8.838  -3.713  1.00 8.74  ? 110  THR A O   1 
ATOM   839  C CB  . THR A 1 110 ? -1.113  -6.762  -6.357  1.00 7.79  ? 110  THR A CB  1 
ATOM   840  O OG1 . THR A 1 110 ? -2.006  -6.096  -7.258  1.00 9.00  ? 110  THR A OG1 1 
ATOM   841  C CG2 . THR A 1 110 ? -0.757  -8.132  -6.928  1.00 8.69  ? 110  THR A CG2 1 
ATOM   842  N N   . LEU A 1 111 ? 0.125   -7.037  -3.512  1.00 7.20  ? 111  LEU A N   1 
ATOM   843  C CA  . LEU A 1 111 ? 1.021   -7.669  -2.545  1.00 7.44  ? 111  LEU A CA  1 
ATOM   844  C C   . LEU A 1 111 ? 0.284   -8.100  -1.279  1.00 7.69  ? 111  LEU A C   1 
ATOM   845  O O   . LEU A 1 111 ? 0.366   -9.266  -0.868  1.00 7.57  ? 111  LEU A O   1 
ATOM   846  C CB  . LEU A 1 111 ? 2.147   -6.698  -2.183  1.00 7.64  ? 111  LEU A CB  1 
ATOM   847  C CG  . LEU A 1 111 ? 3.050   -7.105  -1.009  1.00 7.86  ? 111  LEU A CG  1 
ATOM   848  C CD1 . LEU A 1 111 ? 3.764   -8.420  -1.283  1.00 9.18  ? 111  LEU A CD1 1 
ATOM   849  C CD2 . LEU A 1 111 ? 4.051   -5.999  -0.695  1.00 8.33  ? 111  LEU A CD2 1 
ATOM   850  N N   . PHE A 1 112 ? -0.434  -7.175  -0.653  1.00 7.38  ? 112  PHE A N   1 
ATOM   851  C CA  . PHE A 1 112 ? -1.049  -7.486  0.633   1.00 8.41  ? 112  PHE A CA  1 
ATOM   852  C C   . PHE A 1 112 ? -2.231  -8.442  0.485   1.00 8.75  ? 112  PHE A C   1 
ATOM   853  O O   . PHE A 1 112 ? -2.473  -9.268  1.363   1.00 9.08  ? 112  PHE A O   1 
ATOM   854  C CB  . PHE A 1 112 ? -1.346  -6.207  1.418   1.00 8.08  ? 112  PHE A CB  1 
ATOM   855  C CG  . PHE A 1 112 ? -0.103  -5.578  1.961   1.00 7.08  ? 112  PHE A CG  1 
ATOM   856  C CD1 . PHE A 1 112 ? 0.500   -6.112  3.102   1.00 9.71  ? 112  PHE A CD1 1 
ATOM   857  C CD2 . PHE A 1 112 ? 0.508   -4.496  1.323   1.00 7.60  ? 112  PHE A CD2 1 
ATOM   858  C CE1 . PHE A 1 112 ? 1.678   -5.571  3.612   1.00 9.24  ? 112  PHE A CE1 1 
ATOM   859  C CE2 . PHE A 1 112 ? 1.692   -3.957  1.824   1.00 8.22  ? 112  PHE A CE2 1 
ATOM   860  C CZ  . PHE A 1 112 ? 2.278   -4.485  2.971   1.00 10.50 ? 112  PHE A CZ  1 
ATOM   861  N N   . ALA A 1 113 ? -2.908  -8.401  -0.656  1.00 9.03  ? 113  ALA A N   1 
ATOM   862  C CA  . ALA A 1 113 ? -3.935  -9.401  -0.940  1.00 10.24 ? 113  ALA A CA  1 
ATOM   863  C C   . ALA A 1 113 ? -3.372  -10.818 -1.030  1.00 11.69 ? 113  ALA A C   1 
ATOM   864  O O   . ALA A 1 113 ? -4.073  -11.781 -0.699  1.00 11.65 ? 113  ALA A O   1 
ATOM   865  C CB  . ALA A 1 113 ? -4.700  -9.042  -2.204  1.00 11.38 ? 113  ALA A CB  1 
ATOM   866  N N   . ARG A 1 114 ? -2.125  -10.952 -1.479  1.00 11.39 ? 114  ARG A N   1 
ATOM   867  C CA  . ARG A 1 114 ? -1.479  -12.258 -1.587  1.00 13.82 ? 114  ARG A CA  1 
ATOM   868  C C   . ARG A 1 114 ? -0.854  -12.681 -0.266  1.00 14.03 ? 114  ARG A C   1 
ATOM   869  O O   . ARG A 1 114 ? -0.568  -13.863 -0.050  1.00 15.46 ? 114  ARG A O   1 
ATOM   870  C CB  . ARG A 1 114 ? -0.425  -12.258 -2.697  1.00 14.53 ? 114  ARG A CB  1 
ATOM   871  C CG  . ARG A 1 114 ? -0.958  -12.042 -4.114  1.00 17.31 ? 114  ARG A CG  1 
ATOM   872  C CD  . ARG A 1 114 ? -1.597  -13.275 -4.732  1.00 28.98 ? 114  ARG A CD  1 
ATOM   873  N NE  . ARG A 1 114 ? -2.056  -13.006 -6.099  1.00 33.19 ? 114  ARG A NE  1 
ATOM   874  C CZ  . ARG A 1 114 ? -2.255  -13.940 -7.028  1.00 35.50 ? 114  ARG A CZ  1 
ATOM   875  N NH1 . ARG A 1 114 ? -2.027  -15.222 -6.760  1.00 35.71 ? 114  ARG A NH1 1 
ATOM   876  N NH2 . ARG A 1 114 ? -2.677  -13.589 -8.235  1.00 33.38 ? 114  ARG A NH2 1 
ATOM   877  N N   . ALA A 1 115 ? -0.657  -11.718 0.628   1.00 13.70 ? 115  ALA A N   1 
ATOM   878  C CA  . ALA A 1 115 ? 0.008   -11.976 1.903   1.00 14.57 ? 115  ALA A CA  1 
ATOM   879  C C   . ALA A 1 115 ? -0.896  -12.658 2.927   1.00 14.56 ? 115  ALA A C   1 
ATOM   880  O O   . ALA A 1 115 ? -0.419  -13.371 3.816   1.00 15.29 ? 115  ALA A O   1 
ATOM   881  C CB  . ALA A 1 115 ? 0.580   -10.675 2.471   1.00 14.46 ? 115  ALA A CB  1 
ATOM   882  N N   . THR A 1 116 ? -2.201  -12.424 2.818   1.00 14.04 ? 116  THR A N   1 
ATOM   883  C CA  . THR A 1 116 ? -3.162  -12.994 3.752   1.00 14.82 ? 116  THR A CA  1 
ATOM   884  C C   . THR A 1 116 ? -4.477  -13.305 3.048   1.00 15.42 ? 116  THR A C   1 
ATOM   885  O O   . THR A 1 116 ? -4.850  -12.613 2.102   1.00 15.46 ? 116  THR A O   1 
ATOM   886  C CB  . THR A 1 116 ? -3.416  -12.042 4.952   1.00 15.17 ? 116  THR A CB  1 
ATOM   887  O OG1 . THR A 1 116 ? -4.334  -12.663 5.854   1.00 15.00 ? 116  THR A OG1 1 
ATOM   888  C CG2 . THR A 1 116 ? -3.997  -10.702 4.475   1.00 16.01 ? 116  THR A CG2 1 
ATOM   889  N N   . ASP A 1 117 ? -5.181  -14.339 3.509   1.00 15.68 ? 117  ASP A N   1 
ATOM   890  C CA  . ASP A 1 117 ? -6.526  -14.619 3.009   1.00 17.43 ? 117  ASP A CA  1 
ATOM   891  C C   . ASP A 1 117 ? -7.575  -13.688 3.614   1.00 16.86 ? 117  ASP A C   1 
ATOM   892  O O   . ASP A 1 117 ? -8.677  -13.567 3.075   1.00 18.09 ? 117  ASP A O   1 
ATOM   893  C CB  . ASP A 1 117 ? -6.895  -16.093 3.217   1.00 18.73 ? 117  ASP A CB  1 
ATOM   894  C CG  . ASP A 1 117 ? -6.101  -17.024 2.316   1.00 21.13 ? 117  ASP A CG  1 
ATOM   895  O OD1 . ASP A 1 117 ? -5.467  -16.547 1.344   1.00 27.60 ? 117  ASP A OD1 1 
ATOM   896  O OD2 . ASP A 1 117 ? -6.105  -18.243 2.580   1.00 30.03 ? 117  ASP A OD2 1 
ATOM   897  N N   . ALA A 1 118 ? -7.224  -13.022 4.716   1.00 16.16 ? 118  ALA A N   1 
ATOM   898  C CA  . ALA A 1 118 ? -8.073  -11.995 5.327   1.00 15.78 ? 118  ALA A CA  1 
ATOM   899  C C   . ALA A 1 118 ? -7.840  -10.657 4.609   1.00 15.23 ? 118  ALA A C   1 
ATOM   900  O O   . ALA A 1 118 ? -7.350  -9.678  5.180   1.00 15.36 ? 118  ALA A O   1 
ATOM   901  C CB  . ALA A 1 118 ? -7.785  -11.882 6.817   1.00 16.98 ? 118  ALA A CB  1 
ATOM   902  N N   . ASN A 1 119 ? -8.191  -10.648 3.330   1.00 13.98 ? 119  ASN A N   1 
ATOM   903  C CA  . ASN A 1 119 ? -7.771  -9.584  2.424   1.00 12.76 ? 119  ASN A CA  1 
ATOM   904  C C   . ASN A 1 119 ? -8.926  -8.822  1.821   1.00 12.80 ? 119  ASN A C   1 
ATOM   905  O O   . ASN A 1 119 ? -8.766  -8.162  0.799   1.00 11.88 ? 119  ASN A O   1 
ATOM   906  C CB  . ASN A 1 119 ? -6.925  -10.183 1.299   1.00 12.93 ? 119  ASN A CB  1 
ATOM   907  C CG  . ASN A 1 119 ? -7.657  -11.277 0.517   1.00 12.62 ? 119  ASN A CG  1 
ATOM   908  O OD1 . ASN A 1 119 ? -8.877  -11.451 0.643   1.00 14.81 ? 119  ASN A OD1 1 
ATOM   909  N ND2 . ASN A 1 119 ? -6.917  -11.994 -0.317  1.00 12.90 ? 119  ASN A ND2 1 
ATOM   910  N N   . GLN A 1 120 ? -10.087 -8.887  2.452   1.00 12.04 ? 120  GLN A N   1 
ATOM   911  C CA  . GLN A 1 120 ? -11.289 -8.377  1.840   1.00 12.39 ? 120  GLN A CA  1 
ATOM   912  C C   . GLN A 1 120 ? -11.182 -6.907  1.438   1.00 11.45 ? 120  GLN A C   1 
ATOM   913  O O   . GLN A 1 120 ? -11.674 -6.522  0.389   1.00 12.83 ? 120  GLN A O   1 
ATOM   914  C CB  . GLN A 1 120 ? -12.504 -8.633  2.741   1.00 13.63 ? 120  GLN A CB  1 
ATOM   915  C CG  . GLN A 1 120 ? -12.388 -8.107  4.183   1.00 18.60 ? 120  GLN A CG  1 
ATOM   916  C CD  . GLN A 1 120 ? -11.812 -9.116  5.192   1.00 25.66 ? 120  GLN A CD  1 
ATOM   917  O OE1 . GLN A 1 120 ? -11.946 -8.928  6.407   1.00 34.23 ? 120  GLN A OE1 1 
ATOM   918  N NE2 . GLN A 1 120 ? -11.181 -10.182 4.699   1.00 24.97 ? 120  GLN A NE2 1 
ATOM   919  N N   . ASP A 1 121 ? -10.525 -6.090  2.255   1.00 10.39 ? 121  ASP A N   1 
ATOM   920  C CA  . ASP A 1 121 ? -10.421 -4.675  1.915   1.00 10.35 ? 121  ASP A CA  1 
ATOM   921  C C   . ASP A 1 121 ? -9.462  -4.418  0.746   1.00 9.17  ? 121  ASP A C   1 
ATOM   922  O O   . ASP A 1 121 ? -9.745  -3.566  -0.097  1.00 9.11  ? 121  ASP A O   1 
ATOM   923  C CB  . ASP A 1 121 ? -10.095 -3.795  3.125   1.00 11.39 ? 121  ASP A CB  1 
ATOM   924  C CG  . ASP A 1 121 ? -8.910  -4.281  3.920   1.00 15.51 ? 121  ASP A CG  1 
ATOM   925  O OD1 . ASP A 1 121 ? -8.400  -5.400  3.692   1.00 16.40 ? 121  ASP A OD1 1 
ATOM   926  O OD2 . ASP A 1 121 ? -8.491  -3.523  4.826   1.00 20.63 ? 121  ASP A OD2 1 
ATOM   927  N N   . PHE A 1 122 ? -8.362  -5.162  0.688   1.00 8.76  ? 122  PHE A N   1 
ATOM   928  C CA  . PHE A 1 122 ? -7.393  -5.014  -0.400  1.00 8.21  ? 122  PHE A CA  1 
ATOM   929  C C   . PHE A 1 122 ? -8.030  -5.435  -1.714  1.00 8.91  ? 122  PHE A C   1 
ATOM   930  O O   . PHE A 1 122 ? -7.925  -4.732  -2.715  1.00 7.74  ? 122  PHE A O   1 
ATOM   931  C CB  . PHE A 1 122 ? -6.123  -5.836  -0.132  1.00 7.99  ? 122  PHE A CB  1 
ATOM   932  C CG  . PHE A 1 122 ? -5.524  -5.626  1.250   1.00 7.00  ? 122  PHE A CG  1 
ATOM   933  C CD1 . PHE A 1 122 ? -5.297  -4.339  1.740   1.00 7.54  ? 122  PHE A CD1 1 
ATOM   934  C CD2 . PHE A 1 122 ? -5.183  -6.714  2.051   1.00 8.51  ? 122  PHE A CD2 1 
ATOM   935  C CE1 . PHE A 1 122 ? -4.752  -4.124  3.011   1.00 9.22  ? 122  PHE A CE1 1 
ATOM   936  C CE2 . PHE A 1 122 ? -4.632  -6.512  3.328   1.00 8.72  ? 122  PHE A CE2 1 
ATOM   937  C CZ  . PHE A 1 122 ? -4.420  -5.210  3.800   1.00 9.77  ? 122  PHE A CZ  1 
ATOM   938  N N   . VAL A 1 123 ? -8.710  -6.576  -1.697  1.00 9.32  ? 123  VAL A N   1 
ATOM   939  C CA  . VAL A 1 123 ? -9.355  -7.097  -2.895  1.00 9.66  ? 123  VAL A CA  1 
ATOM   940  C C   . VAL A 1 123 ? -10.526 -6.207  -3.300  1.00 9.72  ? 123  VAL A C   1 
ATOM   941  O O   . VAL A 1 123 ? -10.732 -5.963  -4.490  1.00 9.01  ? 123  VAL A O   1 
ATOM   942  C CB  . VAL A 1 123 ? -9.787  -8.570  -2.718  1.00 10.02 ? 123  VAL A CB  1 
ATOM   943  C CG1 . VAL A 1 123 ? -10.364 -9.092  -4.019  1.00 12.00 ? 123  VAL A CG1 1 
ATOM   944  C CG2 . VAL A 1 123 ? -8.591  -9.415  -2.340  1.00 12.30 ? 123  VAL A CG2 1 
ATOM   945  N N   . ALA A 1 124 ? -11.266 -5.692  -2.323  1.00 9.22  ? 124  ALA A N   1 
ATOM   946  C CA  . ALA A 1 124 ? -12.362 -4.758  -2.599  1.00 9.44  ? 124  ALA A CA  1 
ATOM   947  C C   . ALA A 1 124 ? -11.859 -3.513  -3.324  1.00 9.00  ? 124  ALA A C   1 
ATOM   948  O O   . ALA A 1 124 ? -12.523 -3.005  -4.237  1.00 9.05  ? 124  ALA A O   1 
ATOM   949  C CB  . ALA A 1 124 ? -13.090 -4.368  -1.321  1.00 9.94  ? 124  ALA A CB  1 
ATOM   950  N N   . LEU A 1 125 ? -10.683 -3.021  -2.928  1.00 7.88  ? 125  LEU A N   1 
ATOM   951  C CA  . LEU A 1 125 ? -10.126 -1.825  -3.571  1.00 8.63  ? 125  LEU A CA  1 
ATOM   952  C C   . LEU A 1 125 ? -9.796  -2.154  -5.033  1.00 8.03  ? 125  LEU A C   1 
ATOM   953  O O   . LEU A 1 125 ? -10.139 -1.389  -5.948  1.00 8.44  ? 125  LEU A O   1 
ATOM   954  C CB  . LEU A 1 125 ? -8.907  -1.291  -2.804  1.00 8.12  ? 125  LEU A CB  1 
ATOM   955  C CG  . LEU A 1 125 ? -8.521  0.168   -3.090  1.00 8.18  ? 125  LEU A CG  1 
ATOM   956  C CD1 . LEU A 1 125 ? -7.764  0.735   -1.904  1.00 8.47  ? 125  LEU A CD1 1 
ATOM   957  C CD2 . LEU A 1 125 ? -7.679  0.297   -4.365  1.00 9.57  ? 125  LEU A CD2 1 
ATOM   958  N N   . LEU A 1 126 ? -9.154  -3.296  -5.263  1.00 7.59  ? 126  LEU A N   1 
ATOM   959  C CA  . LEU A 1 126 ? -8.851  -3.724  -6.635  1.00 8.18  ? 126  LEU A CA  1 
ATOM   960  C C   . LEU A 1 126 ? -10.115 -3.899  -7.474  1.00 8.46  ? 126  LEU A C   1 
ATOM   961  O O   . LEU A 1 126 ? -10.155 -3.525  -8.657  1.00 8.57  ? 126  LEU A O   1 
ATOM   962  C CB  . LEU A 1 126 ? -8.012  -5.007  -6.636  1.00 8.30  ? 126  LEU A CB  1 
ATOM   963  C CG  . LEU A 1 126 ? -6.586  -4.854  -6.082  1.00 8.21  ? 126  LEU A CG  1 
ATOM   964  C CD1 . LEU A 1 126 ? -5.895  -6.199  -5.894  1.00 9.98  ? 126  LEU A CD1 1 
ATOM   965  C CD2 . LEU A 1 126 ? -5.716  -3.939  -6.956  1.00 10.19 ? 126  LEU A CD2 1 
ATOM   966  N N   . ALA A 1 127 ? -11.163 -4.446  -6.853  1.00 7.91  ? 127  ALA A N   1 
ATOM   967  C CA  . ALA A 1 127 ? -12.433 -4.667  -7.551  1.00 9.16  ? 127  ALA A CA  1 
ATOM   968  C C   . ALA A 1 127 ? -13.088 -3.339  -7.919  1.00 10.02 ? 127  ALA A C   1 
ATOM   969  O O   . ALA A 1 127 ? -13.605 -3.174  -9.028  1.00 10.32 ? 127  ALA A O   1 
ATOM   970  C CB  . ALA A 1 127 ? -13.370 -5.510  -6.688  1.00 9.39  ? 127  ALA A CB  1 
ATOM   971  N N   . LYS A 1 128 ? -13.067 -2.386  -6.993  1.00 9.90  ? 128  LYS A N   1 
ATOM   972  C CA  . LYS A 1 128 ? -13.768 -1.121  -7.192  1.00 10.71 ? 128  LYS A CA  1 
ATOM   973  C C   . LYS A 1 128 ? -13.054 -0.221  -8.191  1.00 11.10 ? 128  LYS A C   1 
ATOM   974  O O   . LYS A 1 128 ? -13.688 0.443   -9.029  1.00 11.14 ? 128  LYS A O   1 
ATOM   975  C CB  . LYS A 1 128 ? -13.932 -0.377  -5.857  1.00 10.23 ? 128  LYS A CB  1 
ATOM   976  C CG  . LYS A 1 128 ? -14.614 0.981   -6.010  1.00 10.97 ? 128  LYS A CG  1 
ATOM   977  C CD  . LYS A 1 128 ? -15.035 1.547   -4.677  1.00 12.51 ? 128  LYS A CD  1 
ATOM   978  C CE  . LYS A 1 128 ? -15.551 2.974   -4.817  1.00 13.36 ? 128  LYS A CE  1 
ATOM   979  N NZ  . LYS A 1 128 ? -16.087 3.499   -3.533  1.00 14.13 ? 128  LYS A NZ  1 
ATOM   980  N N   . TYR A 1 129 ? -11.729 -0.195  -8.098  1.00 10.01 ? 129  TYR A N   1 
ATOM   981  C CA  . TYR A 1 129 ? -10.945 0.827   -8.787  1.00 9.50  ? 129  TYR A CA  1 
ATOM   982  C C   . TYR A 1 129 ? -10.075 0.342   -9.942  1.00 10.09 ? 129  TYR A C   1 
ATOM   983  O O   . TYR A 1 129 ? -9.633  1.169   -10.755 1.00 11.46 ? 129  TYR A O   1 
ATOM   984  C CB  . TYR A 1 129 ? -10.045 1.534   -7.784  1.00 9.13  ? 129  TYR A CB  1 
ATOM   985  C CG  . TYR A 1 129 ? -10.775 2.416   -6.829  1.00 9.13  ? 129  TYR A CG  1 
ATOM   986  C CD1 . TYR A 1 129 ? -11.306 3.639   -7.252  1.00 9.09  ? 129  TYR A CD1 1 
ATOM   987  C CD2 . TYR A 1 129 ? -10.894 2.064   -5.483  1.00 7.96  ? 129  TYR A CD2 1 
ATOM   988  C CE1 . TYR A 1 129 ? -11.960 4.470   -6.372  1.00 9.21  ? 129  TYR A CE1 1 
ATOM   989  C CE2 . TYR A 1 129 ? -11.551 2.894   -4.582  1.00 8.66  ? 129  TYR A CE2 1 
ATOM   990  C CZ  . TYR A 1 129 ? -12.085 4.101   -5.033  1.00 8.57  ? 129  TYR A CZ  1 
ATOM   991  O OH  . TYR A 1 129 ? -12.715 4.922   -4.142  1.00 11.24 ? 129  TYR A OH  1 
ATOM   992  N N   . TYR A 1 130 ? -9.822  -0.965  -10.014 1.00 9.29  ? 130  TYR A N   1 
ATOM   993  C CA  . TYR A 1 130 ? -8.903  -1.525  -11.015 1.00 9.12  ? 130  TYR A CA  1 
ATOM   994  C C   . TYR A 1 130 ? -9.547  -2.663  -11.803 1.00 9.51  ? 130  TYR A C   1 
ATOM   995  O O   . TYR A 1 130 ? -8.850  -3.516  -12.342 1.00 10.39 ? 130  TYR A O   1 
ATOM   996  C CB  . TYR A 1 130 ? -7.601  -2.023  -10.367 1.00 9.88  ? 130  TYR A CB  1 
ATOM   997  C CG  . TYR A 1 130 ? -6.792  -0.917  -9.714  1.00 7.64  ? 130  TYR A CG  1 
ATOM   998  C CD1 . TYR A 1 130 ? -5.844  -0.202  -10.442 1.00 9.72  ? 130  TYR A CD1 1 
ATOM   999  C CD2 . TYR A 1 130 ? -7.009  -0.567  -8.385  1.00 8.53  ? 130  TYR A CD2 1 
ATOM   1000 C CE1 . TYR A 1 130 ? -5.113  0.836   -9.841  1.00 9.29  ? 130  TYR A CE1 1 
ATOM   1001 C CE2 . TYR A 1 130 ? -6.302  0.460   -7.777  1.00 8.04  ? 130  TYR A CE2 1 
ATOM   1002 C CZ  . TYR A 1 130 ? -5.346  1.154   -8.504  1.00 8.11  ? 130  TYR A CZ  1 
ATOM   1003 O OH  . TYR A 1 130 ? -4.667  2.159   -7.860  1.00 7.67  ? 130  TYR A OH  1 
ATOM   1004 N N   . GLY A 1 131 ? -10.877 -2.692  -11.811 1.00 10.47 ? 131  GLY A N   1 
ATOM   1005 C CA  . GLY A 1 131 ? -11.622 -3.735  -12.542 1.00 12.00 ? 131  GLY A CA  1 
ATOM   1006 C C   . GLY A 1 131 ? -11.314 -5.158  -12.094 1.00 11.39 ? 131  GLY A C   1 
ATOM   1007 O O   . GLY A 1 131 ? -11.426 -6.102  -12.876 1.00 11.45 ? 131  GLY A O   1 
ATOM   1008 N N   . GLY A 1 132 ? -10.917 -5.316  -10.827 1.00 11.17 ? 132  GLY A N   1 
ATOM   1009 C CA  . GLY A 1 132 ? -10.555 -6.617  -10.284 1.00 11.10 ? 132  GLY A CA  1 
ATOM   1010 C C   . GLY A 1 132 ? -9.176  -7.100  -10.687 1.00 12.57 ? 132  GLY A C   1 
ATOM   1011 O O   . GLY A 1 132 ? -8.794  -8.238  -10.371 1.00 14.21 ? 132  GLY A O   1 
ATOM   1012 N N   . GLY A 1 133 ? -8.448  -6.240  -11.396 1.00 12.80 ? 133  GLY A N   1 
ATOM   1013 C CA  . GLY A 1 133 ? -7.128  -6.564  -11.912 1.00 15.26 ? 133  GLY A CA  1 
ATOM   1014 C C   . GLY A 1 133 ? -6.070  -6.448  -10.836 1.00 16.21 ? 133  GLY A C   1 
ATOM   1015 O O   . GLY A 1 133 ? -6.320  -5.900  -9.757  1.00 18.02 ? 133  GLY A O   1 
ATOM   1016 N N   . GLU A 1 134 ? -4.885  -6.963  -11.151 1.00 14.95 ? 134  GLU A N   1 
ATOM   1017 C CA  . GLU A 1 134 ? -3.764  -7.015  -10.220 1.00 15.03 ? 134  GLU A CA  1 
ATOM   1018 C C   . GLU A 1 134 ? -2.512  -6.488  -10.891 1.00 13.94 ? 134  GLU A C   1 
ATOM   1019 O O   . GLU A 1 134 ? -2.426  -6.437  -12.117 1.00 14.43 ? 134  GLU A O   1 
ATOM   1020 C CB  . GLU A 1 134 ? -3.503  -8.455  -9.798  1.00 15.50 ? 134  GLU A CB  1 
ATOM   1021 C CG  . GLU A 1 134 ? -4.453  -9.008  -8.751  1.00 19.28 ? 134  GLU A CG  1 
ATOM   1022 C CD  . GLU A 1 134 ? -4.058  -10.400 -8.306  1.00 23.49 ? 134  GLU A CD  1 
ATOM   1023 O OE1 . GLU A 1 134 ? -4.244  -11.352 -9.092  1.00 28.40 ? 134  GLU A OE1 1 
ATOM   1024 O OE2 . GLU A 1 134 ? -3.551  -10.546 -7.172  1.00 27.58 ? 134  GLU A OE2 1 
ATOM   1025 N N   . ASP A 1 135 ? -1.524  -6.119  -10.084 1.00 12.64 ? 135  ASP A N   1 
ATOM   1026 C CA  . ASP A 1 135 ? -0.262  -5.668  -10.620 1.00 11.88 ? 135  ASP A CA  1 
ATOM   1027 C C   . ASP A 1 135 ? 0.512   -6.861  -11.149 1.00 12.34 ? 135  ASP A C   1 
ATOM   1028 O O   . ASP A 1 135 ? 0.934   -7.729  -10.392 1.00 10.43 ? 135  ASP A O   1 
ATOM   1029 C CB  . ASP A 1 135 ? 0.542   -4.951  -9.544  1.00 11.87 ? 135  ASP A CB  1 
ATOM   1030 C CG  . ASP A 1 135 ? 1.779   -4.314  -10.085 1.00 14.21 ? 135  ASP A CG  1 
ATOM   1031 O OD1 . ASP A 1 135 ? 1.648   -3.406  -10.935 1.00 18.64 ? 135  ASP A OD1 1 
ATOM   1032 O OD2 . ASP A 1 135 ? 2.888   -4.705  -9.674  1.00 13.64 ? 135  ASP A OD2 1 
ATOM   1033 N N   . ARG A 1 136 ? 0.685   -6.872  -12.465 1.00 12.83 ? 136  ARG A N   1 
ATOM   1034 C CA  . ARG A 1 136 ? 1.341   -7.950  -13.185 1.00 14.24 ? 136  ARG A CA  1 
ATOM   1035 C C   . ARG A 1 136 ? 2.729   -8.289  -12.637 1.00 13.30 ? 136  ARG A C   1 
ATOM   1036 O O   . ARG A 1 136 ? 3.050   -9.449  -12.403 1.00 13.83 ? 136  ARG A O   1 
ATOM   1037 C CB  . ARG A 1 136 ? 1.447   -7.546  -14.655 1.00 14.78 ? 136  ARG A CB  1 
ATOM   1038 C CG  . ARG A 1 136 ? 2.133   -8.573  -15.530 1.00 16.38 ? 136  ARG A CG  1 
ATOM   1039 C CD  . ARG A 1 136 ? 2.127   -8.149  -16.995 1.00 25.22 ? 136  ARG A CD  1 
ATOM   1040 N NE  . ARG A 1 136 ? 0.797   -7.757  -17.471 1.00 30.31 ? 136  ARG A NE  1 
ATOM   1041 C CZ  . ARG A 1 136 ? -0.244  -8.578  -17.620 1.00 31.12 ? 136  ARG A CZ  1 
ATOM   1042 N NH1 . ARG A 1 136 ? -0.153  -9.872  -17.323 1.00 33.10 ? 136  ARG A NH1 1 
ATOM   1043 N NH2 . ARG A 1 136 ? -1.394  -8.093  -18.061 1.00 28.85 ? 136  ARG A NH2 1 
ATOM   1044 N N   . ARG A 1 137 ? 3.528   -7.253  -12.426 1.00 13.35 ? 137  ARG A N   1 
ATOM   1045 C CA  . ARG A 1 137 ? 4.905   -7.428  -11.985 1.00 13.68 ? 137  ARG A CA  1 
ATOM   1046 C C   . ARG A 1 137 ? 4.967   -7.981  -10.558 1.00 12.95 ? 137  ARG A C   1 
ATOM   1047 O O   . ARG A 1 137 ? 5.835   -8.793  -10.245 1.00 13.43 ? 137  ARG A O   1 
ATOM   1048 C CB  . ARG A 1 137 ? 5.673   -6.111  -12.113 1.00 14.45 ? 137  ARG A CB  1 
ATOM   1049 C CG  . ARG A 1 137 ? 5.879   -5.661  -13.575 1.00 18.81 ? 137  ARG A CG  1 
ATOM   1050 C CD  . ARG A 1 137 ? 6.378   -4.229  -13.648 1.00 28.07 ? 137  ARG A CD  1 
ATOM   1051 N NE  . ARG A 1 137 ? 7.802   -4.127  -13.334 1.00 32.77 ? 137  ARG A NE  1 
ATOM   1052 C CZ  . ARG A 1 137 ? 8.363   -3.114  -12.674 1.00 34.45 ? 137  ARG A CZ  1 
ATOM   1053 N NH1 . ARG A 1 137 ? 7.624   -2.101  -12.228 1.00 33.93 ? 137  ARG A NH1 1 
ATOM   1054 N NH2 . ARG A 1 137 ? 9.667   -3.127  -12.441 1.00 32.96 ? 137  ARG A NH2 1 
ATOM   1055 N N   . THR A 1 138 ? 4.034   -7.568  -9.703  1.00 11.19 ? 138  THR A N   1 
ATOM   1056 C CA  . THR A 1 138 ? 3.976   -8.094  -8.334  1.00 10.11 ? 138  THR A CA  1 
ATOM   1057 C C   . THR A 1 138 ? 3.629   -9.586  -8.319  1.00 11.07 ? 138  THR A C   1 
ATOM   1058 O O   . THR A 1 138 ? 4.243   -10.380 -7.600  1.00 10.62 ? 138  THR A O   1 
ATOM   1059 C CB  . THR A 1 138 ? 2.961   -7.302  -7.481  1.00 9.23  ? 138  THR A CB  1 
ATOM   1060 O OG1 . THR A 1 138 ? 3.419   -5.951  -7.332  1.00 9.22  ? 138  THR A OG1 1 
ATOM   1061 C CG2 . THR A 1 138 ? 2.824   -7.913  -6.091  1.00 8.72  ? 138  THR A CG2 1 
ATOM   1062 N N   . VAL A 1 139 ? 2.615   -9.967  -9.085  1.00 11.07 ? 139  VAL A N   1 
ATOM   1063 C CA  . VAL A 1 139 ? 2.217   -11.380 -9.149  1.00 12.55 ? 139  VAL A CA  1 
ATOM   1064 C C   . VAL A 1 139 ? 3.391   -12.242 -9.622  1.00 13.41 ? 139  VAL A C   1 
ATOM   1065 O O   . VAL A 1 139 ? 3.639   -13.320 -9.068  1.00 14.16 ? 139  VAL A O   1 
ATOM   1066 C CB  . VAL A 1 139 ? 0.954   -11.599 -10.038 1.00 12.94 ? 139  VAL A CB  1 
ATOM   1067 C CG1 . VAL A 1 139 ? 0.618   -13.092 -10.168 1.00 17.55 ? 139  VAL A CG1 1 
ATOM   1068 C CG2 . VAL A 1 139 ? -0.243  -10.835 -9.481  1.00 13.07 ? 139  VAL A CG2 1 
ATOM   1069 N N   . ALA A 1 140 ? 4.127   -11.743 -10.609 1.00 13.72 ? 140  ALA A N   1 
ATOM   1070 C CA  . ALA A 1 140 ? 5.285   -12.468 -11.134 1.00 15.03 ? 140  ALA A CA  1 
ATOM   1071 C C   . ALA A 1 140 ? 6.373   -12.635 -10.074 1.00 15.59 ? 140  ALA A C   1 
ATOM   1072 O O   . ALA A 1 140 ? 6.896   -13.739 -9.892  1.00 16.34 ? 140  ALA A O   1 
ATOM   1073 C CB  . ALA A 1 140 ? 5.836   -11.785 -12.378 1.00 15.57 ? 140  ALA A CB  1 
ATOM   1074 N N   . LEU A 1 141 ? 6.705   -11.551 -9.373  1.00 14.80 ? 141  LEU A N   1 
ATOM   1075 C CA  . LEU A 1 141 ? 7.736   -11.591 -8.331  1.00 15.10 ? 141  LEU A CA  1 
ATOM   1076 C C   . LEU A 1 141 ? 7.357   -12.490 -7.159  1.00 14.80 ? 141  LEU A C   1 
ATOM   1077 O O   . LEU A 1 141 ? 8.237   -12.996 -6.458  1.00 15.66 ? 141  LEU A O   1 
ATOM   1078 C CB  . LEU A 1 141 ? 8.045   -10.183 -7.799  1.00 15.27 ? 141  LEU A CB  1 
ATOM   1079 C CG  . LEU A 1 141 ? 8.888   -9.213  -8.631  1.00 17.99 ? 141  LEU A CG  1 
ATOM   1080 C CD1 . LEU A 1 141 ? 8.791   -7.808  -8.052  1.00 19.65 ? 141  LEU A CD1 1 
ATOM   1081 C CD2 . LEU A 1 141 ? 10.355  -9.661  -8.682  1.00 18.85 ? 141  LEU A CD2 1 
ATOM   1082 N N   . LEU A 1 142 ? 6.055   -12.671 -6.934  1.00 13.66 ? 142  LEU A N   1 
ATOM   1083 C CA  . LEU A 1 142 ? 5.571   -13.494 -5.822  1.00 13.71 ? 142  LEU A CA  1 
ATOM   1084 C C   . LEU A 1 142 ? 5.364   -14.977 -6.153  1.00 14.80 ? 142  LEU A C   1 
ATOM   1085 O O   . LEU A 1 142 ? 5.108   -15.779 -5.254  1.00 16.02 ? 142  LEU A O   1 
ATOM   1086 C CB  . LEU A 1 142 ? 4.268   -12.929 -5.247  1.00 12.90 ? 142  LEU A CB  1 
ATOM   1087 C CG  . LEU A 1 142 ? 4.360   -11.601 -4.496  1.00 12.77 ? 142  LEU A CG  1 
ATOM   1088 C CD1 . LEU A 1 142 ? 2.973   -11.153 -4.121  1.00 14.94 ? 142  LEU A CD1 1 
ATOM   1089 C CD2 . LEU A 1 142 ? 5.250   -11.698 -3.254  1.00 13.26 ? 142  LEU A CD2 1 
ATOM   1090 N N   . ALA A 1 143 ? 5.471   -15.329 -7.430  1.00 16.07 ? 143  ALA A N   1 
ATOM   1091 C CA  . ALA A 1 143 ? 5.160   -16.690 -7.884  1.00 17.53 ? 143  ALA A CA  1 
ATOM   1092 C C   . ALA A 1 143 ? 6.056   -17.715 -7.206  1.00 18.95 ? 143  ALA A C   1 
ATOM   1093 O O   . ALA A 1 143 ? 5.594   -18.761 -6.745  1.00 18.35 ? 143  ALA A O   1 
ATOM   1094 C CB  . ALA A 1 143 ? 5.294   -16.779 -9.400  1.00 17.63 ? 143  ALA A CB  1 
ATOM   1095 N N   . VAL A 1 144 ? 7.339   -17.379 -7.129  1.00 20.68 ? 144  VAL A N   1 
ATOM   1096 C CA  . VAL A 1 144 ? 8.350   -18.271 -6.589  1.00 23.02 ? 144  VAL A CA  1 
ATOM   1097 C C   . VAL A 1 144 ? 8.911   -17.684 -5.295  1.00 24.64 ? 144  VAL A C   1 
ATOM   1098 O O   . VAL A 1 144 ? 9.327   -16.518 -5.262  1.00 25.52 ? 144  VAL A O   1 
ATOM   1099 C CB  . VAL A 1 144 ? 9.483   -18.528 -7.618  1.00 22.47 ? 144  VAL A CB  1 
ATOM   1100 C CG1 . VAL A 1 144 ? 10.481  -19.530 -7.075  1.00 24.23 ? 144  VAL A CG1 1 
ATOM   1101 C CG2 . VAL A 1 144 ? 8.918   -19.028 -8.942  1.00 23.57 ? 144  VAL A CG2 1 
ATOM   1102 N N   . THR A 1 145 ? 8.886   -18.491 -4.236  1.00 26.45 ? 145  THR A N   1 
ATOM   1103 C CA  . THR A 1 145 ? 9.344   -18.105 -2.899  1.00 29.09 ? 145  THR A CA  1 
ATOM   1104 C C   . THR A 1 145 ? 10.827  -17.764 -2.879  1.00 30.01 ? 145  THR A C   1 
ATOM   1105 O O   . THR A 1 145 ? 11.383  -17.415 -1.831  1.00 30.63 ? 145  THR A O   1 
ATOM   1106 C CB  . THR A 1 145 ? 9.157   -19.260 -1.899  1.00 29.59 ? 145  THR A CB  1 
ATOM   1107 O OG1 . THR A 1 145 ? 9.979   -20.369 -2.301  1.00 30.99 ? 145  THR A OG1 1 
ATOM   1108 C CG2 . THR A 1 145 ? 7.688   -19.693 -1.814  1.00 31.21 ? 145  THR A CG2 1 
ATOM   1109 O OXT . THR A 1 145 ? 11.513  -17.852 -3.902  1.00 30.79 ? 145  THR A OXT 1 
HETATM 1110 S S   . SO4 B 2 .   ? -19.007 1.653   -2.555  0.80 22.74 ? 1146 SO4 A S   1 
HETATM 1111 O O1  . SO4 B 2 .   ? -20.456 1.707   -2.375  0.80 23.04 ? 1146 SO4 A O1  1 
HETATM 1112 O O2  . SO4 B 2 .   ? -18.641 2.222   -3.849  0.80 22.98 ? 1146 SO4 A O2  1 
HETATM 1113 O O3  . SO4 B 2 .   ? -18.536 0.276   -2.443  0.80 25.85 ? 1146 SO4 A O3  1 
HETATM 1114 O O4  . SO4 B 2 .   ? -18.397 2.475   -1.506  0.80 26.10 ? 1146 SO4 A O4  1 
HETATM 1115 C C1  . GOL C 3 .   ? -3.900  17.277  4.755   1.00 25.27 ? 1147 GOL A C1  1 
HETATM 1116 O O1  . GOL C 3 .   ? -2.559  17.429  4.344   1.00 22.37 ? 1147 GOL A O1  1 
HETATM 1117 C C2  . GOL C 3 .   ? -4.813  17.926  3.718   1.00 24.48 ? 1147 GOL A C2  1 
HETATM 1118 O O2  . GOL C 3 .   ? -4.642  19.325  3.698   1.00 20.67 ? 1147 GOL A O2  1 
HETATM 1119 C C3  A GOL C 3 .   ? -6.263  17.582  4.030   0.65 26.80 ? 1147 GOL A C3  1 
HETATM 1120 C C3  B GOL C 3 .   ? -6.266  17.565  4.002   0.35 23.78 ? 1147 GOL A C3  1 
HETATM 1121 O O3  A GOL C 3 .   ? -6.916  17.145  2.857   0.65 26.01 ? 1147 GOL A O3  1 
HETATM 1122 O O3  B GOL C 3 .   ? -6.712  18.196  5.183   0.35 19.91 ? 1147 GOL A O3  1 
HETATM 1123 C C1  . GOL D 3 .   ? 10.865  4.797   -8.285  1.00 32.96 ? 1148 GOL A C1  1 
HETATM 1124 O O1  . GOL D 3 .   ? 10.748  4.462   -9.647  1.00 35.93 ? 1148 GOL A O1  1 
HETATM 1125 C C2  . GOL D 3 .   ? 9.665   5.642   -7.880  1.00 35.80 ? 1148 GOL A C2  1 
HETATM 1126 O O2  . GOL D 3 .   ? 9.136   5.152   -6.677  1.00 35.31 ? 1148 GOL A O2  1 
HETATM 1127 C C3  . GOL D 3 .   ? 10.079  7.091   -7.656  1.00 38.74 ? 1148 GOL A C3  1 
HETATM 1128 O O3  . GOL D 3 .   ? 9.089   7.731   -6.876  1.00 39.65 ? 1148 GOL A O3  1 
HETATM 1129 O O   . HOH E 4 .   ? 10.243  -7.199  11.757  1.00 18.47 ? 2001 HOH A O   1 
HETATM 1130 O O   . HOH E 4 .   ? 14.715  -2.762  13.372  1.00 57.65 ? 2002 HOH A O   1 
HETATM 1131 O O   . HOH E 4 .   ? 8.558   -4.692  14.478  1.00 33.42 ? 2003 HOH A O   1 
HETATM 1132 O O   . HOH E 4 .   ? 14.896  -9.169  17.036  1.00 27.07 ? 2004 HOH A O   1 
HETATM 1133 O O   . HOH E 4 .   ? 15.415  -6.644  15.649  1.00 43.11 ? 2005 HOH A O   1 
HETATM 1134 O O   . HOH E 4 .   ? 12.052  -2.386  17.137  1.00 38.82 ? 2006 HOH A O   1 
HETATM 1135 O O   . HOH E 4 .   ? 8.234   -8.744  12.858  1.00 26.38 ? 2007 HOH A O   1 
HETATM 1136 O O   . HOH E 4 .   ? 12.667  -10.451 17.306  1.00 39.69 ? 2008 HOH A O   1 
HETATM 1137 O O   . HOH E 4 .   ? 18.512  -10.052 16.431  1.00 42.02 ? 2009 HOH A O   1 
HETATM 1138 O O   . HOH E 4 .   ? 13.311  -5.658  5.519   1.00 20.81 ? 2010 HOH A O   1 
HETATM 1139 O O   . HOH E 4 .   ? 15.797  -1.895  6.140   1.00 26.58 ? 2011 HOH A O   1 
HETATM 1140 O O   . HOH E 4 .   ? 16.021  1.667   8.307   1.00 40.61 ? 2012 HOH A O   1 
HETATM 1141 O O   . HOH E 4 .   ? 14.634  3.829   9.098   1.00 29.77 ? 2013 HOH A O   1 
HETATM 1142 O O   . HOH E 4 .   ? 14.821  1.674   10.818  1.00 26.39 ? 2014 HOH A O   1 
HETATM 1143 O O   . HOH E 4 .   ? 15.094  -11.960 8.281   1.00 52.13 ? 2015 HOH A O   1 
HETATM 1144 O O   . HOH E 4 .   ? 10.260  10.377  12.291  1.00 24.21 ? 2016 HOH A O   1 
HETATM 1145 O O   . HOH E 4 .   ? 14.233  1.769   17.430  1.00 30.22 ? 2017 HOH A O   1 
HETATM 1146 O O   . HOH E 4 .   ? 10.458  2.995   18.986  1.00 28.58 ? 2018 HOH A O   1 
HETATM 1147 O O   . HOH E 4 .   ? 2.805   16.445  3.829   1.00 32.23 ? 2019 HOH A O   1 
HETATM 1148 O O   . HOH E 4 .   ? 9.896   -14.957 8.344   1.00 38.32 ? 2020 HOH A O   1 
HETATM 1149 O O   . HOH E 4 .   ? 8.746   10.900  6.786   1.00 20.38 ? 2021 HOH A O   1 
HETATM 1150 O O   . HOH E 4 .   ? -11.148 18.619  2.983   1.00 22.53 ? 2022 HOH A O   1 
HETATM 1151 O O   . HOH E 4 .   ? 1.229   12.934  12.060  1.00 16.63 ? 2023 HOH A O   1 
HETATM 1152 O O   . HOH E 4 .   ? -10.132 11.774  14.989  1.00 25.18 ? 2024 HOH A O   1 
HETATM 1153 O O   . HOH E 4 .   ? -8.214  14.878  15.671  1.00 39.54 ? 2025 HOH A O   1 
HETATM 1154 O O   . HOH E 4 .   ? 0.720   14.742  9.754   1.00 13.64 ? 2026 HOH A O   1 
HETATM 1155 O O   . HOH E 4 .   ? 18.837  2.578   -3.357  1.00 30.71 ? 2027 HOH A O   1 
HETATM 1156 O O   . HOH E 4 .   ? 18.282  1.015   0.956   1.00 37.90 ? 2028 HOH A O   1 
HETATM 1157 O O   . HOH E 4 .   ? -9.699  15.632  6.001   1.00 18.77 ? 2029 HOH A O   1 
HETATM 1158 O O   . HOH E 4 .   ? -9.430  16.580  12.056  1.00 25.72 ? 2030 HOH A O   1 
HETATM 1159 O O   . HOH E 4 .   ? -10.840 14.838  9.866   1.00 28.22 ? 2031 HOH A O   1 
HETATM 1160 O O   . HOH E 4 .   ? 15.154  -10.752 5.905   1.00 33.59 ? 2032 HOH A O   1 
HETATM 1161 O O   . HOH E 4 .   ? 0.714   14.788  3.525   1.00 15.80 ? 2033 HOH A O   1 
HETATM 1162 O O   . HOH E 4 .   ? 11.900  -14.585 5.984   1.00 25.92 ? 2034 HOH A O   1 
HETATM 1163 O O   . HOH E 4 .   ? 7.246   -17.574 7.621   1.00 30.83 ? 2035 HOH A O   1 
HETATM 1164 O O   . HOH E 4 .   ? -14.876 10.083  1.244   1.00 36.11 ? 2036 HOH A O   1 
HETATM 1165 O O   . HOH E 4 .   ? -2.920  -9.602  12.038  1.00 29.50 ? 2037 HOH A O   1 
HETATM 1166 O O   . HOH E 4 .   ? 8.408   -11.383 12.306  1.00 32.08 ? 2038 HOH A O   1 
HETATM 1167 O O   . HOH E 4 .   ? -14.184 12.246  -0.196  1.00 41.57 ? 2039 HOH A O   1 
HETATM 1168 O O   . HOH E 4 .   ? -13.216 16.342  0.053   1.00 34.68 ? 2040 HOH A O   1 
HETATM 1169 O O   . HOH E 4 .   ? -3.310  2.589   14.420  1.00 32.29 ? 2041 HOH A O   1 
HETATM 1170 O O   . HOH E 4 .   ? -6.928  16.144  0.232   1.00 17.97 ? 2042 HOH A O   1 
HETATM 1171 O O   . HOH E 4 .   ? 4.436   9.941   -2.591  1.00 14.41 ? 2043 HOH A O   1 
HETATM 1172 O O   . HOH E 4 .   ? 1.406   13.560  -4.042  1.00 28.57 ? 2044 HOH A O   1 
HETATM 1173 O O   . HOH E 4 .   ? -3.903  13.386  -6.083  1.00 32.15 ? 2045 HOH A O   1 
HETATM 1174 O O   . HOH E 4 .   ? -9.256  18.346  0.477   1.00 39.02 ? 2046 HOH A O   1 
HETATM 1175 O O   . HOH E 4 .   ? 2.346   18.444  -1.069  1.00 27.50 ? 2047 HOH A O   1 
HETATM 1176 O O   . HOH E 4 .   ? 8.536   12.169  2.170   1.00 35.96 ? 2048 HOH A O   1 
HETATM 1177 O O   . HOH E 4 .   ? 4.622   15.875  1.883   1.00 31.16 ? 2049 HOH A O   1 
HETATM 1178 O O   . HOH E 4 .   ? 6.089   12.983  3.600   1.00 34.09 ? 2050 HOH A O   1 
HETATM 1179 O O   . HOH E 4 .   ? 5.994   12.166  -3.528  1.00 39.08 ? 2051 HOH A O   1 
HETATM 1180 O O   . HOH E 4 .   ? -2.524  13.909  -11.008 1.00 21.13 ? 2052 HOH A O   1 
HETATM 1181 O O   . HOH E 4 .   ? -0.874  2.586   5.820   1.00 7.12  ? 2053 HOH A O   1 
HETATM 1182 O O   . HOH E 4 .   ? 4.312   1.974   -3.104  1.00 13.98 ? 2054 HOH A O   1 
HETATM 1183 O O   . HOH E 4 .   ? 9.452   -0.792  -4.867  1.00 13.18 ? 2055 HOH A O   1 
HETATM 1184 O O   . HOH E 4 .   ? 15.097  -3.845  4.386   1.00 36.53 ? 2056 HOH A O   1 
HETATM 1185 O O   . HOH E 4 .   ? -15.760 -8.079  2.470   1.00 33.08 ? 2057 HOH A O   1 
HETATM 1186 O O   . HOH E 4 .   ? 12.215  -1.023  -4.868  1.00 24.84 ? 2058 HOH A O   1 
HETATM 1187 O O   . HOH E 4 .   ? -15.061 -2.754  -12.909 1.00 27.31 ? 2059 HOH A O   1 
HETATM 1188 O O   . HOH E 4 .   ? 18.153  3.624   -5.763  1.00 34.95 ? 2060 HOH A O   1 
HETATM 1189 O O   . HOH E 4 .   ? 15.567  5.333   -10.254 1.00 20.24 ? 2061 HOH A O   1 
HETATM 1190 O O   . HOH E 4 .   ? -11.842 0.927   -13.968 1.00 48.24 ? 2062 HOH A O   1 
HETATM 1191 O O   . HOH E 4 .   ? -7.651  -0.318  -14.446 1.00 37.85 ? 2063 HOH A O   1 
HETATM 1192 O O   . HOH E 4 .   ? 13.067  8.784   -4.325  1.00 43.68 ? 2064 HOH A O   1 
HETATM 1193 O O   . HOH E 4 .   ? 17.605  2.533   -1.079  1.00 26.83 ? 2065 HOH A O   1 
HETATM 1194 O O   . HOH E 4 .   ? -5.335  -12.540 -4.232  1.00 35.73 ? 2066 HOH A O   1 
HETATM 1195 O O   . HOH E 4 .   ? 4.015   -2.273  -14.958 1.00 36.12 ? 2067 HOH A O   1 
HETATM 1196 O O   . HOH E 4 .   ? 15.602  8.567   -3.764  1.00 24.40 ? 2068 HOH A O   1 
HETATM 1197 O O   . HOH E 4 .   ? 3.346   -14.467 -13.235 1.00 32.86 ? 2069 HOH A O   1 
HETATM 1198 O O   . HOH E 4 .   ? 8.770   0.891   -2.797  1.00 11.61 ? 2070 HOH A O   1 
HETATM 1199 O O   . HOH E 4 .   ? 0.839   -15.835 -4.429  1.00 37.30 ? 2071 HOH A O   1 
HETATM 1200 O O   . HOH E 4 .   ? 18.683  3.580   3.148   1.00 40.06 ? 2072 HOH A O   1 
HETATM 1201 O O   . HOH E 4 .   ? 15.464  -0.365  3.990   1.00 27.42 ? 2073 HOH A O   1 
HETATM 1202 O O   . HOH E 4 .   ? 16.389  9.154   -0.502  1.00 29.19 ? 2074 HOH A O   1 
HETATM 1203 O O   . HOH E 4 .   ? 12.459  5.438   7.990   1.00 11.01 ? 2075 HOH A O   1 
HETATM 1204 O O   . HOH E 4 .   ? 7.168   0.544   -0.649  1.00 7.12  ? 2076 HOH A O   1 
HETATM 1205 O O   . HOH E 4 .   ? 13.729  -8.288  -2.009  1.00 20.57 ? 2077 HOH A O   1 
HETATM 1206 O O   . HOH E 4 .   ? 13.551  -10.673 3.504   1.00 13.66 ? 2078 HOH A O   1 
HETATM 1207 O O   . HOH E 4 .   ? 10.779  -9.963  -3.494  1.00 28.63 ? 2079 HOH A O   1 
HETATM 1208 O O   . HOH E 4 .   ? 11.903  -12.869 3.866   1.00 17.08 ? 2080 HOH A O   1 
HETATM 1209 O O   . HOH E 4 .   ? 6.651   -13.161 8.551   1.00 19.21 ? 2081 HOH A O   1 
HETATM 1210 O O   . HOH E 4 .   ? 9.971   -15.298 -0.152  1.00 27.25 ? 2082 HOH A O   1 
HETATM 1211 O O   . HOH E 4 .   ? 13.129  -5.050  3.213   1.00 41.25 ? 2083 HOH A O   1 
HETATM 1212 O O   . HOH E 4 .   ? 4.330   -17.658 5.054   1.00 39.11 ? 2084 HOH A O   1 
HETATM 1213 O O   . HOH E 4 .   ? 5.793   -15.255 7.320   1.00 24.14 ? 2085 HOH A O   1 
HETATM 1214 O O   . HOH E 4 .   ? 5.266   -8.057  13.000  1.00 18.20 ? 2086 HOH A O   1 
HETATM 1215 O O   . HOH E 4 .   ? 0.758   1.067   7.446   1.00 7.53  ? 2087 HOH A O   1 
HETATM 1216 O O   . HOH E 4 .   ? -2.437  -6.735  12.860  1.00 26.33 ? 2088 HOH A O   1 
HETATM 1217 O O   . HOH E 4 .   ? 6.332   -12.571 11.101  1.00 23.61 ? 2089 HOH A O   1 
HETATM 1218 O O   . HOH E 4 .   ? -1.854  -7.196  15.606  1.00 40.45 ? 2090 HOH A O   1 
HETATM 1219 O O   . HOH E 4 .   ? -1.434  -3.607  21.559  1.00 33.18 ? 2091 HOH A O   1 
HETATM 1220 O O   . HOH E 4 .   ? -3.139  0.417   15.939  1.00 18.84 ? 2092 HOH A O   1 
HETATM 1221 O O   . HOH E 4 .   ? 3.426   -4.880  16.872  1.00 25.51 ? 2093 HOH A O   1 
HETATM 1222 O O   . HOH E 4 .   ? -3.723  -5.623  15.056  1.00 30.54 ? 2094 HOH A O   1 
HETATM 1223 O O   . HOH E 4 .   ? 0.680   -4.017  20.403  1.00 37.99 ? 2095 HOH A O   1 
HETATM 1224 O O   . HOH E 4 .   ? -4.527  -5.540  11.770  1.00 31.25 ? 2096 HOH A O   1 
HETATM 1225 O O   . HOH E 4 .   ? -2.608  5.243   14.153  1.00 26.17 ? 2097 HOH A O   1 
HETATM 1226 O O   . HOH E 4 .   ? -3.659  -6.818  9.510   1.00 31.04 ? 2098 HOH A O   1 
HETATM 1227 O O   . HOH E 4 .   ? -5.373  2.569   12.609  1.00 27.56 ? 2099 HOH A O   1 
HETATM 1228 O O   . HOH E 4 .   ? -9.662  7.604   9.730   1.00 15.78 ? 2100 HOH A O   1 
HETATM 1229 O O   . HOH E 4 .   ? -6.359  7.909   12.633  1.00 31.55 ? 2101 HOH A O   1 
HETATM 1230 O O   . HOH E 4 .   ? -10.921 3.138   6.849   1.00 28.58 ? 2102 HOH A O   1 
HETATM 1231 O O   . HOH E 4 .   ? -12.462 8.647   2.569   1.00 18.63 ? 2103 HOH A O   1 
HETATM 1232 O O   . HOH E 4 .   ? -12.509 -1.313  3.065   1.00 24.08 ? 2104 HOH A O   1 
HETATM 1233 O O   . HOH E 4 .   ? -16.061 0.496   -1.348  1.00 31.53 ? 2105 HOH A O   1 
HETATM 1234 O O   . HOH E 4 .   ? -18.397 4.159   4.828   1.00 37.36 ? 2106 HOH A O   1 
HETATM 1235 O O   . HOH E 4 .   ? -19.566 8.211   4.796   1.00 40.64 ? 2107 HOH A O   1 
HETATM 1236 O O   . HOH E 4 .   ? -15.288 12.273  -3.918  1.00 41.78 ? 2108 HOH A O   1 
HETATM 1237 O O   . HOH E 4 .   ? -16.867 10.373  -0.821  1.00 22.43 ? 2109 HOH A O   1 
HETATM 1238 O O   . HOH E 4 .   ? -21.104 6.705   0.190   1.00 36.42 ? 2110 HOH A O   1 
HETATM 1239 O O   . HOH E 4 .   ? -17.139 5.569   -6.327  1.00 39.73 ? 2111 HOH A O   1 
HETATM 1240 O O   . HOH E 4 .   ? -15.271 10.919  -11.828 1.00 36.18 ? 2112 HOH A O   1 
HETATM 1241 O O   . HOH E 4 .   ? -14.650 6.864   -5.810  1.00 18.24 ? 2113 HOH A O   1 
HETATM 1242 O O   . HOH E 4 .   ? -9.600  8.752   -14.390 1.00 38.80 ? 2114 HOH A O   1 
HETATM 1243 O O   . HOH E 4 .   ? -5.341  13.382  -8.413  1.00 40.10 ? 2115 HOH A O   1 
HETATM 1244 O O   . HOH E 4 .   ? -14.519 12.969  -13.110 1.00 32.92 ? 2116 HOH A O   1 
HETATM 1245 O O   . HOH E 4 .   ? -0.108  12.879  -11.801 1.00 12.91 ? 2117 HOH A O   1 
HETATM 1246 O O   . HOH E 4 .   ? 5.009   8.511   -4.905  1.00 22.58 ? 2118 HOH A O   1 
HETATM 1247 O O   . HOH E 4 .   ? -4.641  2.964   -12.667 1.00 28.62 ? 2119 HOH A O   1 
HETATM 1248 O O   . HOH E 4 .   ? -0.153  5.422   -13.969 1.00 36.61 ? 2120 HOH A O   1 
HETATM 1249 O O   . HOH E 4 .   ? 7.035   2.271   -8.379  1.00 26.48 ? 2121 HOH A O   1 
HETATM 1250 O O   . HOH E 4 .   ? 6.888   2.875   -3.816  1.00 15.55 ? 2122 HOH A O   1 
HETATM 1251 O O   . HOH E 4 .   ? 4.363   0.143   -8.830  1.00 21.10 ? 2123 HOH A O   1 
HETATM 1252 O O   . HOH E 4 .   ? -2.821  -16.670 -3.624  1.00 32.45 ? 2124 HOH A O   1 
HETATM 1253 O O   . HOH E 4 .   ? -2.743  -16.528 -9.729  1.00 47.70 ? 2125 HOH A O   1 
HETATM 1254 O O   . HOH E 4 .   ? 0.017   -16.586 1.802   1.00 56.10 ? 2126 HOH A O   1 
HETATM 1255 O O   . HOH E 4 .   ? -1.240  -16.713 4.071   1.00 42.97 ? 2127 HOH A O   1 
HETATM 1256 O O   . HOH E 4 .   ? -4.662  -11.462 8.286   1.00 18.13 ? 2128 HOH A O   1 
HETATM 1257 O O   . HOH E 4 .   ? -4.089  -14.679 -0.204  1.00 18.53 ? 2129 HOH A O   1 
HETATM 1258 O O   . HOH E 4 .   ? -3.694  -16.483 4.456   1.00 26.47 ? 2130 HOH A O   1 
HETATM 1259 O O   . HOH E 4 .   ? -5.343  -8.685  7.149   1.00 27.95 ? 2131 HOH A O   1 
HETATM 1260 O O   . HOH E 4 .   ? -14.734 -5.908  1.237   1.00 24.24 ? 2132 HOH A O   1 
HETATM 1261 O O   . HOH E 4 .   ? -11.168 -6.125  6.596   1.00 46.03 ? 2133 HOH A O   1 
HETATM 1262 O O   . HOH E 4 .   ? -10.162 -1.672  5.798   1.00 20.05 ? 2134 HOH A O   1 
HETATM 1263 O O   . HOH E 4 .   ? -9.074  -7.283  5.278   1.00 35.74 ? 2135 HOH A O   1 
HETATM 1264 O O   . HOH E 4 .   ? -10.385 -7.681  -6.937  1.00 22.35 ? 2136 HOH A O   1 
HETATM 1265 O O   . HOH E 4 .   ? -14.582 -4.818  -10.989 1.00 13.54 ? 2137 HOH A O   1 
HETATM 1266 O O   . HOH E 4 .   ? -16.577 0.019   -9.250  1.00 24.60 ? 2138 HOH A O   1 
HETATM 1267 O O   . HOH E 4 .   ? -13.137 -0.895  -11.478 1.00 21.61 ? 2139 HOH A O   1 
HETATM 1268 O O   . HOH E 4 .   ? -13.961 3.755   -9.842  1.00 38.08 ? 2140 HOH A O   1 
HETATM 1269 O O   . HOH E 4 .   ? -10.610 3.752   -10.913 1.00 15.91 ? 2141 HOH A O   1 
HETATM 1270 O O   . HOH E 4 .   ? -7.455  1.760   -12.760 1.00 26.16 ? 2142 HOH A O   1 
HETATM 1271 O O   . HOH E 4 .   ? -7.857  -8.443  -7.622  1.00 23.30 ? 2143 HOH A O   1 
HETATM 1272 O O   . HOH E 4 .   ? -10.366 -10.384 -9.790  1.00 39.52 ? 2144 HOH A O   1 
HETATM 1273 O O   . HOH E 4 .   ? -6.205  -9.808  -5.475  1.00 28.38 ? 2145 HOH A O   1 
HETATM 1274 O O   . HOH E 4 .   ? -4.060  -11.451 -11.731 1.00 36.87 ? 2146 HOH A O   1 
HETATM 1275 O O   . HOH E 4 .   ? 2.697   -4.197  -13.283 1.00 22.33 ? 2147 HOH A O   1 
HETATM 1276 O O   . HOH E 4 .   ? 0.613   -1.135  -11.092 1.00 34.21 ? 2148 HOH A O   1 
HETATM 1277 O O   . HOH E 4 .   ? 4.202   -2.197  -10.839 1.00 36.43 ? 2149 HOH A O   1 
HETATM 1278 O O   . HOH E 4 .   ? 2.697   -11.591 -14.034 1.00 27.81 ? 2150 HOH A O   1 
HETATM 1279 O O   . HOH E 4 .   ? -3.134  -8.522  -20.315 1.00 21.66 ? 2151 HOH A O   1 
HETATM 1280 O O   . HOH E 4 .   ? 3.988   -4.949  -4.729  1.00 8.68  ? 2152 HOH A O   1 
HETATM 1281 O O   . HOH E 4 .   ? 2.177   -15.178 -7.620  1.00 24.48 ? 2153 HOH A O   1 
HETATM 1282 O O   . HOH E 4 .   ? 8.930   -15.178 -8.719  1.00 25.32 ? 2154 HOH A O   1 
HETATM 1283 O O   . HOH E 4 .   ? 9.186   -12.106 -3.840  1.00 32.06 ? 2155 HOH A O   1 
HETATM 1284 O O   . HOH E 4 .   ? 10.895  -14.022 -7.172  1.00 38.74 ? 2156 HOH A O   1 
HETATM 1285 O O   . HOH E 4 .   ? -22.264 2.475   -4.003  1.00 34.34 ? 2157 HOH A O   1 
HETATM 1286 O O   . HOH E 4 .   ? -6.401  20.727  5.604   1.00 12.89 ? 2158 HOH A O   1 
HETATM 1287 O O   . HOH E 4 .   ? -9.344  18.060  4.665   1.00 20.21 ? 2159 HOH A O   1 
HETATM 1288 O O   . HOH E 4 .   ? -4.104  21.047  1.884   1.00 25.46 ? 2160 HOH A O   1 
HETATM 1289 O O   . HOH E 4 .   ? 6.782   9.152   -7.578  1.00 39.94 ? 2161 HOH A O   1 
# 
